data_3L9A
# 
_entry.id   3L9A 
# 
_audit_conform.dict_name       mmcif_pdbx.dic 
_audit_conform.dict_version    5.398 
_audit_conform.dict_location   http://mmcif.pdb.org/dictionaries/ascii/mmcif_pdbx.dic 
# 
loop_
_database_2.database_id 
_database_2.database_code 
_database_2.pdbx_database_accession 
_database_2.pdbx_DOI 
PDB   3L9A         pdb_00003l9a 10.2210/pdb3l9a/pdb 
RCSB  RCSB056994   ?            ?                   
WWPDB D_1000056994 ?            ?                   
# 
loop_
_pdbx_audit_revision_history.ordinal 
_pdbx_audit_revision_history.data_content_type 
_pdbx_audit_revision_history.major_revision 
_pdbx_audit_revision_history.minor_revision 
_pdbx_audit_revision_history.revision_date 
1 'Structure model' 1 0 2010-04-07 
2 'Structure model' 1 1 2011-07-13 
3 'Structure model' 1 2 2017-11-01 
4 'Structure model' 1 3 2024-11-06 
# 
_pdbx_audit_revision_details.ordinal             1 
_pdbx_audit_revision_details.revision_ordinal    1 
_pdbx_audit_revision_details.data_content_type   'Structure model' 
_pdbx_audit_revision_details.provider            repository 
_pdbx_audit_revision_details.type                'Initial release' 
_pdbx_audit_revision_details.description         ? 
_pdbx_audit_revision_details.details             ? 
# 
loop_
_pdbx_audit_revision_group.ordinal 
_pdbx_audit_revision_group.revision_ordinal 
_pdbx_audit_revision_group.data_content_type 
_pdbx_audit_revision_group.group 
1 2 'Structure model' 'Version format compliance' 
2 3 'Structure model' 'Refinement description'    
3 4 'Structure model' 'Data collection'           
4 4 'Structure model' 'Database references'       
5 4 'Structure model' 'Derived calculations'      
6 4 'Structure model' 'Structure summary'         
# 
loop_
_pdbx_audit_revision_category.ordinal 
_pdbx_audit_revision_category.revision_ordinal 
_pdbx_audit_revision_category.data_content_type 
_pdbx_audit_revision_category.category 
1 3 'Structure model' software                  
2 4 'Structure model' chem_comp_atom            
3 4 'Structure model' chem_comp_bond            
4 4 'Structure model' database_2                
5 4 'Structure model' pdbx_entry_details        
6 4 'Structure model' pdbx_modification_feature 
7 4 'Structure model' pdbx_struct_conn_angle    
8 4 'Structure model' struct_conn               
9 4 'Structure model' struct_site               
# 
loop_
_pdbx_audit_revision_item.ordinal 
_pdbx_audit_revision_item.revision_ordinal 
_pdbx_audit_revision_item.data_content_type 
_pdbx_audit_revision_item.item 
1  3 'Structure model' '_software.classification'                    
2  3 'Structure model' '_software.name'                              
3  3 'Structure model' '_software.version'                           
4  4 'Structure model' '_database_2.pdbx_DOI'                        
5  4 'Structure model' '_database_2.pdbx_database_accession'         
6  4 'Structure model' '_pdbx_struct_conn_angle.ptnr1_auth_comp_id'  
7  4 'Structure model' '_pdbx_struct_conn_angle.ptnr1_auth_seq_id'   
8  4 'Structure model' '_pdbx_struct_conn_angle.ptnr1_label_alt_id'  
9  4 'Structure model' '_pdbx_struct_conn_angle.ptnr1_label_asym_id' 
10 4 'Structure model' '_pdbx_struct_conn_angle.ptnr1_label_atom_id' 
11 4 'Structure model' '_pdbx_struct_conn_angle.ptnr1_label_comp_id' 
12 4 'Structure model' '_pdbx_struct_conn_angle.ptnr1_label_seq_id'  
13 4 'Structure model' '_pdbx_struct_conn_angle.ptnr3_auth_comp_id'  
14 4 'Structure model' '_pdbx_struct_conn_angle.ptnr3_auth_seq_id'   
15 4 'Structure model' '_pdbx_struct_conn_angle.ptnr3_label_alt_id'  
16 4 'Structure model' '_pdbx_struct_conn_angle.ptnr3_label_asym_id' 
17 4 'Structure model' '_pdbx_struct_conn_angle.ptnr3_label_atom_id' 
18 4 'Structure model' '_pdbx_struct_conn_angle.ptnr3_label_comp_id' 
19 4 'Structure model' '_pdbx_struct_conn_angle.ptnr3_label_seq_id'  
20 4 'Structure model' '_pdbx_struct_conn_angle.value'               
21 4 'Structure model' '_struct_conn.pdbx_dist_value'                
22 4 'Structure model' '_struct_conn.pdbx_leaving_atom_flag'         
23 4 'Structure model' '_struct_conn.pdbx_ptnr1_label_alt_id'        
24 4 'Structure model' '_struct_conn.pdbx_ptnr2_label_alt_id'        
25 4 'Structure model' '_struct_conn.ptnr1_auth_comp_id'             
26 4 'Structure model' '_struct_conn.ptnr1_auth_seq_id'              
27 4 'Structure model' '_struct_conn.ptnr1_label_asym_id'            
28 4 'Structure model' '_struct_conn.ptnr1_label_atom_id'            
29 4 'Structure model' '_struct_conn.ptnr1_label_comp_id'            
30 4 'Structure model' '_struct_conn.ptnr1_label_seq_id'             
31 4 'Structure model' '_struct_conn.ptnr2_auth_comp_id'             
32 4 'Structure model' '_struct_conn.ptnr2_auth_seq_id'              
33 4 'Structure model' '_struct_conn.ptnr2_label_asym_id'            
34 4 'Structure model' '_struct_conn.ptnr2_label_atom_id'            
35 4 'Structure model' '_struct_conn.ptnr2_label_comp_id'            
36 4 'Structure model' '_struct_site.pdbx_auth_asym_id'              
37 4 'Structure model' '_struct_site.pdbx_auth_comp_id'              
38 4 'Structure model' '_struct_site.pdbx_auth_seq_id'               
# 
_pdbx_database_status.status_code                     REL 
_pdbx_database_status.entry_id                        3L9A 
_pdbx_database_status.recvd_initial_deposition_date   2010-01-04 
_pdbx_database_status.deposit_site                    RCSB 
_pdbx_database_status.process_site                    RCSB 
_pdbx_database_status.status_code_sf                  REL 
_pdbx_database_status.status_code_mr                  ? 
_pdbx_database_status.SG_entry                        Y 
_pdbx_database_status.pdb_format_compatible           Y 
_pdbx_database_status.status_code_cs                  ? 
_pdbx_database_status.methods_development_category    ? 
_pdbx_database_status.status_code_nmr_data            ? 
# 
_pdbx_database_related.db_name        TargetDB 
_pdbx_database_related.db_id          APC40171 
_pdbx_database_related.details        . 
_pdbx_database_related.content_type   unspecified 
# 
loop_
_audit_author.name 
_audit_author.pdbx_ordinal 
'Singer, A.U.'                                  1 
'Cuff, M.E.'                                    2 
'Xu, X.'                                        3 
'Cui, H.'                                       4 
'Edwards, A.M.'                                 5 
'Joachimiak, A.'                                6 
'Savchenko, A.'                                 7 
'Midwest Center for Structural Genomics (MCSG)' 8 
# 
_citation.id                        primary 
_citation.title                     'Structure of the C-terminal domain from a Streptococcus mutans hypothetical' 
_citation.journal_abbrev            'To be Published' 
_citation.journal_volume            ? 
_citation.page_first                ? 
_citation.page_last                 ? 
_citation.year                      ? 
_citation.journal_id_ASTM           ? 
_citation.country                   ? 
_citation.journal_id_ISSN           ? 
_citation.journal_id_CSD            0353 
_citation.book_publisher            ? 
_citation.pdbx_database_id_PubMed   ? 
_citation.pdbx_database_id_DOI      ? 
# 
loop_
_citation_author.citation_id 
_citation_author.name 
_citation_author.ordinal 
_citation_author.identifier_ORCID 
primary 'Singer, A.U.'  1 ? 
primary 'Cuff, M.E.'    2 ? 
primary 'Xu, X.'        3 ? 
primary 'Cui, H.'       4 ? 
primary 'Edwards, A.M.' 5 ? 
primary 'Savchenko, A.' 6 ? 
# 
loop_
_entity.id 
_entity.type 
_entity.src_method 
_entity.pdbx_description 
_entity.formula_weight 
_entity.pdbx_number_of_molecules 
_entity.pdbx_ec 
_entity.pdbx_mutation 
_entity.pdbx_fragment 
_entity.details 
1 polymer     man 'uncharacterized protein' 10384.569 1   ? ? ? ? 
2 non-polymer syn GLYCEROL                  92.094    1   ? ? ? ? 
3 non-polymer syn 'SODIUM ION'              22.990    1   ? ? ? ? 
4 water       nat water                     18.015    127 ? ? ? ? 
# 
_entity_poly.entity_id                      1 
_entity_poly.type                           'polypeptide(L)' 
_entity_poly.nstd_linkage                   no 
_entity_poly.nstd_monomer                   yes 
_entity_poly.pdbx_seq_one_letter_code       
;NKREETD(MSE)RDFFVITNSEYTFAGVHYAKGAVLHVSPTQKRAFWVIADQENFIKQVNKNIEYVEKNASPAFLQRIVE
IYQVKFEGKNVH
;
_entity_poly.pdbx_seq_one_letter_code_can   
;NKREETDMRDFFVITNSEYTFAGVHYAKGAVLHVSPTQKRAFWVIADQENFIKQVNKNIEYVEKNASPAFLQRIVEIYQV
KFEGKNVH
;
_entity_poly.pdbx_strand_id                 X 
_entity_poly.pdbx_target_identifier         APC40171 
# 
loop_
_pdbx_entity_nonpoly.entity_id 
_pdbx_entity_nonpoly.name 
_pdbx_entity_nonpoly.comp_id 
2 GLYCEROL     GOL 
3 'SODIUM ION' NA  
4 water        HOH 
# 
loop_
_entity_poly_seq.entity_id 
_entity_poly_seq.num 
_entity_poly_seq.mon_id 
_entity_poly_seq.hetero 
1 1  ASN n 
1 2  LYS n 
1 3  ARG n 
1 4  GLU n 
1 5  GLU n 
1 6  THR n 
1 7  ASP n 
1 8  MSE n 
1 9  ARG n 
1 10 ASP n 
1 11 PHE n 
1 12 PHE n 
1 13 VAL n 
1 14 ILE n 
1 15 THR n 
1 16 ASN n 
1 17 SER n 
1 18 GLU n 
1 19 TYR n 
1 20 THR n 
1 21 PHE n 
1 22 ALA n 
1 23 GLY n 
1 24 VAL n 
1 25 HIS n 
1 26 TYR n 
1 27 ALA n 
1 28 LYS n 
1 29 GLY n 
1 30 ALA n 
1 31 VAL n 
1 32 LEU n 
1 33 HIS n 
1 34 VAL n 
1 35 SER n 
1 36 PRO n 
1 37 THR n 
1 38 GLN n 
1 39 LYS n 
1 40 ARG n 
1 41 ALA n 
1 42 PHE n 
1 43 TRP n 
1 44 VAL n 
1 45 ILE n 
1 46 ALA n 
1 47 ASP n 
1 48 GLN n 
1 49 GLU n 
1 50 ASN n 
1 51 PHE n 
1 52 ILE n 
1 53 LYS n 
1 54 GLN n 
1 55 VAL n 
1 56 ASN n 
1 57 LYS n 
1 58 ASN n 
1 59 ILE n 
1 60 GLU n 
1 61 TYR n 
1 62 VAL n 
1 63 GLU n 
1 64 LYS n 
1 65 ASN n 
1 66 ALA n 
1 67 SER n 
1 68 PRO n 
1 69 ALA n 
1 70 PHE n 
1 71 LEU n 
1 72 GLN n 
1 73 ARG n 
1 74 ILE n 
1 75 VAL n 
1 76 GLU n 
1 77 ILE n 
1 78 TYR n 
1 79 GLN n 
1 80 VAL n 
1 81 LYS n 
1 82 PHE n 
1 83 GLU n 
1 84 GLY n 
1 85 LYS n 
1 86 ASN n 
1 87 VAL n 
1 88 HIS n 
# 
_entity_src_gen.entity_id                          1 
_entity_src_gen.pdbx_src_id                        1 
_entity_src_gen.pdbx_alt_source_flag               sample 
_entity_src_gen.pdbx_seq_type                      ? 
_entity_src_gen.pdbx_beg_seq_num                   ? 
_entity_src_gen.pdbx_end_seq_num                   ? 
_entity_src_gen.gene_src_common_name               ? 
_entity_src_gen.gene_src_genus                     ? 
_entity_src_gen.pdbx_gene_src_gene                 BAF47173 
_entity_src_gen.gene_src_species                   ? 
_entity_src_gen.gene_src_strain                    OM98x 
_entity_src_gen.gene_src_tissue                    ? 
_entity_src_gen.gene_src_tissue_fraction           ? 
_entity_src_gen.gene_src_details                   'papain cleavage' 
_entity_src_gen.pdbx_gene_src_fragment             ? 
_entity_src_gen.pdbx_gene_src_scientific_name      'Streptococcus mutans' 
_entity_src_gen.pdbx_gene_src_ncbi_taxonomy_id     1309 
_entity_src_gen.pdbx_gene_src_variant              ? 
_entity_src_gen.pdbx_gene_src_cell_line            ? 
_entity_src_gen.pdbx_gene_src_atcc                 ? 
_entity_src_gen.pdbx_gene_src_organ                ? 
_entity_src_gen.pdbx_gene_src_organelle            ? 
_entity_src_gen.pdbx_gene_src_cell                 ? 
_entity_src_gen.pdbx_gene_src_cellular_location    ? 
_entity_src_gen.host_org_common_name               ? 
_entity_src_gen.pdbx_host_org_scientific_name      'Escherichia coli' 
_entity_src_gen.pdbx_host_org_ncbi_taxonomy_id     469008 
_entity_src_gen.host_org_genus                     ? 
_entity_src_gen.pdbx_host_org_gene                 ? 
_entity_src_gen.pdbx_host_org_organ                ? 
_entity_src_gen.host_org_species                   ? 
_entity_src_gen.pdbx_host_org_tissue               ? 
_entity_src_gen.pdbx_host_org_tissue_fraction      ? 
_entity_src_gen.pdbx_host_org_strain               'BL21-CodonPlus(DE3)-RIPL' 
_entity_src_gen.pdbx_host_org_variant              ? 
_entity_src_gen.pdbx_host_org_cell_line            ? 
_entity_src_gen.pdbx_host_org_atcc                 ? 
_entity_src_gen.pdbx_host_org_culture_collection   ? 
_entity_src_gen.pdbx_host_org_cell                 ? 
_entity_src_gen.pdbx_host_org_organelle            ? 
_entity_src_gen.pdbx_host_org_cellular_location    ? 
_entity_src_gen.pdbx_host_org_vector_type          plasmid 
_entity_src_gen.pdbx_host_org_vector               ? 
_entity_src_gen.host_org_details                   ? 
_entity_src_gen.expression_system_id               ? 
_entity_src_gen.plasmid_name                       'p15Tv lic' 
_entity_src_gen.plasmid_details                    ? 
_entity_src_gen.pdbx_description                   ? 
# 
loop_
_chem_comp.id 
_chem_comp.type 
_chem_comp.mon_nstd_flag 
_chem_comp.name 
_chem_comp.pdbx_synonyms 
_chem_comp.formula 
_chem_comp.formula_weight 
ALA 'L-peptide linking' y ALANINE          ?                               'C3 H7 N O2'     89.093  
ARG 'L-peptide linking' y ARGININE         ?                               'C6 H15 N4 O2 1' 175.209 
ASN 'L-peptide linking' y ASPARAGINE       ?                               'C4 H8 N2 O3'    132.118 
ASP 'L-peptide linking' y 'ASPARTIC ACID'  ?                               'C4 H7 N O4'     133.103 
GLN 'L-peptide linking' y GLUTAMINE        ?                               'C5 H10 N2 O3'   146.144 
GLU 'L-peptide linking' y 'GLUTAMIC ACID'  ?                               'C5 H9 N O4'     147.129 
GLY 'peptide linking'   y GLYCINE          ?                               'C2 H5 N O2'     75.067  
GOL non-polymer         . GLYCEROL         'GLYCERIN; PROPANE-1,2,3-TRIOL' 'C3 H8 O3'       92.094  
HIS 'L-peptide linking' y HISTIDINE        ?                               'C6 H10 N3 O2 1' 156.162 
HOH non-polymer         . WATER            ?                               'H2 O'           18.015  
ILE 'L-peptide linking' y ISOLEUCINE       ?                               'C6 H13 N O2'    131.173 
LEU 'L-peptide linking' y LEUCINE          ?                               'C6 H13 N O2'    131.173 
LYS 'L-peptide linking' y LYSINE           ?                               'C6 H15 N2 O2 1' 147.195 
MSE 'L-peptide linking' n SELENOMETHIONINE ?                               'C5 H11 N O2 Se' 196.106 
NA  non-polymer         . 'SODIUM ION'     ?                               'Na 1'           22.990  
PHE 'L-peptide linking' y PHENYLALANINE    ?                               'C9 H11 N O2'    165.189 
PRO 'L-peptide linking' y PROLINE          ?                               'C5 H9 N O2'     115.130 
SER 'L-peptide linking' y SERINE           ?                               'C3 H7 N O3'     105.093 
THR 'L-peptide linking' y THREONINE        ?                               'C4 H9 N O3'     119.119 
TRP 'L-peptide linking' y TRYPTOPHAN       ?                               'C11 H12 N2 O2'  204.225 
TYR 'L-peptide linking' y TYROSINE         ?                               'C9 H11 N O3'    181.189 
VAL 'L-peptide linking' y VALINE           ?                               'C5 H11 N O2'    117.146 
# 
loop_
_pdbx_poly_seq_scheme.asym_id 
_pdbx_poly_seq_scheme.entity_id 
_pdbx_poly_seq_scheme.seq_id 
_pdbx_poly_seq_scheme.mon_id 
_pdbx_poly_seq_scheme.ndb_seq_num 
_pdbx_poly_seq_scheme.pdb_seq_num 
_pdbx_poly_seq_scheme.auth_seq_num 
_pdbx_poly_seq_scheme.pdb_mon_id 
_pdbx_poly_seq_scheme.auth_mon_id 
_pdbx_poly_seq_scheme.pdb_strand_id 
_pdbx_poly_seq_scheme.pdb_ins_code 
_pdbx_poly_seq_scheme.hetero 
A 1 1  ASN 1  152 ?   ?   ?   X . n 
A 1 2  LYS 2  153 ?   ?   ?   X . n 
A 1 3  ARG 3  154 ?   ?   ?   X . n 
A 1 4  GLU 4  155 ?   ?   ?   X . n 
A 1 5  GLU 5  156 ?   ?   ?   X . n 
A 1 6  THR 6  157 ?   ?   ?   X . n 
A 1 7  ASP 7  158 ?   ?   ?   X . n 
A 1 8  MSE 8  159 159 MSE MSE X . n 
A 1 9  ARG 9  160 160 ARG ARG X . n 
A 1 10 ASP 10 161 161 ASP ASP X . n 
A 1 11 PHE 11 162 162 PHE PHE X . n 
A 1 12 PHE 12 163 163 PHE PHE X . n 
A 1 13 VAL 13 164 164 VAL VAL X . n 
A 1 14 ILE 14 165 165 ILE ILE X . n 
A 1 15 THR 15 166 166 THR THR X . n 
A 1 16 ASN 16 167 167 ASN ASN X . n 
A 1 17 SER 17 168 168 SER SER X . n 
A 1 18 GLU 18 169 169 GLU GLU X . n 
A 1 19 TYR 19 170 170 TYR TYR X . n 
A 1 20 THR 20 171 171 THR THR X . n 
A 1 21 PHE 21 172 172 PHE PHE X . n 
A 1 22 ALA 22 173 173 ALA ALA X . n 
A 1 23 GLY 23 174 174 GLY GLY X . n 
A 1 24 VAL 24 175 175 VAL VAL X . n 
A 1 25 HIS 25 176 176 HIS HIS X . n 
A 1 26 TYR 26 177 177 TYR TYR X . n 
A 1 27 ALA 27 178 178 ALA ALA X . n 
A 1 28 LYS 28 179 179 LYS LYS X . n 
A 1 29 GLY 29 180 180 GLY GLY X . n 
A 1 30 ALA 30 181 181 ALA ALA X . n 
A 1 31 VAL 31 182 182 VAL VAL X . n 
A 1 32 LEU 32 183 183 LEU LEU X . n 
A 1 33 HIS 33 184 184 HIS HIS X . n 
A 1 34 VAL 34 185 185 VAL VAL X . n 
A 1 35 SER 35 186 186 SER SER X . n 
A 1 36 PRO 36 187 187 PRO PRO X . n 
A 1 37 THR 37 188 188 THR THR X . n 
A 1 38 GLN 38 189 189 GLN GLN X . n 
A 1 39 LYS 39 190 190 LYS LYS X . n 
A 1 40 ARG 40 191 191 ARG ARG X . n 
A 1 41 ALA 41 192 192 ALA ALA X . n 
A 1 42 PHE 42 193 193 PHE PHE X . n 
A 1 43 TRP 43 194 194 TRP TRP X . n 
A 1 44 VAL 44 195 195 VAL VAL X . n 
A 1 45 ILE 45 196 196 ILE ILE X . n 
A 1 46 ALA 46 197 197 ALA ALA X . n 
A 1 47 ASP 47 198 198 ASP ASP X . n 
A 1 48 GLN 48 199 199 GLN GLN X . n 
A 1 49 GLU 49 200 200 GLU GLU X . n 
A 1 50 ASN 50 201 201 ASN ASN X . n 
A 1 51 PHE 51 202 202 PHE PHE X . n 
A 1 52 ILE 52 203 203 ILE ILE X . n 
A 1 53 LYS 53 204 204 LYS LYS X . n 
A 1 54 GLN 54 205 205 GLN GLN X . n 
A 1 55 VAL 55 206 206 VAL VAL X . n 
A 1 56 ASN 56 207 207 ASN ASN X . n 
A 1 57 LYS 57 208 208 LYS LYS X . n 
A 1 58 ASN 58 209 209 ASN ASN X . n 
A 1 59 ILE 59 210 210 ILE ILE X . n 
A 1 60 GLU 60 211 211 GLU GLU X . n 
A 1 61 TYR 61 212 212 TYR TYR X . n 
A 1 62 VAL 62 213 213 VAL VAL X . n 
A 1 63 GLU 63 214 214 GLU GLU X . n 
A 1 64 LYS 64 215 215 LYS LYS X . n 
A 1 65 ASN 65 216 216 ASN ASN X . n 
A 1 66 ALA 66 217 217 ALA ALA X . n 
A 1 67 SER 67 218 218 SER SER X . n 
A 1 68 PRO 68 219 219 PRO PRO X . n 
A 1 69 ALA 69 220 220 ALA ALA X . n 
A 1 70 PHE 70 221 221 PHE PHE X . n 
A 1 71 LEU 71 222 222 LEU LEU X . n 
A 1 72 GLN 72 223 223 GLN GLN X . n 
A 1 73 ARG 73 224 224 ARG ARG X . n 
A 1 74 ILE 74 225 225 ILE ILE X . n 
A 1 75 VAL 75 226 226 VAL VAL X . n 
A 1 76 GLU 76 227 227 GLU GLU X . n 
A 1 77 ILE 77 228 228 ILE ILE X . n 
A 1 78 TYR 78 229 229 TYR TYR X . n 
A 1 79 GLN 79 230 230 GLN GLN X . n 
A 1 80 VAL 80 231 231 VAL VAL X . n 
A 1 81 LYS 81 232 232 LYS LYS X . n 
A 1 82 PHE 82 233 233 PHE PHE X . n 
A 1 83 GLU 83 234 234 GLU GLU X . n 
A 1 84 GLY 84 235 235 GLY GLY X . n 
A 1 85 LYS 85 236 236 LYS LYS X . n 
A 1 86 ASN 86 237 237 ASN ASN X . n 
A 1 87 VAL 87 238 238 VAL VAL X . n 
A 1 88 HIS 88 239 239 HIS HIS X . n 
# 
loop_
_pdbx_nonpoly_scheme.asym_id 
_pdbx_nonpoly_scheme.entity_id 
_pdbx_nonpoly_scheme.mon_id 
_pdbx_nonpoly_scheme.ndb_seq_num 
_pdbx_nonpoly_scheme.pdb_seq_num 
_pdbx_nonpoly_scheme.auth_seq_num 
_pdbx_nonpoly_scheme.pdb_mon_id 
_pdbx_nonpoly_scheme.auth_mon_id 
_pdbx_nonpoly_scheme.pdb_strand_id 
_pdbx_nonpoly_scheme.pdb_ins_code 
B 2 GOL 1   1   1   GOL GOL X . 
C 3 NA  1   240 1   NA  NA  X . 
D 4 HOH 1   2   2   HOH HOH X . 
D 4 HOH 2   3   3   HOH HOH X . 
D 4 HOH 3   4   4   HOH HOH X . 
D 4 HOH 4   5   5   HOH HOH X . 
D 4 HOH 5   6   6   HOH HOH X . 
D 4 HOH 6   7   7   HOH HOH X . 
D 4 HOH 7   8   8   HOH HOH X . 
D 4 HOH 8   9   9   HOH HOH X . 
D 4 HOH 9   10  10  HOH HOH X . 
D 4 HOH 10  11  11  HOH HOH X . 
D 4 HOH 11  12  12  HOH HOH X . 
D 4 HOH 12  13  13  HOH HOH X . 
D 4 HOH 13  14  14  HOH HOH X . 
D 4 HOH 14  15  15  HOH HOH X . 
D 4 HOH 15  16  16  HOH HOH X . 
D 4 HOH 16  17  17  HOH HOH X . 
D 4 HOH 17  18  18  HOH HOH X . 
D 4 HOH 18  19  19  HOH HOH X . 
D 4 HOH 19  20  20  HOH HOH X . 
D 4 HOH 20  21  21  HOH HOH X . 
D 4 HOH 21  22  22  HOH HOH X . 
D 4 HOH 22  23  23  HOH HOH X . 
D 4 HOH 23  24  24  HOH HOH X . 
D 4 HOH 24  25  25  HOH HOH X . 
D 4 HOH 25  26  26  HOH HOH X . 
D 4 HOH 26  27  27  HOH HOH X . 
D 4 HOH 27  28  28  HOH HOH X . 
D 4 HOH 28  29  29  HOH HOH X . 
D 4 HOH 29  30  30  HOH HOH X . 
D 4 HOH 30  31  31  HOH HOH X . 
D 4 HOH 31  32  32  HOH HOH X . 
D 4 HOH 32  33  33  HOH HOH X . 
D 4 HOH 33  34  34  HOH HOH X . 
D 4 HOH 34  35  35  HOH HOH X . 
D 4 HOH 35  36  36  HOH HOH X . 
D 4 HOH 36  37  37  HOH HOH X . 
D 4 HOH 37  38  38  HOH HOH X . 
D 4 HOH 38  39  39  HOH HOH X . 
D 4 HOH 39  40  40  HOH HOH X . 
D 4 HOH 40  41  41  HOH HOH X . 
D 4 HOH 41  42  42  HOH HOH X . 
D 4 HOH 42  43  43  HOH HOH X . 
D 4 HOH 43  44  44  HOH HOH X . 
D 4 HOH 44  45  45  HOH HOH X . 
D 4 HOH 45  46  46  HOH HOH X . 
D 4 HOH 46  47  47  HOH HOH X . 
D 4 HOH 47  48  48  HOH HOH X . 
D 4 HOH 48  49  49  HOH HOH X . 
D 4 HOH 49  50  50  HOH HOH X . 
D 4 HOH 50  51  51  HOH HOH X . 
D 4 HOH 51  52  52  HOH HOH X . 
D 4 HOH 52  53  53  HOH HOH X . 
D 4 HOH 53  54  54  HOH HOH X . 
D 4 HOH 54  55  55  HOH HOH X . 
D 4 HOH 55  56  56  HOH HOH X . 
D 4 HOH 56  57  57  HOH HOH X . 
D 4 HOH 57  58  58  HOH HOH X . 
D 4 HOH 58  59  59  HOH HOH X . 
D 4 HOH 59  60  60  HOH HOH X . 
D 4 HOH 60  61  61  HOH HOH X . 
D 4 HOH 61  62  62  HOH HOH X . 
D 4 HOH 62  63  63  HOH HOH X . 
D 4 HOH 63  64  64  HOH HOH X . 
D 4 HOH 64  65  65  HOH HOH X . 
D 4 HOH 65  66  66  HOH HOH X . 
D 4 HOH 66  67  67  HOH HOH X . 
D 4 HOH 67  68  68  HOH HOH X . 
D 4 HOH 68  69  69  HOH HOH X . 
D 4 HOH 69  70  70  HOH HOH X . 
D 4 HOH 70  71  71  HOH HOH X . 
D 4 HOH 71  72  72  HOH HOH X . 
D 4 HOH 72  73  73  HOH HOH X . 
D 4 HOH 73  74  74  HOH HOH X . 
D 4 HOH 74  75  75  HOH HOH X . 
D 4 HOH 75  76  76  HOH HOH X . 
D 4 HOH 76  77  77  HOH HOH X . 
D 4 HOH 77  78  78  HOH HOH X . 
D 4 HOH 78  79  79  HOH HOH X . 
D 4 HOH 79  80  80  HOH HOH X . 
D 4 HOH 80  81  81  HOH HOH X . 
D 4 HOH 81  82  82  HOH HOH X . 
D 4 HOH 82  83  83  HOH HOH X . 
D 4 HOH 83  84  84  HOH HOH X . 
D 4 HOH 84  85  85  HOH HOH X . 
D 4 HOH 85  86  86  HOH HOH X . 
D 4 HOH 86  87  87  HOH HOH X . 
D 4 HOH 87  88  88  HOH HOH X . 
D 4 HOH 88  89  89  HOH HOH X . 
D 4 HOH 89  90  90  HOH HOH X . 
D 4 HOH 90  91  91  HOH HOH X . 
D 4 HOH 91  92  92  HOH HOH X . 
D 4 HOH 92  93  93  HOH HOH X . 
D 4 HOH 93  94  94  HOH HOH X . 
D 4 HOH 94  95  95  HOH HOH X . 
D 4 HOH 95  96  96  HOH HOH X . 
D 4 HOH 96  97  97  HOH HOH X . 
D 4 HOH 97  98  98  HOH HOH X . 
D 4 HOH 98  99  99  HOH HOH X . 
D 4 HOH 99  100 100 HOH HOH X . 
D 4 HOH 100 101 101 HOH HOH X . 
D 4 HOH 101 102 102 HOH HOH X . 
D 4 HOH 102 103 103 HOH HOH X . 
D 4 HOH 103 104 104 HOH HOH X . 
D 4 HOH 104 105 105 HOH HOH X . 
D 4 HOH 105 106 106 HOH HOH X . 
D 4 HOH 106 107 107 HOH HOH X . 
D 4 HOH 107 108 108 HOH HOH X . 
D 4 HOH 108 109 109 HOH HOH X . 
D 4 HOH 109 110 110 HOH HOH X . 
D 4 HOH 110 111 111 HOH HOH X . 
D 4 HOH 111 112 112 HOH HOH X . 
D 4 HOH 112 113 113 HOH HOH X . 
D 4 HOH 113 114 114 HOH HOH X . 
D 4 HOH 114 115 115 HOH HOH X . 
D 4 HOH 115 116 116 HOH HOH X . 
D 4 HOH 116 117 117 HOH HOH X . 
D 4 HOH 117 118 118 HOH HOH X . 
D 4 HOH 118 119 119 HOH HOH X . 
D 4 HOH 119 120 120 HOH HOH X . 
D 4 HOH 120 121 121 HOH HOH X . 
D 4 HOH 121 122 122 HOH HOH X . 
D 4 HOH 122 123 123 HOH HOH X . 
D 4 HOH 123 124 124 HOH HOH X . 
D 4 HOH 124 126 126 HOH HOH X . 
D 4 HOH 125 127 127 HOH HOH X . 
D 4 HOH 126 128 128 HOH HOH X . 
D 4 HOH 127 241 1   HOH HOH X . 
# 
loop_
_software.name 
_software.classification 
_software.version 
_software.citation_id 
_software.pdbx_ordinal 
HKL-3000 'data collection' .        ? 1 
SHELXCD  phasing           .        ? 2 
SHELXE   'model building'  .        ? 3 
REFMAC   refinement        5.2.0019 ? 4 
HKL-2000 'data reduction'  .        ? 5 
HKL-2000 'data scaling'    .        ? 6 
# 
_cell.entry_id           3L9A 
_cell.length_a           64.080 
_cell.length_b           64.080 
_cell.length_c           39.975 
_cell.angle_alpha        90.00 
_cell.angle_beta         90.00 
_cell.angle_gamma        90.00 
_cell.Z_PDB              8 
_cell.pdbx_unique_axis   ? 
_cell.length_a_esd       ? 
_cell.length_b_esd       ? 
_cell.length_c_esd       ? 
_cell.angle_alpha_esd    ? 
_cell.angle_beta_esd     ? 
_cell.angle_gamma_esd    ? 
# 
_symmetry.entry_id                         3L9A 
_symmetry.space_group_name_H-M             'I 4' 
_symmetry.pdbx_full_space_group_name_H-M   ? 
_symmetry.cell_setting                     ? 
_symmetry.Int_Tables_number                79 
_symmetry.space_group_name_Hall            ? 
# 
_exptl.entry_id          3L9A 
_exptl.method            'X-RAY DIFFRACTION' 
_exptl.crystals_number   1 
# 
_exptl_crystal.id                    1 
_exptl_crystal.density_meas          ? 
_exptl_crystal.density_Matthews      1.98 
_exptl_crystal.density_percent_sol   37.75 
_exptl_crystal.description           ? 
_exptl_crystal.F_000                 ? 
_exptl_crystal.preparation           ? 
# 
_exptl_crystal_grow.crystal_id      1 
_exptl_crystal_grow.method          'VAPOR DIFFUSION, HANGING DROP' 
_exptl_crystal_grow.temp            295 
_exptl_crystal_grow.temp_details    ? 
_exptl_crystal_grow.pH              7.5 
_exptl_crystal_grow.pdbx_details    
;0.1M Hepes ph7.5, 0.2M Ammonium Sulfate, 25% PEG3350, 1/10 Papain.  Cryoprotected with crystallization solution plus 8% Glycerol, VAPOR DIFFUSION, HANGING DROP, temperature 295K
;
_exptl_crystal_grow.pdbx_pH_range   ? 
# 
_diffrn.id                     1 
_diffrn.ambient_temp           100 
_diffrn.ambient_temp_details   ? 
_diffrn.crystal_id             1 
# 
_diffrn_detector.diffrn_id              1 
_diffrn_detector.detector               CCD 
_diffrn_detector.type                   'ADSC QUANTUM 315' 
_diffrn_detector.pdbx_collection_date   2009-10-18 
_diffrn_detector.details                mirrors 
# 
_diffrn_radiation.diffrn_id                        1 
_diffrn_radiation.wavelength_id                    1 
_diffrn_radiation.pdbx_monochromatic_or_laue_m_l   M 
_diffrn_radiation.monochromator                    'SI-111 CHANNEL' 
_diffrn_radiation.pdbx_diffrn_protocol             MAD 
_diffrn_radiation.pdbx_scattering_type             x-ray 
# 
loop_
_diffrn_radiation_wavelength.id 
_diffrn_radiation_wavelength.wavelength 
_diffrn_radiation_wavelength.wt 
1 0.97915 1.0 
2 0.97942 1.0 
# 
_diffrn_source.diffrn_id                   1 
_diffrn_source.source                      SYNCHROTRON 
_diffrn_source.type                        'APS BEAMLINE 19-BM' 
_diffrn_source.pdbx_synchrotron_site       APS 
_diffrn_source.pdbx_synchrotron_beamline   19-BM 
_diffrn_source.pdbx_wavelength             ? 
_diffrn_source.pdbx_wavelength_list        '0.97915, 0.97942' 
# 
_reflns.entry_id                     3L9A 
_reflns.observed_criterion_sigma_I   -3.0 
_reflns.observed_criterion_sigma_F   . 
_reflns.d_resolution_low             23.29 
_reflns.d_resolution_high            1.25 
_reflns.number_obs                   20493 
_reflns.number_all                   22544 
_reflns.percent_possible_obs         90.9 
_reflns.pdbx_Rmerge_I_obs            0.038 
_reflns.pdbx_Rsym_value              ? 
_reflns.pdbx_netI_over_sigmaI        59.333 
_reflns.B_iso_Wilson_estimate        9.0 
_reflns.pdbx_redundancy              6.7 
_reflns.R_free_details               ? 
_reflns.limit_h_max                  ? 
_reflns.limit_h_min                  ? 
_reflns.limit_k_max                  ? 
_reflns.limit_k_min                  ? 
_reflns.limit_l_max                  ? 
_reflns.limit_l_min                  ? 
_reflns.observed_criterion_F_max     ? 
_reflns.observed_criterion_F_min     ? 
_reflns.pdbx_chi_squared             ? 
_reflns.pdbx_scaling_rejects         ? 
_reflns.pdbx_diffrn_id               1 
_reflns.pdbx_ordinal                 1 
# 
_reflns_shell.d_res_high             1.25 
_reflns_shell.d_res_low              1.27 
_reflns_shell.percent_possible_all   49.9 
_reflns_shell.Rmerge_I_obs           0.11300 
_reflns_shell.pdbx_Rsym_value        ? 
_reflns_shell.meanI_over_sigI_obs    10.5 
_reflns_shell.pdbx_redundancy        2.8 
_reflns_shell.percent_possible_obs   ? 
_reflns_shell.number_unique_all      567 
_reflns_shell.number_measured_all    ? 
_reflns_shell.number_measured_obs    ? 
_reflns_shell.number_unique_obs      ? 
_reflns_shell.pdbx_chi_squared       ? 
_reflns_shell.pdbx_diffrn_id         ? 
_reflns_shell.pdbx_ordinal           1 
# 
_refine.entry_id                                 3L9A 
_refine.ls_number_reflns_obs                     19106 
_refine.ls_number_reflns_all                     ? 
_refine.pdbx_ls_sigma_I                          ? 
_refine.pdbx_ls_sigma_F                          0 
_refine.pdbx_data_cutoff_high_absF               ? 
_refine.pdbx_data_cutoff_low_absF                ? 
_refine.pdbx_data_cutoff_high_rms_absF           ? 
_refine.ls_d_res_low                             23.29 
_refine.ls_d_res_high                            1.30 
_refine.ls_percent_reflns_obs                    95.31 
_refine.ls_R_factor_obs                          0.13462 
_refine.ls_R_factor_all                          ? 
_refine.ls_R_factor_R_work                       0.13354 
_refine.ls_R_factor_R_free                       0.15490 
_refine.ls_R_factor_R_free_error                 ? 
_refine.ls_R_factor_R_free_error_details         ? 
_refine.ls_percent_reflns_R_free                 5.2 
_refine.ls_number_reflns_R_free                  990 
_refine.ls_number_parameters                     ? 
_refine.ls_number_restraints                     ? 
_refine.occupancy_min                            ? 
_refine.occupancy_max                            ? 
_refine.correlation_coeff_Fo_to_Fc               0.973 
_refine.correlation_coeff_Fo_to_Fc_free          0.965 
_refine.B_iso_mean                               9.877 
_refine.aniso_B[1][1]                            0.00 
_refine.aniso_B[2][2]                            0.00 
_refine.aniso_B[3][3]                            0.00 
_refine.aniso_B[1][2]                            0.00 
_refine.aniso_B[1][3]                            0.00 
_refine.aniso_B[2][3]                            0.00 
_refine.solvent_model_details                    MASK 
_refine.solvent_model_param_ksol                 ? 
_refine.solvent_model_param_bsol                 ? 
_refine.pdbx_solvent_vdw_probe_radii             1.20 
_refine.pdbx_solvent_ion_probe_radii             0.80 
_refine.pdbx_solvent_shrinkage_radii             0.80 
_refine.pdbx_ls_cross_valid_method               THROUGHOUT 
_refine.details                                  'HYDROGENS HAVE BEEN ADDED IN THE RIDING POSITIONS' 
_refine.pdbx_starting_model                      none 
_refine.pdbx_method_to_determine_struct          SAD 
_refine.pdbx_isotropic_thermal_model             ? 
_refine.pdbx_stereochemistry_target_values       'MAXIMUM LIKELIHOOD' 
_refine.pdbx_stereochem_target_val_spec_case     ? 
_refine.pdbx_R_Free_selection_details            RANDOM 
_refine.pdbx_overall_ESU_R                       0.054 
_refine.pdbx_overall_ESU_R_Free                  0.046 
_refine.overall_SU_ML                            0.021 
_refine.overall_SU_B                             1.029 
_refine.ls_redundancy_reflns_obs                 ? 
_refine.B_iso_min                                ? 
_refine.B_iso_max                                ? 
_refine.overall_SU_R_Cruickshank_DPI             ? 
_refine.overall_SU_R_free                        ? 
_refine.ls_wR_factor_R_free                      ? 
_refine.ls_wR_factor_R_work                      ? 
_refine.overall_FOM_free_R_set                   ? 
_refine.overall_FOM_work_R_set                   ? 
_refine.pdbx_overall_phase_error                 ? 
_refine.pdbx_refine_id                           'X-RAY DIFFRACTION' 
_refine.pdbx_diffrn_id                           1 
_refine.pdbx_TLS_residual_ADP_flag               ? 
_refine.pdbx_overall_SU_R_free_Cruickshank_DPI   ? 
_refine.pdbx_overall_SU_R_Blow_DPI               ? 
_refine.pdbx_overall_SU_R_free_Blow_DPI          ? 
# 
_refine_hist.pdbx_refine_id                   'X-RAY DIFFRACTION' 
_refine_hist.cycle_id                         LAST 
_refine_hist.pdbx_number_atoms_protein        743 
_refine_hist.pdbx_number_atoms_nucleic_acid   0 
_refine_hist.pdbx_number_atoms_ligand         19 
_refine_hist.number_atoms_solvent             136 
_refine_hist.number_atoms_total               898 
_refine_hist.d_res_high                       1.30 
_refine_hist.d_res_low                        23.29 
# 
loop_
_refine_ls_restr.type 
_refine_ls_restr.dev_ideal 
_refine_ls_restr.dev_ideal_target 
_refine_ls_restr.weight 
_refine_ls_restr.number 
_refine_ls_restr.pdbx_refine_id 
_refine_ls_restr.pdbx_restraint_function 
r_bond_refined_d             0.008  0.022  ? 783  'X-RAY DIFFRACTION' ? 
r_bond_other_d               ?      ?      ? ?    'X-RAY DIFFRACTION' ? 
r_angle_refined_deg          1.160  1.919  ? 1064 'X-RAY DIFFRACTION' ? 
r_angle_other_deg            ?      ?      ? ?    'X-RAY DIFFRACTION' ? 
r_dihedral_angle_1_deg       6.382  5.000  ? 96   'X-RAY DIFFRACTION' ? 
r_dihedral_angle_2_deg       36.839 24.634 ? 41   'X-RAY DIFFRACTION' ? 
r_dihedral_angle_3_deg       10.213 15.000 ? 133  'X-RAY DIFFRACTION' ? 
r_dihedral_angle_4_deg       34.183 15.000 ? 3    'X-RAY DIFFRACTION' ? 
r_chiral_restr               0.087  0.200  ? 111  'X-RAY DIFFRACTION' ? 
r_gen_planes_refined         0.006  0.020  ? 611  'X-RAY DIFFRACTION' ? 
r_gen_planes_other           ?      ?      ? ?    'X-RAY DIFFRACTION' ? 
r_nbd_refined                0.240  0.200  ? 364  'X-RAY DIFFRACTION' ? 
r_nbd_other                  ?      ?      ? ?    'X-RAY DIFFRACTION' ? 
r_nbtor_refined              0.322  0.200  ? 556  'X-RAY DIFFRACTION' ? 
r_nbtor_other                ?      ?      ? ?    'X-RAY DIFFRACTION' ? 
r_xyhbond_nbd_refined        0.114  0.200  ? 99   'X-RAY DIFFRACTION' ? 
r_xyhbond_nbd_other          ?      ?      ? ?    'X-RAY DIFFRACTION' ? 
r_metal_ion_refined          0.080  0.200  ? 1    'X-RAY DIFFRACTION' ? 
r_metal_ion_other            ?      ?      ? ?    'X-RAY DIFFRACTION' ? 
r_symmetry_vdw_refined       0.208  0.200  ? 64   'X-RAY DIFFRACTION' ? 
r_symmetry_vdw_other         ?      ?      ? ?    'X-RAY DIFFRACTION' ? 
r_symmetry_hbond_refined     0.162  0.200  ? 21   'X-RAY DIFFRACTION' ? 
r_symmetry_hbond_other       ?      ?      ? ?    'X-RAY DIFFRACTION' ? 
r_symmetry_metal_ion_refined ?      ?      ? ?    'X-RAY DIFFRACTION' ? 
r_symmetry_metal_ion_other   ?      ?      ? ?    'X-RAY DIFFRACTION' ? 
r_mcbond_it                  0.798  1.500  ? 453  'X-RAY DIFFRACTION' ? 
r_mcbond_other               ?      ?      ? ?    'X-RAY DIFFRACTION' ? 
r_mcangle_it                 1.299  2.000  ? 747  'X-RAY DIFFRACTION' ? 
r_scbond_it                  1.968  3.000  ? 339  'X-RAY DIFFRACTION' ? 
r_scangle_it                 2.635  4.500  ? 316  'X-RAY DIFFRACTION' ? 
r_rigid_bond_restr           1.586  3.000  ? 792  'X-RAY DIFFRACTION' ? 
r_sphericity_free            3.753  3.000  ? 137  'X-RAY DIFFRACTION' ? 
r_sphericity_bonded          2.008  3.000  ? 761  'X-RAY DIFFRACTION' ? 
# 
_refine_ls_shell.pdbx_total_number_of_bins_used   20 
_refine_ls_shell.d_res_high                       1.300 
_refine_ls_shell.d_res_low                        1.334 
_refine_ls_shell.number_reflns_R_work             984 
_refine_ls_shell.R_factor_R_work                  0.150 
_refine_ls_shell.percent_reflns_obs               71.34 
_refine_ls_shell.R_factor_R_free                  0.195 
_refine_ls_shell.R_factor_R_free_error            ? 
_refine_ls_shell.percent_reflns_R_free            ? 
_refine_ls_shell.number_reflns_R_free             64 
_refine_ls_shell.number_reflns_all                ? 
_refine_ls_shell.R_factor_all                     ? 
_refine_ls_shell.number_reflns_obs                1048 
_refine_ls_shell.redundancy_reflns_obs            ? 
_refine_ls_shell.pdbx_refine_id                   'X-RAY DIFFRACTION' 
# 
_struct.entry_id                  3L9A 
_struct.title                     'Structure of the C-terminal domain from a Streptococcus mutans hypothetical' 
_struct.pdbx_model_details        ? 
_struct.pdbx_CASP_flag            ? 
_struct.pdbx_model_type_details   ? 
# 
_struct_keywords.entry_id        3L9A 
_struct_keywords.pdbx_keywords   'structural genomics, unknown function' 
_struct_keywords.text            
;phage-associated, hypothetical protein, CHAP domain, Structural Genomics, PSI-2, Protein Structure Initiative, Midwest Center for Structural Genomics, MCSG, unknown function
;
# 
loop_
_struct_asym.id 
_struct_asym.pdbx_blank_PDB_chainid_flag 
_struct_asym.pdbx_modified 
_struct_asym.entity_id 
_struct_asym.details 
A N N 1 ? 
B N N 2 ? 
C N N 3 ? 
D N N 4 ? 
# 
_struct_ref.id                         1 
_struct_ref.db_name                    UNP 
_struct_ref.db_code                    A2V8B8_STRMU 
_struct_ref.pdbx_db_accession          A2V8B8 
_struct_ref.entity_id                  1 
_struct_ref.pdbx_seq_one_letter_code   
;NKREETDMRDFFVITNSEYTFAGVHYAKGAVLHVSPTQKRAFWVIADQENFIKQVNKNIEYVEKNASPAFLQRIVEIYQV
KFEGKNVH
;
_struct_ref.pdbx_align_begin           152 
_struct_ref.pdbx_db_isoform            ? 
# 
_struct_ref_seq.align_id                      1 
_struct_ref_seq.ref_id                        1 
_struct_ref_seq.pdbx_PDB_id_code              3L9A 
_struct_ref_seq.pdbx_strand_id                X 
_struct_ref_seq.seq_align_beg                 1 
_struct_ref_seq.pdbx_seq_align_beg_ins_code   ? 
_struct_ref_seq.seq_align_end                 88 
_struct_ref_seq.pdbx_seq_align_end_ins_code   ? 
_struct_ref_seq.pdbx_db_accession             A2V8B8 
_struct_ref_seq.db_align_beg                  152 
_struct_ref_seq.pdbx_db_align_beg_ins_code    ? 
_struct_ref_seq.db_align_end                  239 
_struct_ref_seq.pdbx_db_align_end_ins_code    ? 
_struct_ref_seq.pdbx_auth_seq_align_beg       152 
_struct_ref_seq.pdbx_auth_seq_align_end       239 
# 
_pdbx_struct_assembly.id                   1 
_pdbx_struct_assembly.details              author_and_software_defined_assembly 
_pdbx_struct_assembly.method_details       PISA 
_pdbx_struct_assembly.oligomeric_details   tetrameric 
_pdbx_struct_assembly.oligomeric_count     4 
# 
loop_
_pdbx_struct_assembly_prop.biol_id 
_pdbx_struct_assembly_prop.type 
_pdbx_struct_assembly_prop.value 
_pdbx_struct_assembly_prop.details 
1 'ABSA (A^2)' 7650  ? 
1 MORE         -43   ? 
1 'SSA (A^2)'  13760 ? 
# 
_pdbx_struct_assembly_gen.assembly_id       1 
_pdbx_struct_assembly_gen.oper_expression   1,2,3,4 
_pdbx_struct_assembly_gen.asym_id_list      A,B,C,D 
# 
loop_
_pdbx_struct_oper_list.id 
_pdbx_struct_oper_list.type 
_pdbx_struct_oper_list.name 
_pdbx_struct_oper_list.symmetry_operation 
_pdbx_struct_oper_list.matrix[1][1] 
_pdbx_struct_oper_list.matrix[1][2] 
_pdbx_struct_oper_list.matrix[1][3] 
_pdbx_struct_oper_list.vector[1] 
_pdbx_struct_oper_list.matrix[2][1] 
_pdbx_struct_oper_list.matrix[2][2] 
_pdbx_struct_oper_list.matrix[2][3] 
_pdbx_struct_oper_list.vector[2] 
_pdbx_struct_oper_list.matrix[3][1] 
_pdbx_struct_oper_list.matrix[3][2] 
_pdbx_struct_oper_list.matrix[3][3] 
_pdbx_struct_oper_list.vector[3] 
1 'identity operation'         1_555 x,y,z       1.0000000000 0.0000000000 0.0000000000  0.0000000000   0.0000000000 1.0000000000  0.0000000000  0.0000000000  0.0000000000  0.0000000000  1.0000000000  0.0000000000   
2 'crystal symmetry operation' 2_665 -x+1,-y+1,z 0.3040198973 0.9495446874 0.0770505596  -19.6829485194 0.9495446874 -0.3085725799 0.0561057003  26.1891694272 0.0770505596  0.0561057003  -0.9954473174 10.3720182440  
3 'crystal symmetry operation' 3_655 -y+1,x,z    0.6520099486 0.5224833625 -0.5494489629 -7.4169904509  0.4270613249 0.3457137101  0.8355241801  8.4374842677  0.6264995225  -0.7794184798 0.0022763413  21.5460442301  
4 'crystal symmetry operation' 4_565 y,-x+1,z    0.6520099486 0.4270613249 0.6264995225  -12.2659580685 0.5224833625 0.3457137101  -0.7794184798 17.7516851596 -0.5494489629 0.8355241801  0.0022763413  -11.1740259861 
# 
_struct_biol.id        1 
_struct_biol.details   
;tetramer is made of    
molecule 1 -- the solved molecule  
               rotation matrix             transl vector  
molecule 2 -- (0.000  1.000  0.000           (0.000  
               -1.000  0.000  0.000          64.08  
                0.000  0.000  1.000)        0.000)   
molecule 3 -- (0.000  -1.000  0.000         (64.08  
               1.000  0.000  0.000           0.000  
               0.000  0.000  1.000)        0.000)   
molecule 4 -- (-1.00  0.000  0.000           (64.08  
                0.000  -1.00  0.000           64.08  
                0.000  0.000  1.000)         0.000)
;
# 
loop_
_struct_conf.conf_type_id 
_struct_conf.id 
_struct_conf.pdbx_PDB_helix_id 
_struct_conf.beg_label_comp_id 
_struct_conf.beg_label_asym_id 
_struct_conf.beg_label_seq_id 
_struct_conf.pdbx_beg_PDB_ins_code 
_struct_conf.end_label_comp_id 
_struct_conf.end_label_asym_id 
_struct_conf.end_label_seq_id 
_struct_conf.pdbx_end_PDB_ins_code 
_struct_conf.beg_auth_comp_id 
_struct_conf.beg_auth_asym_id 
_struct_conf.beg_auth_seq_id 
_struct_conf.end_auth_comp_id 
_struct_conf.end_auth_asym_id 
_struct_conf.end_auth_seq_id 
_struct_conf.pdbx_PDB_helix_class 
_struct_conf.details 
_struct_conf.pdbx_PDB_helix_length 
HELX_P HELX_P1 1 ILE A 45 ? ASN A 56 ? ILE X 196 ASN X 207 1 ? 12 
HELX_P HELX_P2 2 SER A 67 ? GLN A 79 ? SER X 218 GLN X 230 1 ? 13 
# 
_struct_conf_type.id          HELX_P 
_struct_conf_type.criteria    ? 
_struct_conf_type.reference   ? 
# 
loop_
_struct_conn.id 
_struct_conn.conn_type_id 
_struct_conn.pdbx_leaving_atom_flag 
_struct_conn.pdbx_PDB_id 
_struct_conn.ptnr1_label_asym_id 
_struct_conn.ptnr1_label_comp_id 
_struct_conn.ptnr1_label_seq_id 
_struct_conn.ptnr1_label_atom_id 
_struct_conn.pdbx_ptnr1_label_alt_id 
_struct_conn.pdbx_ptnr1_PDB_ins_code 
_struct_conn.pdbx_ptnr1_standard_comp_id 
_struct_conn.ptnr1_symmetry 
_struct_conn.ptnr2_label_asym_id 
_struct_conn.ptnr2_label_comp_id 
_struct_conn.ptnr2_label_seq_id 
_struct_conn.ptnr2_label_atom_id 
_struct_conn.pdbx_ptnr2_label_alt_id 
_struct_conn.pdbx_ptnr2_PDB_ins_code 
_struct_conn.ptnr1_auth_asym_id 
_struct_conn.ptnr1_auth_comp_id 
_struct_conn.ptnr1_auth_seq_id 
_struct_conn.ptnr2_auth_asym_id 
_struct_conn.ptnr2_auth_comp_id 
_struct_conn.ptnr2_auth_seq_id 
_struct_conn.ptnr2_symmetry 
_struct_conn.pdbx_ptnr3_label_atom_id 
_struct_conn.pdbx_ptnr3_label_seq_id 
_struct_conn.pdbx_ptnr3_label_comp_id 
_struct_conn.pdbx_ptnr3_label_asym_id 
_struct_conn.pdbx_ptnr3_label_alt_id 
_struct_conn.pdbx_ptnr3_PDB_ins_code 
_struct_conn.details 
_struct_conn.pdbx_dist_value 
_struct_conn.pdbx_value_order 
_struct_conn.pdbx_role 
covale1 covale both ? A MSE 8  C   A ? ? 1_555 A ARG 9 N  ? ? X MSE 159 X ARG 160 1_555 ? ? ? ? ? ? ? 1.337 ? ? 
covale2 covale both ? A MSE 8  C   B ? ? 1_555 A ARG 9 N  ? ? X MSE 159 X ARG 160 1_555 ? ? ? ? ? ? ? 1.330 ? ? 
metalc1 metalc ?    ? D HOH .  O   A ? ? 1_555 C NA  . NA ? ? X HOH 113 X NA  240 1_555 ? ? ? ? ? ? ? 2.670 ? ? 
metalc2 metalc ?    ? D HOH .  O   ? ? ? 1_555 C NA  . NA ? ? X HOH 118 X NA  240 1_555 ? ? ? ? ? ? ? 2.330 ? ? 
metalc3 metalc ?    ? A GLU 49 OE2 ? ? ? 1_555 C NA  . NA ? ? X GLU 200 X NA  240 1_555 ? ? ? ? ? ? ? 2.666 ? ? 
# 
loop_
_struct_conn_type.id 
_struct_conn_type.criteria 
_struct_conn_type.reference 
covale ? ? 
metalc ? ? 
# 
loop_
_pdbx_struct_conn_angle.id 
_pdbx_struct_conn_angle.ptnr1_label_atom_id 
_pdbx_struct_conn_angle.ptnr1_label_alt_id 
_pdbx_struct_conn_angle.ptnr1_label_asym_id 
_pdbx_struct_conn_angle.ptnr1_label_comp_id 
_pdbx_struct_conn_angle.ptnr1_label_seq_id 
_pdbx_struct_conn_angle.ptnr1_auth_atom_id 
_pdbx_struct_conn_angle.ptnr1_auth_asym_id 
_pdbx_struct_conn_angle.ptnr1_auth_comp_id 
_pdbx_struct_conn_angle.ptnr1_auth_seq_id 
_pdbx_struct_conn_angle.ptnr1_PDB_ins_code 
_pdbx_struct_conn_angle.ptnr1_symmetry 
_pdbx_struct_conn_angle.ptnr2_label_atom_id 
_pdbx_struct_conn_angle.ptnr2_label_alt_id 
_pdbx_struct_conn_angle.ptnr2_label_asym_id 
_pdbx_struct_conn_angle.ptnr2_label_comp_id 
_pdbx_struct_conn_angle.ptnr2_label_seq_id 
_pdbx_struct_conn_angle.ptnr2_auth_atom_id 
_pdbx_struct_conn_angle.ptnr2_auth_asym_id 
_pdbx_struct_conn_angle.ptnr2_auth_comp_id 
_pdbx_struct_conn_angle.ptnr2_auth_seq_id 
_pdbx_struct_conn_angle.ptnr2_PDB_ins_code 
_pdbx_struct_conn_angle.ptnr2_symmetry 
_pdbx_struct_conn_angle.ptnr3_label_atom_id 
_pdbx_struct_conn_angle.ptnr3_label_alt_id 
_pdbx_struct_conn_angle.ptnr3_label_asym_id 
_pdbx_struct_conn_angle.ptnr3_label_comp_id 
_pdbx_struct_conn_angle.ptnr3_label_seq_id 
_pdbx_struct_conn_angle.ptnr3_auth_atom_id 
_pdbx_struct_conn_angle.ptnr3_auth_asym_id 
_pdbx_struct_conn_angle.ptnr3_auth_comp_id 
_pdbx_struct_conn_angle.ptnr3_auth_seq_id 
_pdbx_struct_conn_angle.ptnr3_PDB_ins_code 
_pdbx_struct_conn_angle.ptnr3_symmetry 
_pdbx_struct_conn_angle.value 
_pdbx_struct_conn_angle.value_esd 
1 O A D HOH . ? X HOH 113 ? 1_555 NA ? C NA . ? X NA 240 ? 1_555 O   ? D HOH .  ? X HOH 118 ? 1_555 72.2  ? 
2 O A D HOH . ? X HOH 113 ? 1_555 NA ? C NA . ? X NA 240 ? 1_555 OE2 ? A GLU 49 ? X GLU 200 ? 1_555 85.5  ? 
3 O ? D HOH . ? X HOH 118 ? 1_555 NA ? C NA . ? X NA 240 ? 1_555 OE2 ? A GLU 49 ? X GLU 200 ? 1_555 139.7 ? 
# 
loop_
_pdbx_modification_feature.ordinal 
_pdbx_modification_feature.label_comp_id 
_pdbx_modification_feature.label_asym_id 
_pdbx_modification_feature.label_seq_id 
_pdbx_modification_feature.label_alt_id 
_pdbx_modification_feature.modified_residue_label_comp_id 
_pdbx_modification_feature.modified_residue_label_asym_id 
_pdbx_modification_feature.modified_residue_label_seq_id 
_pdbx_modification_feature.modified_residue_label_alt_id 
_pdbx_modification_feature.auth_comp_id 
_pdbx_modification_feature.auth_asym_id 
_pdbx_modification_feature.auth_seq_id 
_pdbx_modification_feature.PDB_ins_code 
_pdbx_modification_feature.symmetry 
_pdbx_modification_feature.modified_residue_auth_comp_id 
_pdbx_modification_feature.modified_residue_auth_asym_id 
_pdbx_modification_feature.modified_residue_auth_seq_id 
_pdbx_modification_feature.modified_residue_PDB_ins_code 
_pdbx_modification_feature.modified_residue_symmetry 
_pdbx_modification_feature.comp_id_linking_atom 
_pdbx_modification_feature.modified_residue_id_linking_atom 
_pdbx_modification_feature.modified_residue_id 
_pdbx_modification_feature.ref_pcm_id 
_pdbx_modification_feature.ref_comp_id 
_pdbx_modification_feature.type 
_pdbx_modification_feature.category 
1 MSE A 8 A . . . . MSE X 159 ? 1_555 . . . . . . . MET 1 MSE Selenomethionine 'Named protein modification' 
2 MSE A 8 B . . . . MSE X 159 ? 1_555 . . . . . . . MET 1 MSE Selenomethionine 'Named protein modification' 
# 
loop_
_struct_sheet.id 
_struct_sheet.type 
_struct_sheet.number_strands 
_struct_sheet.details 
A ? 5 ? 
B ? 2 ? 
# 
loop_
_struct_sheet_order.sheet_id 
_struct_sheet_order.range_id_1 
_struct_sheet_order.range_id_2 
_struct_sheet_order.offset 
_struct_sheet_order.sense 
A 1 2 ? parallel      
A 2 3 ? anti-parallel 
A 3 4 ? anti-parallel 
A 4 5 ? parallel      
B 1 2 ? anti-parallel 
# 
loop_
_struct_sheet_range.sheet_id 
_struct_sheet_range.id 
_struct_sheet_range.beg_label_comp_id 
_struct_sheet_range.beg_label_asym_id 
_struct_sheet_range.beg_label_seq_id 
_struct_sheet_range.pdbx_beg_PDB_ins_code 
_struct_sheet_range.end_label_comp_id 
_struct_sheet_range.end_label_asym_id 
_struct_sheet_range.end_label_seq_id 
_struct_sheet_range.pdbx_end_PDB_ins_code 
_struct_sheet_range.beg_auth_comp_id 
_struct_sheet_range.beg_auth_asym_id 
_struct_sheet_range.beg_auth_seq_id 
_struct_sheet_range.end_auth_comp_id 
_struct_sheet_range.end_auth_asym_id 
_struct_sheet_range.end_auth_seq_id 
A 1 TYR A 61 ? ALA A 66 ? TYR X 212 ALA X 217 
A 2 PHE A 11 ? THR A 15 ? PHE X 162 THR X 166 
A 3 VAL A 31 ? SER A 35 ? VAL X 182 SER X 186 
A 4 ARG A 40 ? TRP A 43 ? ARG X 191 TRP X 194 
A 5 LYS A 81 ? GLU A 83 ? LYS X 232 GLU X 234 
B 1 TYR A 19 ? PHE A 21 ? TYR X 170 PHE X 172 
B 2 VAL A 24 ? TYR A 26 ? VAL X 175 TYR X 177 
# 
loop_
_pdbx_struct_sheet_hbond.sheet_id 
_pdbx_struct_sheet_hbond.range_id_1 
_pdbx_struct_sheet_hbond.range_id_2 
_pdbx_struct_sheet_hbond.range_1_label_atom_id 
_pdbx_struct_sheet_hbond.range_1_label_comp_id 
_pdbx_struct_sheet_hbond.range_1_label_asym_id 
_pdbx_struct_sheet_hbond.range_1_label_seq_id 
_pdbx_struct_sheet_hbond.range_1_PDB_ins_code 
_pdbx_struct_sheet_hbond.range_1_auth_atom_id 
_pdbx_struct_sheet_hbond.range_1_auth_comp_id 
_pdbx_struct_sheet_hbond.range_1_auth_asym_id 
_pdbx_struct_sheet_hbond.range_1_auth_seq_id 
_pdbx_struct_sheet_hbond.range_2_label_atom_id 
_pdbx_struct_sheet_hbond.range_2_label_comp_id 
_pdbx_struct_sheet_hbond.range_2_label_asym_id 
_pdbx_struct_sheet_hbond.range_2_label_seq_id 
_pdbx_struct_sheet_hbond.range_2_PDB_ins_code 
_pdbx_struct_sheet_hbond.range_2_auth_atom_id 
_pdbx_struct_sheet_hbond.range_2_auth_comp_id 
_pdbx_struct_sheet_hbond.range_2_auth_asym_id 
_pdbx_struct_sheet_hbond.range_2_auth_seq_id 
A 1 2 O ALA A 66 ? O ALA X 217 N ILE A 14 ? N ILE X 165 
A 2 3 N PHE A 11 ? N PHE X 162 O VAL A 34 ? O VAL X 185 
A 3 4 N SER A 35 ? N SER X 186 O ARG A 40 ? O ARG X 191 
A 4 5 N ALA A 41 ? N ALA X 192 O LYS A 81 ? O LYS X 232 
B 1 2 N TYR A 19 ? N TYR X 170 O TYR A 26 ? O TYR X 177 
# 
loop_
_struct_site.id 
_struct_site.pdbx_evidence_code 
_struct_site.pdbx_auth_asym_id 
_struct_site.pdbx_auth_comp_id 
_struct_site.pdbx_auth_seq_id 
_struct_site.pdbx_auth_ins_code 
_struct_site.pdbx_num_residues 
_struct_site.details 
AC1 Software X GOL 1   ? 13 'BINDING SITE FOR RESIDUE GOL X 1'  
AC2 Software X NA  240 ? 4  'BINDING SITE FOR RESIDUE NA X 240' 
# 
loop_
_struct_site_gen.id 
_struct_site_gen.site_id 
_struct_site_gen.pdbx_num_res 
_struct_site_gen.label_comp_id 
_struct_site_gen.label_asym_id 
_struct_site_gen.label_seq_id 
_struct_site_gen.pdbx_auth_ins_code 
_struct_site_gen.auth_comp_id 
_struct_site_gen.auth_asym_id 
_struct_site_gen.auth_seq_id 
_struct_site_gen.label_atom_id 
_struct_site_gen.label_alt_id 
_struct_site_gen.symmetry 
_struct_site_gen.details 
1  AC1 13 HOH D .  ? HOH X 20  . ? 1_555 ? 
2  AC1 13 HOH D .  ? HOH X 40  . ? 1_555 ? 
3  AC1 13 HOH D .  ? HOH X 97  . ? 1_555 ? 
4  AC1 13 HOH D .  ? HOH X 99  . ? 1_555 ? 
5  AC1 13 HOH D .  ? HOH X 113 . ? 1_555 ? 
6  AC1 13 GLY A 29 ? GLY X 180 . ? 1_555 ? 
7  AC1 13 ALA A 30 ? ALA X 181 . ? 1_555 ? 
8  AC1 13 VAL A 31 ? VAL X 182 . ? 1_555 ? 
9  AC1 13 TRP A 43 ? TRP X 194 . ? 1_555 ? 
10 AC1 13 VAL A 44 ? VAL X 195 . ? 1_555 ? 
11 AC1 13 ILE A 45 ? ILE X 196 . ? 1_555 ? 
12 AC1 13 ALA A 46 ? ALA X 197 . ? 1_555 ? 
13 AC1 13 GLU A 49 ? GLU X 200 . ? 1_555 ? 
14 AC2 4  HOH D .  ? HOH X 113 . ? 1_555 ? 
15 AC2 4  HOH D .  ? HOH X 118 . ? 1_555 ? 
16 AC2 4  GLU A 49 ? GLU X 200 . ? 1_555 ? 
17 AC2 4  HIS A 88 ? HIS X 239 . ? 7_545 ? 
# 
_pdbx_entry_details.entry_id                   3L9A 
_pdbx_entry_details.compound_details           ? 
_pdbx_entry_details.source_details             ? 
_pdbx_entry_details.nonpolymer_details         ? 
_pdbx_entry_details.sequence_details           ? 
_pdbx_entry_details.has_ligand_of_interest     ? 
_pdbx_entry_details.has_protein_modification   Y 
# 
_pdbx_SG_project.id                    1 
_pdbx_SG_project.project_name          'PSI, Protein Structure Initiative' 
_pdbx_SG_project.full_name_of_center   'Midwest Center for Structural Genomics' 
_pdbx_SG_project.initial_of_center     MCSG 
# 
_pdbx_struct_mod_residue.id               1 
_pdbx_struct_mod_residue.label_asym_id    A 
_pdbx_struct_mod_residue.label_comp_id    MSE 
_pdbx_struct_mod_residue.label_seq_id     8 
_pdbx_struct_mod_residue.auth_asym_id     X 
_pdbx_struct_mod_residue.auth_comp_id     MSE 
_pdbx_struct_mod_residue.auth_seq_id      159 
_pdbx_struct_mod_residue.PDB_ins_code     ? 
_pdbx_struct_mod_residue.parent_comp_id   MET 
_pdbx_struct_mod_residue.details          SELENOMETHIONINE 
# 
loop_
_pdbx_unobs_or_zero_occ_residues.id 
_pdbx_unobs_or_zero_occ_residues.PDB_model_num 
_pdbx_unobs_or_zero_occ_residues.polymer_flag 
_pdbx_unobs_or_zero_occ_residues.occupancy_flag 
_pdbx_unobs_or_zero_occ_residues.auth_asym_id 
_pdbx_unobs_or_zero_occ_residues.auth_comp_id 
_pdbx_unobs_or_zero_occ_residues.auth_seq_id 
_pdbx_unobs_or_zero_occ_residues.PDB_ins_code 
_pdbx_unobs_or_zero_occ_residues.label_asym_id 
_pdbx_unobs_or_zero_occ_residues.label_comp_id 
_pdbx_unobs_or_zero_occ_residues.label_seq_id 
1 1 Y 1 X ASN 152 ? A ASN 1 
2 1 Y 1 X LYS 153 ? A LYS 2 
3 1 Y 1 X ARG 154 ? A ARG 3 
4 1 Y 1 X GLU 155 ? A GLU 4 
5 1 Y 1 X GLU 156 ? A GLU 5 
6 1 Y 1 X THR 157 ? A THR 6 
7 1 Y 1 X ASP 158 ? A ASP 7 
# 
loop_
_chem_comp_atom.comp_id 
_chem_comp_atom.atom_id 
_chem_comp_atom.type_symbol 
_chem_comp_atom.pdbx_aromatic_flag 
_chem_comp_atom.pdbx_stereo_config 
_chem_comp_atom.pdbx_ordinal 
ALA N    N  N N 1   
ALA CA   C  N S 2   
ALA C    C  N N 3   
ALA O    O  N N 4   
ALA CB   C  N N 5   
ALA OXT  O  N N 6   
ALA H    H  N N 7   
ALA H2   H  N N 8   
ALA HA   H  N N 9   
ALA HB1  H  N N 10  
ALA HB2  H  N N 11  
ALA HB3  H  N N 12  
ALA HXT  H  N N 13  
ARG N    N  N N 14  
ARG CA   C  N S 15  
ARG C    C  N N 16  
ARG O    O  N N 17  
ARG CB   C  N N 18  
ARG CG   C  N N 19  
ARG CD   C  N N 20  
ARG NE   N  N N 21  
ARG CZ   C  N N 22  
ARG NH1  N  N N 23  
ARG NH2  N  N N 24  
ARG OXT  O  N N 25  
ARG H    H  N N 26  
ARG H2   H  N N 27  
ARG HA   H  N N 28  
ARG HB2  H  N N 29  
ARG HB3  H  N N 30  
ARG HG2  H  N N 31  
ARG HG3  H  N N 32  
ARG HD2  H  N N 33  
ARG HD3  H  N N 34  
ARG HE   H  N N 35  
ARG HH11 H  N N 36  
ARG HH12 H  N N 37  
ARG HH21 H  N N 38  
ARG HH22 H  N N 39  
ARG HXT  H  N N 40  
ASN N    N  N N 41  
ASN CA   C  N S 42  
ASN C    C  N N 43  
ASN O    O  N N 44  
ASN CB   C  N N 45  
ASN CG   C  N N 46  
ASN OD1  O  N N 47  
ASN ND2  N  N N 48  
ASN OXT  O  N N 49  
ASN H    H  N N 50  
ASN H2   H  N N 51  
ASN HA   H  N N 52  
ASN HB2  H  N N 53  
ASN HB3  H  N N 54  
ASN HD21 H  N N 55  
ASN HD22 H  N N 56  
ASN HXT  H  N N 57  
ASP N    N  N N 58  
ASP CA   C  N S 59  
ASP C    C  N N 60  
ASP O    O  N N 61  
ASP CB   C  N N 62  
ASP CG   C  N N 63  
ASP OD1  O  N N 64  
ASP OD2  O  N N 65  
ASP OXT  O  N N 66  
ASP H    H  N N 67  
ASP H2   H  N N 68  
ASP HA   H  N N 69  
ASP HB2  H  N N 70  
ASP HB3  H  N N 71  
ASP HD2  H  N N 72  
ASP HXT  H  N N 73  
GLN N    N  N N 74  
GLN CA   C  N S 75  
GLN C    C  N N 76  
GLN O    O  N N 77  
GLN CB   C  N N 78  
GLN CG   C  N N 79  
GLN CD   C  N N 80  
GLN OE1  O  N N 81  
GLN NE2  N  N N 82  
GLN OXT  O  N N 83  
GLN H    H  N N 84  
GLN H2   H  N N 85  
GLN HA   H  N N 86  
GLN HB2  H  N N 87  
GLN HB3  H  N N 88  
GLN HG2  H  N N 89  
GLN HG3  H  N N 90  
GLN HE21 H  N N 91  
GLN HE22 H  N N 92  
GLN HXT  H  N N 93  
GLU N    N  N N 94  
GLU CA   C  N S 95  
GLU C    C  N N 96  
GLU O    O  N N 97  
GLU CB   C  N N 98  
GLU CG   C  N N 99  
GLU CD   C  N N 100 
GLU OE1  O  N N 101 
GLU OE2  O  N N 102 
GLU OXT  O  N N 103 
GLU H    H  N N 104 
GLU H2   H  N N 105 
GLU HA   H  N N 106 
GLU HB2  H  N N 107 
GLU HB3  H  N N 108 
GLU HG2  H  N N 109 
GLU HG3  H  N N 110 
GLU HE2  H  N N 111 
GLU HXT  H  N N 112 
GLY N    N  N N 113 
GLY CA   C  N N 114 
GLY C    C  N N 115 
GLY O    O  N N 116 
GLY OXT  O  N N 117 
GLY H    H  N N 118 
GLY H2   H  N N 119 
GLY HA2  H  N N 120 
GLY HA3  H  N N 121 
GLY HXT  H  N N 122 
GOL C1   C  N N 123 
GOL O1   O  N N 124 
GOL C2   C  N N 125 
GOL O2   O  N N 126 
GOL C3   C  N N 127 
GOL O3   O  N N 128 
GOL H11  H  N N 129 
GOL H12  H  N N 130 
GOL HO1  H  N N 131 
GOL H2   H  N N 132 
GOL HO2  H  N N 133 
GOL H31  H  N N 134 
GOL H32  H  N N 135 
GOL HO3  H  N N 136 
HIS N    N  N N 137 
HIS CA   C  N S 138 
HIS C    C  N N 139 
HIS O    O  N N 140 
HIS CB   C  N N 141 
HIS CG   C  Y N 142 
HIS ND1  N  Y N 143 
HIS CD2  C  Y N 144 
HIS CE1  C  Y N 145 
HIS NE2  N  Y N 146 
HIS OXT  O  N N 147 
HIS H    H  N N 148 
HIS H2   H  N N 149 
HIS HA   H  N N 150 
HIS HB2  H  N N 151 
HIS HB3  H  N N 152 
HIS HD1  H  N N 153 
HIS HD2  H  N N 154 
HIS HE1  H  N N 155 
HIS HE2  H  N N 156 
HIS HXT  H  N N 157 
HOH O    O  N N 158 
HOH H1   H  N N 159 
HOH H2   H  N N 160 
ILE N    N  N N 161 
ILE CA   C  N S 162 
ILE C    C  N N 163 
ILE O    O  N N 164 
ILE CB   C  N S 165 
ILE CG1  C  N N 166 
ILE CG2  C  N N 167 
ILE CD1  C  N N 168 
ILE OXT  O  N N 169 
ILE H    H  N N 170 
ILE H2   H  N N 171 
ILE HA   H  N N 172 
ILE HB   H  N N 173 
ILE HG12 H  N N 174 
ILE HG13 H  N N 175 
ILE HG21 H  N N 176 
ILE HG22 H  N N 177 
ILE HG23 H  N N 178 
ILE HD11 H  N N 179 
ILE HD12 H  N N 180 
ILE HD13 H  N N 181 
ILE HXT  H  N N 182 
LEU N    N  N N 183 
LEU CA   C  N S 184 
LEU C    C  N N 185 
LEU O    O  N N 186 
LEU CB   C  N N 187 
LEU CG   C  N N 188 
LEU CD1  C  N N 189 
LEU CD2  C  N N 190 
LEU OXT  O  N N 191 
LEU H    H  N N 192 
LEU H2   H  N N 193 
LEU HA   H  N N 194 
LEU HB2  H  N N 195 
LEU HB3  H  N N 196 
LEU HG   H  N N 197 
LEU HD11 H  N N 198 
LEU HD12 H  N N 199 
LEU HD13 H  N N 200 
LEU HD21 H  N N 201 
LEU HD22 H  N N 202 
LEU HD23 H  N N 203 
LEU HXT  H  N N 204 
LYS N    N  N N 205 
LYS CA   C  N S 206 
LYS C    C  N N 207 
LYS O    O  N N 208 
LYS CB   C  N N 209 
LYS CG   C  N N 210 
LYS CD   C  N N 211 
LYS CE   C  N N 212 
LYS NZ   N  N N 213 
LYS OXT  O  N N 214 
LYS H    H  N N 215 
LYS H2   H  N N 216 
LYS HA   H  N N 217 
LYS HB2  H  N N 218 
LYS HB3  H  N N 219 
LYS HG2  H  N N 220 
LYS HG3  H  N N 221 
LYS HD2  H  N N 222 
LYS HD3  H  N N 223 
LYS HE2  H  N N 224 
LYS HE3  H  N N 225 
LYS HZ1  H  N N 226 
LYS HZ2  H  N N 227 
LYS HZ3  H  N N 228 
LYS HXT  H  N N 229 
MSE N    N  N N 230 
MSE CA   C  N S 231 
MSE C    C  N N 232 
MSE O    O  N N 233 
MSE OXT  O  N N 234 
MSE CB   C  N N 235 
MSE CG   C  N N 236 
MSE SE   SE N N 237 
MSE CE   C  N N 238 
MSE H    H  N N 239 
MSE H2   H  N N 240 
MSE HA   H  N N 241 
MSE HXT  H  N N 242 
MSE HB2  H  N N 243 
MSE HB3  H  N N 244 
MSE HG2  H  N N 245 
MSE HG3  H  N N 246 
MSE HE1  H  N N 247 
MSE HE2  H  N N 248 
MSE HE3  H  N N 249 
NA  NA   NA N N 250 
PHE N    N  N N 251 
PHE CA   C  N S 252 
PHE C    C  N N 253 
PHE O    O  N N 254 
PHE CB   C  N N 255 
PHE CG   C  Y N 256 
PHE CD1  C  Y N 257 
PHE CD2  C  Y N 258 
PHE CE1  C  Y N 259 
PHE CE2  C  Y N 260 
PHE CZ   C  Y N 261 
PHE OXT  O  N N 262 
PHE H    H  N N 263 
PHE H2   H  N N 264 
PHE HA   H  N N 265 
PHE HB2  H  N N 266 
PHE HB3  H  N N 267 
PHE HD1  H  N N 268 
PHE HD2  H  N N 269 
PHE HE1  H  N N 270 
PHE HE2  H  N N 271 
PHE HZ   H  N N 272 
PHE HXT  H  N N 273 
PRO N    N  N N 274 
PRO CA   C  N S 275 
PRO C    C  N N 276 
PRO O    O  N N 277 
PRO CB   C  N N 278 
PRO CG   C  N N 279 
PRO CD   C  N N 280 
PRO OXT  O  N N 281 
PRO H    H  N N 282 
PRO HA   H  N N 283 
PRO HB2  H  N N 284 
PRO HB3  H  N N 285 
PRO HG2  H  N N 286 
PRO HG3  H  N N 287 
PRO HD2  H  N N 288 
PRO HD3  H  N N 289 
PRO HXT  H  N N 290 
SER N    N  N N 291 
SER CA   C  N S 292 
SER C    C  N N 293 
SER O    O  N N 294 
SER CB   C  N N 295 
SER OG   O  N N 296 
SER OXT  O  N N 297 
SER H    H  N N 298 
SER H2   H  N N 299 
SER HA   H  N N 300 
SER HB2  H  N N 301 
SER HB3  H  N N 302 
SER HG   H  N N 303 
SER HXT  H  N N 304 
THR N    N  N N 305 
THR CA   C  N S 306 
THR C    C  N N 307 
THR O    O  N N 308 
THR CB   C  N R 309 
THR OG1  O  N N 310 
THR CG2  C  N N 311 
THR OXT  O  N N 312 
THR H    H  N N 313 
THR H2   H  N N 314 
THR HA   H  N N 315 
THR HB   H  N N 316 
THR HG1  H  N N 317 
THR HG21 H  N N 318 
THR HG22 H  N N 319 
THR HG23 H  N N 320 
THR HXT  H  N N 321 
TRP N    N  N N 322 
TRP CA   C  N S 323 
TRP C    C  N N 324 
TRP O    O  N N 325 
TRP CB   C  N N 326 
TRP CG   C  Y N 327 
TRP CD1  C  Y N 328 
TRP CD2  C  Y N 329 
TRP NE1  N  Y N 330 
TRP CE2  C  Y N 331 
TRP CE3  C  Y N 332 
TRP CZ2  C  Y N 333 
TRP CZ3  C  Y N 334 
TRP CH2  C  Y N 335 
TRP OXT  O  N N 336 
TRP H    H  N N 337 
TRP H2   H  N N 338 
TRP HA   H  N N 339 
TRP HB2  H  N N 340 
TRP HB3  H  N N 341 
TRP HD1  H  N N 342 
TRP HE1  H  N N 343 
TRP HE3  H  N N 344 
TRP HZ2  H  N N 345 
TRP HZ3  H  N N 346 
TRP HH2  H  N N 347 
TRP HXT  H  N N 348 
TYR N    N  N N 349 
TYR CA   C  N S 350 
TYR C    C  N N 351 
TYR O    O  N N 352 
TYR CB   C  N N 353 
TYR CG   C  Y N 354 
TYR CD1  C  Y N 355 
TYR CD2  C  Y N 356 
TYR CE1  C  Y N 357 
TYR CE2  C  Y N 358 
TYR CZ   C  Y N 359 
TYR OH   O  N N 360 
TYR OXT  O  N N 361 
TYR H    H  N N 362 
TYR H2   H  N N 363 
TYR HA   H  N N 364 
TYR HB2  H  N N 365 
TYR HB3  H  N N 366 
TYR HD1  H  N N 367 
TYR HD2  H  N N 368 
TYR HE1  H  N N 369 
TYR HE2  H  N N 370 
TYR HH   H  N N 371 
TYR HXT  H  N N 372 
VAL N    N  N N 373 
VAL CA   C  N S 374 
VAL C    C  N N 375 
VAL O    O  N N 376 
VAL CB   C  N N 377 
VAL CG1  C  N N 378 
VAL CG2  C  N N 379 
VAL OXT  O  N N 380 
VAL H    H  N N 381 
VAL H2   H  N N 382 
VAL HA   H  N N 383 
VAL HB   H  N N 384 
VAL HG11 H  N N 385 
VAL HG12 H  N N 386 
VAL HG13 H  N N 387 
VAL HG21 H  N N 388 
VAL HG22 H  N N 389 
VAL HG23 H  N N 390 
VAL HXT  H  N N 391 
# 
loop_
_chem_comp_bond.comp_id 
_chem_comp_bond.atom_id_1 
_chem_comp_bond.atom_id_2 
_chem_comp_bond.value_order 
_chem_comp_bond.pdbx_aromatic_flag 
_chem_comp_bond.pdbx_stereo_config 
_chem_comp_bond.pdbx_ordinal 
ALA N   CA   sing N N 1   
ALA N   H    sing N N 2   
ALA N   H2   sing N N 3   
ALA CA  C    sing N N 4   
ALA CA  CB   sing N N 5   
ALA CA  HA   sing N N 6   
ALA C   O    doub N N 7   
ALA C   OXT  sing N N 8   
ALA CB  HB1  sing N N 9   
ALA CB  HB2  sing N N 10  
ALA CB  HB3  sing N N 11  
ALA OXT HXT  sing N N 12  
ARG N   CA   sing N N 13  
ARG N   H    sing N N 14  
ARG N   H2   sing N N 15  
ARG CA  C    sing N N 16  
ARG CA  CB   sing N N 17  
ARG CA  HA   sing N N 18  
ARG C   O    doub N N 19  
ARG C   OXT  sing N N 20  
ARG CB  CG   sing N N 21  
ARG CB  HB2  sing N N 22  
ARG CB  HB3  sing N N 23  
ARG CG  CD   sing N N 24  
ARG CG  HG2  sing N N 25  
ARG CG  HG3  sing N N 26  
ARG CD  NE   sing N N 27  
ARG CD  HD2  sing N N 28  
ARG CD  HD3  sing N N 29  
ARG NE  CZ   sing N N 30  
ARG NE  HE   sing N N 31  
ARG CZ  NH1  sing N N 32  
ARG CZ  NH2  doub N N 33  
ARG NH1 HH11 sing N N 34  
ARG NH1 HH12 sing N N 35  
ARG NH2 HH21 sing N N 36  
ARG NH2 HH22 sing N N 37  
ARG OXT HXT  sing N N 38  
ASN N   CA   sing N N 39  
ASN N   H    sing N N 40  
ASN N   H2   sing N N 41  
ASN CA  C    sing N N 42  
ASN CA  CB   sing N N 43  
ASN CA  HA   sing N N 44  
ASN C   O    doub N N 45  
ASN C   OXT  sing N N 46  
ASN CB  CG   sing N N 47  
ASN CB  HB2  sing N N 48  
ASN CB  HB3  sing N N 49  
ASN CG  OD1  doub N N 50  
ASN CG  ND2  sing N N 51  
ASN ND2 HD21 sing N N 52  
ASN ND2 HD22 sing N N 53  
ASN OXT HXT  sing N N 54  
ASP N   CA   sing N N 55  
ASP N   H    sing N N 56  
ASP N   H2   sing N N 57  
ASP CA  C    sing N N 58  
ASP CA  CB   sing N N 59  
ASP CA  HA   sing N N 60  
ASP C   O    doub N N 61  
ASP C   OXT  sing N N 62  
ASP CB  CG   sing N N 63  
ASP CB  HB2  sing N N 64  
ASP CB  HB3  sing N N 65  
ASP CG  OD1  doub N N 66  
ASP CG  OD2  sing N N 67  
ASP OD2 HD2  sing N N 68  
ASP OXT HXT  sing N N 69  
GLN N   CA   sing N N 70  
GLN N   H    sing N N 71  
GLN N   H2   sing N N 72  
GLN CA  C    sing N N 73  
GLN CA  CB   sing N N 74  
GLN CA  HA   sing N N 75  
GLN C   O    doub N N 76  
GLN C   OXT  sing N N 77  
GLN CB  CG   sing N N 78  
GLN CB  HB2  sing N N 79  
GLN CB  HB3  sing N N 80  
GLN CG  CD   sing N N 81  
GLN CG  HG2  sing N N 82  
GLN CG  HG3  sing N N 83  
GLN CD  OE1  doub N N 84  
GLN CD  NE2  sing N N 85  
GLN NE2 HE21 sing N N 86  
GLN NE2 HE22 sing N N 87  
GLN OXT HXT  sing N N 88  
GLU N   CA   sing N N 89  
GLU N   H    sing N N 90  
GLU N   H2   sing N N 91  
GLU CA  C    sing N N 92  
GLU CA  CB   sing N N 93  
GLU CA  HA   sing N N 94  
GLU C   O    doub N N 95  
GLU C   OXT  sing N N 96  
GLU CB  CG   sing N N 97  
GLU CB  HB2  sing N N 98  
GLU CB  HB3  sing N N 99  
GLU CG  CD   sing N N 100 
GLU CG  HG2  sing N N 101 
GLU CG  HG3  sing N N 102 
GLU CD  OE1  doub N N 103 
GLU CD  OE2  sing N N 104 
GLU OE2 HE2  sing N N 105 
GLU OXT HXT  sing N N 106 
GLY N   CA   sing N N 107 
GLY N   H    sing N N 108 
GLY N   H2   sing N N 109 
GLY CA  C    sing N N 110 
GLY CA  HA2  sing N N 111 
GLY CA  HA3  sing N N 112 
GLY C   O    doub N N 113 
GLY C   OXT  sing N N 114 
GLY OXT HXT  sing N N 115 
GOL C1  O1   sing N N 116 
GOL C1  C2   sing N N 117 
GOL C1  H11  sing N N 118 
GOL C1  H12  sing N N 119 
GOL O1  HO1  sing N N 120 
GOL C2  O2   sing N N 121 
GOL C2  C3   sing N N 122 
GOL C2  H2   sing N N 123 
GOL O2  HO2  sing N N 124 
GOL C3  O3   sing N N 125 
GOL C3  H31  sing N N 126 
GOL C3  H32  sing N N 127 
GOL O3  HO3  sing N N 128 
HIS N   CA   sing N N 129 
HIS N   H    sing N N 130 
HIS N   H2   sing N N 131 
HIS CA  C    sing N N 132 
HIS CA  CB   sing N N 133 
HIS CA  HA   sing N N 134 
HIS C   O    doub N N 135 
HIS C   OXT  sing N N 136 
HIS CB  CG   sing N N 137 
HIS CB  HB2  sing N N 138 
HIS CB  HB3  sing N N 139 
HIS CG  ND1  sing Y N 140 
HIS CG  CD2  doub Y N 141 
HIS ND1 CE1  doub Y N 142 
HIS ND1 HD1  sing N N 143 
HIS CD2 NE2  sing Y N 144 
HIS CD2 HD2  sing N N 145 
HIS CE1 NE2  sing Y N 146 
HIS CE1 HE1  sing N N 147 
HIS NE2 HE2  sing N N 148 
HIS OXT HXT  sing N N 149 
HOH O   H1   sing N N 150 
HOH O   H2   sing N N 151 
ILE N   CA   sing N N 152 
ILE N   H    sing N N 153 
ILE N   H2   sing N N 154 
ILE CA  C    sing N N 155 
ILE CA  CB   sing N N 156 
ILE CA  HA   sing N N 157 
ILE C   O    doub N N 158 
ILE C   OXT  sing N N 159 
ILE CB  CG1  sing N N 160 
ILE CB  CG2  sing N N 161 
ILE CB  HB   sing N N 162 
ILE CG1 CD1  sing N N 163 
ILE CG1 HG12 sing N N 164 
ILE CG1 HG13 sing N N 165 
ILE CG2 HG21 sing N N 166 
ILE CG2 HG22 sing N N 167 
ILE CG2 HG23 sing N N 168 
ILE CD1 HD11 sing N N 169 
ILE CD1 HD12 sing N N 170 
ILE CD1 HD13 sing N N 171 
ILE OXT HXT  sing N N 172 
LEU N   CA   sing N N 173 
LEU N   H    sing N N 174 
LEU N   H2   sing N N 175 
LEU CA  C    sing N N 176 
LEU CA  CB   sing N N 177 
LEU CA  HA   sing N N 178 
LEU C   O    doub N N 179 
LEU C   OXT  sing N N 180 
LEU CB  CG   sing N N 181 
LEU CB  HB2  sing N N 182 
LEU CB  HB3  sing N N 183 
LEU CG  CD1  sing N N 184 
LEU CG  CD2  sing N N 185 
LEU CG  HG   sing N N 186 
LEU CD1 HD11 sing N N 187 
LEU CD1 HD12 sing N N 188 
LEU CD1 HD13 sing N N 189 
LEU CD2 HD21 sing N N 190 
LEU CD2 HD22 sing N N 191 
LEU CD2 HD23 sing N N 192 
LEU OXT HXT  sing N N 193 
LYS N   CA   sing N N 194 
LYS N   H    sing N N 195 
LYS N   H2   sing N N 196 
LYS CA  C    sing N N 197 
LYS CA  CB   sing N N 198 
LYS CA  HA   sing N N 199 
LYS C   O    doub N N 200 
LYS C   OXT  sing N N 201 
LYS CB  CG   sing N N 202 
LYS CB  HB2  sing N N 203 
LYS CB  HB3  sing N N 204 
LYS CG  CD   sing N N 205 
LYS CG  HG2  sing N N 206 
LYS CG  HG3  sing N N 207 
LYS CD  CE   sing N N 208 
LYS CD  HD2  sing N N 209 
LYS CD  HD3  sing N N 210 
LYS CE  NZ   sing N N 211 
LYS CE  HE2  sing N N 212 
LYS CE  HE3  sing N N 213 
LYS NZ  HZ1  sing N N 214 
LYS NZ  HZ2  sing N N 215 
LYS NZ  HZ3  sing N N 216 
LYS OXT HXT  sing N N 217 
MSE N   CA   sing N N 218 
MSE N   H    sing N N 219 
MSE N   H2   sing N N 220 
MSE CA  C    sing N N 221 
MSE CA  CB   sing N N 222 
MSE CA  HA   sing N N 223 
MSE C   O    doub N N 224 
MSE C   OXT  sing N N 225 
MSE OXT HXT  sing N N 226 
MSE CB  CG   sing N N 227 
MSE CB  HB2  sing N N 228 
MSE CB  HB3  sing N N 229 
MSE CG  SE   sing N N 230 
MSE CG  HG2  sing N N 231 
MSE CG  HG3  sing N N 232 
MSE SE  CE   sing N N 233 
MSE CE  HE1  sing N N 234 
MSE CE  HE2  sing N N 235 
MSE CE  HE3  sing N N 236 
PHE N   CA   sing N N 237 
PHE N   H    sing N N 238 
PHE N   H2   sing N N 239 
PHE CA  C    sing N N 240 
PHE CA  CB   sing N N 241 
PHE CA  HA   sing N N 242 
PHE C   O    doub N N 243 
PHE C   OXT  sing N N 244 
PHE CB  CG   sing N N 245 
PHE CB  HB2  sing N N 246 
PHE CB  HB3  sing N N 247 
PHE CG  CD1  doub Y N 248 
PHE CG  CD2  sing Y N 249 
PHE CD1 CE1  sing Y N 250 
PHE CD1 HD1  sing N N 251 
PHE CD2 CE2  doub Y N 252 
PHE CD2 HD2  sing N N 253 
PHE CE1 CZ   doub Y N 254 
PHE CE1 HE1  sing N N 255 
PHE CE2 CZ   sing Y N 256 
PHE CE2 HE2  sing N N 257 
PHE CZ  HZ   sing N N 258 
PHE OXT HXT  sing N N 259 
PRO N   CA   sing N N 260 
PRO N   CD   sing N N 261 
PRO N   H    sing N N 262 
PRO CA  C    sing N N 263 
PRO CA  CB   sing N N 264 
PRO CA  HA   sing N N 265 
PRO C   O    doub N N 266 
PRO C   OXT  sing N N 267 
PRO CB  CG   sing N N 268 
PRO CB  HB2  sing N N 269 
PRO CB  HB3  sing N N 270 
PRO CG  CD   sing N N 271 
PRO CG  HG2  sing N N 272 
PRO CG  HG3  sing N N 273 
PRO CD  HD2  sing N N 274 
PRO CD  HD3  sing N N 275 
PRO OXT HXT  sing N N 276 
SER N   CA   sing N N 277 
SER N   H    sing N N 278 
SER N   H2   sing N N 279 
SER CA  C    sing N N 280 
SER CA  CB   sing N N 281 
SER CA  HA   sing N N 282 
SER C   O    doub N N 283 
SER C   OXT  sing N N 284 
SER CB  OG   sing N N 285 
SER CB  HB2  sing N N 286 
SER CB  HB3  sing N N 287 
SER OG  HG   sing N N 288 
SER OXT HXT  sing N N 289 
THR N   CA   sing N N 290 
THR N   H    sing N N 291 
THR N   H2   sing N N 292 
THR CA  C    sing N N 293 
THR CA  CB   sing N N 294 
THR CA  HA   sing N N 295 
THR C   O    doub N N 296 
THR C   OXT  sing N N 297 
THR CB  OG1  sing N N 298 
THR CB  CG2  sing N N 299 
THR CB  HB   sing N N 300 
THR OG1 HG1  sing N N 301 
THR CG2 HG21 sing N N 302 
THR CG2 HG22 sing N N 303 
THR CG2 HG23 sing N N 304 
THR OXT HXT  sing N N 305 
TRP N   CA   sing N N 306 
TRP N   H    sing N N 307 
TRP N   H2   sing N N 308 
TRP CA  C    sing N N 309 
TRP CA  CB   sing N N 310 
TRP CA  HA   sing N N 311 
TRP C   O    doub N N 312 
TRP C   OXT  sing N N 313 
TRP CB  CG   sing N N 314 
TRP CB  HB2  sing N N 315 
TRP CB  HB3  sing N N 316 
TRP CG  CD1  doub Y N 317 
TRP CG  CD2  sing Y N 318 
TRP CD1 NE1  sing Y N 319 
TRP CD1 HD1  sing N N 320 
TRP CD2 CE2  doub Y N 321 
TRP CD2 CE3  sing Y N 322 
TRP NE1 CE2  sing Y N 323 
TRP NE1 HE1  sing N N 324 
TRP CE2 CZ2  sing Y N 325 
TRP CE3 CZ3  doub Y N 326 
TRP CE3 HE3  sing N N 327 
TRP CZ2 CH2  doub Y N 328 
TRP CZ2 HZ2  sing N N 329 
TRP CZ3 CH2  sing Y N 330 
TRP CZ3 HZ3  sing N N 331 
TRP CH2 HH2  sing N N 332 
TRP OXT HXT  sing N N 333 
TYR N   CA   sing N N 334 
TYR N   H    sing N N 335 
TYR N   H2   sing N N 336 
TYR CA  C    sing N N 337 
TYR CA  CB   sing N N 338 
TYR CA  HA   sing N N 339 
TYR C   O    doub N N 340 
TYR C   OXT  sing N N 341 
TYR CB  CG   sing N N 342 
TYR CB  HB2  sing N N 343 
TYR CB  HB3  sing N N 344 
TYR CG  CD1  doub Y N 345 
TYR CG  CD2  sing Y N 346 
TYR CD1 CE1  sing Y N 347 
TYR CD1 HD1  sing N N 348 
TYR CD2 CE2  doub Y N 349 
TYR CD2 HD2  sing N N 350 
TYR CE1 CZ   doub Y N 351 
TYR CE1 HE1  sing N N 352 
TYR CE2 CZ   sing Y N 353 
TYR CE2 HE2  sing N N 354 
TYR CZ  OH   sing N N 355 
TYR OH  HH   sing N N 356 
TYR OXT HXT  sing N N 357 
VAL N   CA   sing N N 358 
VAL N   H    sing N N 359 
VAL N   H2   sing N N 360 
VAL CA  C    sing N N 361 
VAL CA  CB   sing N N 362 
VAL CA  HA   sing N N 363 
VAL C   O    doub N N 364 
VAL C   OXT  sing N N 365 
VAL CB  CG1  sing N N 366 
VAL CB  CG2  sing N N 367 
VAL CB  HB   sing N N 368 
VAL CG1 HG11 sing N N 369 
VAL CG1 HG12 sing N N 370 
VAL CG1 HG13 sing N N 371 
VAL CG2 HG21 sing N N 372 
VAL CG2 HG22 sing N N 373 
VAL CG2 HG23 sing N N 374 
VAL OXT HXT  sing N N 375 
# 
_atom_sites.entry_id                    3L9A 
_atom_sites.fract_transf_matrix[1][1]   -0.00124670 
_atom_sites.fract_transf_matrix[1][2]   0.00045042 
_atom_sites.fract_transf_matrix[1][3]   0.01554860 
_atom_sites.fract_transf_matrix[2][1]   -0.00912069 
_atom_sites.fract_transf_matrix[2][2]   0.01261453 
_atom_sites.fract_transf_matrix[2][3]   -0.00109672 
_atom_sites.fract_transf_matrix[3][1]   -0.02019970 
_atom_sites.fract_transf_matrix[3][2]   -0.01470876 
_atom_sites.fract_transf_matrix[3][3]   -0.00119354 
_atom_sites.fract_transf_vector[1]      0.401182 
_atom_sites.fract_transf_vector[2]      0.250729 
_atom_sites.fract_transf_vector[3]      0.250679 
# 
loop_
_atom_type.symbol 
C  
N  
NA 
O  
SE 
# 
loop_
_atom_site.group_PDB 
_atom_site.id 
_atom_site.type_symbol 
_atom_site.label_atom_id 
_atom_site.label_alt_id 
_atom_site.label_comp_id 
_atom_site.label_asym_id 
_atom_site.label_entity_id 
_atom_site.label_seq_id 
_atom_site.pdbx_PDB_ins_code 
_atom_site.Cartn_x 
_atom_site.Cartn_y 
_atom_site.Cartn_z 
_atom_site.occupancy 
_atom_site.B_iso_or_equiv 
_atom_site.pdbx_formal_charge 
_atom_site.auth_seq_id 
_atom_site.auth_comp_id 
_atom_site.auth_asym_id 
_atom_site.auth_atom_id 
_atom_site.pdbx_PDB_model_num 
HETATM 1   N  N   A MSE A 1 8  ? -9.636  10.597  -0.590  0.50 13.31 ? 159 MSE X N   1 
HETATM 2   N  N   B MSE A 1 8  ? -9.529  10.783  -0.441  0.50 14.57 ? 159 MSE X N   1 
HETATM 3   C  CA  A MSE A 1 8  ? -9.876  9.130   -0.666  0.50 13.50 ? 159 MSE X CA  1 
HETATM 4   C  CA  B MSE A 1 8  ? -10.225 9.472   -0.338  0.50 14.66 ? 159 MSE X CA  1 
HETATM 5   C  C   A MSE A 1 8  ? -9.513  8.442   0.648   0.50 13.43 ? 159 MSE X C   1 
HETATM 6   C  C   B MSE A 1 8  ? -9.685  8.635   0.821   0.50 14.06 ? 159 MSE X C   1 
HETATM 7   O  O   A MSE A 1 8  ? -8.471  8.738   1.234   0.50 13.68 ? 159 MSE X O   1 
HETATM 8   O  O   B MSE A 1 8  ? -8.655  8.961   1.417   0.50 14.06 ? 159 MSE X O   1 
HETATM 9   C  CB  A MSE A 1 8  ? -9.088  8.526   -1.834  0.50 13.61 ? 159 MSE X CB  1 
HETATM 10  C  CB  B MSE A 1 8  ? -10.115 8.702   -1.656  0.50 14.83 ? 159 MSE X CB  1 
HETATM 11  C  CG  A MSE A 1 8  ? -9.044  6.999   -1.879  0.50 12.13 ? 159 MSE X CG  1 
HETATM 12  C  CG  B MSE A 1 8  ? -8.721  8.217   -1.937  0.50 16.43 ? 159 MSE X CG  1 
HETATM 13  SE SE  A MSE A 1 8  ? -10.816 6.183   -2.011  0.25 11.02 ? 159 MSE X SE  1 
HETATM 14  SE SE  B MSE A 1 8  ? -8.721  6.713   -3.131  0.25 17.73 ? 159 MSE X SE  1 
HETATM 15  C  CE  A MSE A 1 8  ? -10.318 4.396   -1.458  0.50 11.80 ? 159 MSE X CE  1 
HETATM 16  C  CE  B MSE A 1 8  ? -9.864  5.503   -2.119  0.50 17.51 ? 159 MSE X CE  1 
ATOM   17  N  N   . ARG A 1 9  ? -10.396 7.547   1.105   1.00 13.45 ? 160 ARG X N   1 
ATOM   18  C  CA  . ARG A 1 9  ? -10.121 6.638   2.225   1.00 12.55 ? 160 ARG X CA  1 
ATOM   19  C  C   . ARG A 1 9  ? -8.818  5.860   2.040   1.00 10.33 ? 160 ARG X C   1 
ATOM   20  O  O   . ARG A 1 9  ? -8.293  5.772   0.940   1.00 9.89  ? 160 ARG X O   1 
ATOM   21  C  CB  . ARG A 1 9  ? -11.301 5.656   2.402   1.00 14.04 ? 160 ARG X CB  1 
ATOM   22  C  CG  . ARG A 1 9  ? -11.579 4.730   1.244   1.00 17.90 ? 160 ARG X CG  1 
ATOM   23  C  CD  . ARG A 1 9  ? -12.976 4.092   1.308   1.00 24.13 ? 160 ARG X CD  1 
ATOM   24  N  NE  . ARG A 1 9  ? -14.013 4.891   0.649   1.00 24.28 ? 160 ARG X NE  1 
ATOM   25  C  CZ  . ARG A 1 9  ? -15.080 5.408   1.262   1.00 34.13 ? 160 ARG X CZ  1 
ATOM   26  N  NH1 . ARG A 1 9  ? -15.271 5.216   2.563   1.00 28.67 ? 160 ARG X NH1 1 
ATOM   27  N  NH2 . ARG A 1 9  ? -15.969 6.118   0.572   1.00 27.62 ? 160 ARG X NH2 1 
ATOM   28  N  N   . ASP A 1 10 ? -8.298  5.308   3.129   1.00 8.12  ? 161 ASP X N   1 
ATOM   29  C  CA  . ASP A 1 10 ? -7.143  4.430   3.034   1.00 6.97  ? 161 ASP X CA  1 
ATOM   30  C  C   . ASP A 1 10 ? -7.543  3.123   2.332   1.00 6.52  ? 161 ASP X C   1 
ATOM   31  O  O   . ASP A 1 10 ? -8.707  2.718   2.371   1.00 7.02  ? 161 ASP X O   1 
ATOM   32  C  CB  . ASP A 1 10 ? -6.622  4.107   4.432   1.00 6.77  ? 161 ASP X CB  1 
ATOM   33  C  CG  . ASP A 1 10 ? -6.139  5.327   5.200   1.00 6.87  ? 161 ASP X CG  1 
ATOM   34  O  OD1 . ASP A 1 10 ? -5.837  6.381   4.589   1.00 7.41  ? 161 ASP X OD1 1 
ATOM   35  O  OD2 . ASP A 1 10 ? -6.040  5.211   6.442   1.00 7.82  ? 161 ASP X OD2 1 
ATOM   36  N  N   . PHE A 1 11 ? -6.579  2.460   1.708   1.00 5.90  ? 162 PHE X N   1 
ATOM   37  C  CA  . PHE A 1 11 ? -6.838  1.173   1.062   1.00 5.75  ? 162 PHE X CA  1 
ATOM   38  C  C   . PHE A 1 11 ? -5.575  0.340   1.043   1.00 5.41  ? 162 PHE X C   1 
ATOM   39  O  O   . PHE A 1 11 ? -4.473  0.866   1.226   1.00 5.93  ? 162 PHE X O   1 
ATOM   40  C  CB  . PHE A 1 11 ? -7.419  1.342   -0.353  1.00 5.93  ? 162 PHE X CB  1 
ATOM   41  C  CG  . PHE A 1 11 ? -6.549  2.136   -1.313  1.00 5.89  ? 162 PHE X CG  1 
ATOM   42  C  CD1 . PHE A 1 11 ? -5.625  1.500   -2.133  1.00 6.75  ? 162 PHE X CD1 1 
ATOM   43  C  CD2 . PHE A 1 11 ? -6.704  3.509   -1.445  1.00 8.02  ? 162 PHE X CD2 1 
ATOM   44  C  CE1 . PHE A 1 11 ? -4.866  2.219   -3.061  1.00 6.88  ? 162 PHE X CE1 1 
ATOM   45  C  CE2 . PHE A 1 11 ? -5.928  4.240   -2.361  1.00 8.93  ? 162 PHE X CE2 1 
ATOM   46  C  CZ  . PHE A 1 11 ? -5.022  3.586   -3.171  1.00 7.60  ? 162 PHE X CZ  1 
ATOM   47  N  N   . PHE A 1 12 ? -5.737  -0.962  0.823   1.00 5.25  ? 163 PHE X N   1 
ATOM   48  C  CA  . PHE A 1 12 ? -4.598  -1.852  0.633   1.00 5.09  ? 163 PHE X CA  1 
ATOM   49  C  C   . PHE A 1 12 ? -4.422  -2.217  -0.838  1.00 5.11  ? 163 PHE X C   1 
ATOM   50  O  O   . PHE A 1 12 ? -5.405  -2.357  -1.584  1.00 5.29  ? 163 PHE X O   1 
ATOM   51  C  CB  . PHE A 1 12 ? -4.827  -3.187  1.348   1.00 5.51  ? 163 PHE X CB  1 
ATOM   52  C  CG  . PHE A 1 12 ? -4.703  -3.158  2.851   1.00 5.34  ? 163 PHE X CG  1 
ATOM   53  C  CD1 . PHE A 1 12 ? -3.541  -2.709  3.484   1.00 5.50  ? 163 PHE X CD1 1 
ATOM   54  C  CD2 . PHE A 1 12 ? -5.727  -3.682  3.632   1.00 5.91  ? 163 PHE X CD2 1 
ATOM   55  C  CE1 . PHE A 1 12 ? -3.431  -2.759  4.883   1.00 6.47  ? 163 PHE X CE1 1 
ATOM   56  C  CE2 . PHE A 1 12 ? -5.618  -3.734  5.020   1.00 6.38  ? 163 PHE X CE2 1 
ATOM   57  C  CZ  . PHE A 1 12 ? -4.472  -3.275  5.641   1.00 6.27  ? 163 PHE X CZ  1 
ATOM   58  N  N   . VAL A 1 13 ? -3.168  -2.421  -1.228  1.00 5.05  ? 164 VAL X N   1 
ATOM   59  C  CA  . VAL A 1 13 ? -2.846  -3.152  -2.452  1.00 5.61  ? 164 VAL X CA  1 
ATOM   60  C  C   . VAL A 1 13 ? -1.844  -4.241  -2.083  1.00 5.62  ? 164 VAL X C   1 
ATOM   61  O  O   . VAL A 1 13 ? -1.223  -4.186  -1.018  1.00 6.37  ? 164 VAL X O   1 
ATOM   62  C  CB  . VAL A 1 13 ? -2.285  -2.246  -3.593  1.00 5.71  ? 164 VAL X CB  1 
ATOM   63  C  CG1 . VAL A 1 13 ? -3.293  -1.172  -3.981  1.00 6.69  ? 164 VAL X CG1 1 
ATOM   64  C  CG2 . VAL A 1 13 ? -0.955  -1.628  -3.224  1.00 6.87  ? 164 VAL X CG2 1 
ATOM   65  N  N   . ILE A 1 14 ? -1.696  -5.225  -2.968  1.00 5.30  ? 165 ILE X N   1 
ATOM   66  C  CA  . ILE A 1 14 ? -0.738  -6.315  -2.769  1.00 5.94  ? 165 ILE X CA  1 
ATOM   67  C  C   . ILE A 1 14 ? 0.112   -6.399  -4.022  1.00 5.58  ? 165 ILE X C   1 
ATOM   68  O  O   . ILE A 1 14 ? -0.423  -6.452  -5.124  1.00 6.00  ? 165 ILE X O   1 
ATOM   69  C  CB  . ILE A 1 14 ? -1.427  -7.673  -2.497  1.00 6.02  ? 165 ILE X CB  1 
ATOM   70  C  CG1 . ILE A 1 14 ? -2.475  -7.543  -1.391  1.00 6.96  ? 165 ILE X CG1 1 
ATOM   71  C  CG2 . ILE A 1 14 ? -0.385  -8.729  -2.139  1.00 7.27  ? 165 ILE X CG2 1 
ATOM   72  C  CD1 . ILE A 1 14 ? -3.145  -8.848  -1.008  1.00 8.50  ? 165 ILE X CD1 1 
ATOM   73  N  N   . THR A 1 15 ? 1.433   -6.401  -3.871  1.00 5.69  ? 166 THR X N   1 
ATOM   74  C  CA  . THR A 1 15 ? 2.299   -6.418  -5.060  1.00 5.92  ? 166 THR X CA  1 
ATOM   75  C  C   . THR A 1 15 ? 2.188   -7.737  -5.815  1.00 6.58  ? 166 THR X C   1 
ATOM   76  O  O   . THR A 1 15 ? 2.103   -8.815  -5.207  1.00 6.70  ? 166 THR X O   1 
ATOM   77  C  CB  . THR A 1 15 ? 3.757   -6.157  -4.709  1.00 5.91  ? 166 THR X CB  1 
ATOM   78  O  OG1 . THR A 1 15 ? 4.218   -7.222  -3.877  1.00 6.30  ? 166 THR X OG1 1 
ATOM   79  C  CG2 . THR A 1 15 ? 3.921   -4.803  -4.006  1.00 6.77  ? 166 THR X CG2 1 
ATOM   80  N  N   A ASN A 1 16 ? 2.200   -7.644  -7.145  0.60 6.89  ? 167 ASN X N   1 
ATOM   81  N  N   B ASN A 1 16 ? 2.199   -7.620  -7.140  0.40 6.80  ? 167 ASN X N   1 
ATOM   82  C  CA  A ASN A 1 16 ? 2.068   -8.824  -8.000  0.60 7.40  ? 167 ASN X CA  1 
ATOM   83  C  CA  B ASN A 1 16 ? 2.085   -8.748  -8.054  0.40 7.23  ? 167 ASN X CA  1 
ATOM   84  C  C   A ASN A 1 16 ? 3.369   -9.592  -8.214  0.60 7.77  ? 167 ASN X C   1 
ATOM   85  C  C   B ASN A 1 16 ? 3.347   -9.616  -8.092  0.40 7.56  ? 167 ASN X C   1 
ATOM   86  O  O   A ASN A 1 16 ? 3.351   -10.700 -8.748  0.60 7.69  ? 167 ASN X O   1 
ATOM   87  O  O   B ASN A 1 16 ? 3.272   -10.821 -8.344  0.40 7.58  ? 167 ASN X O   1 
ATOM   88  C  CB  A ASN A 1 16 ? 1.477   -8.444  -9.364  0.60 7.90  ? 167 ASN X CB  1 
ATOM   89  C  CB  B ASN A 1 16 ? 1.778   -8.210  -9.457  0.40 7.42  ? 167 ASN X CB  1 
ATOM   90  C  CG  A ASN A 1 16 ? 2.462   -7.691  -10.252 0.60 9.09  ? 167 ASN X CG  1 
ATOM   91  C  CG  B ASN A 1 16 ? 1.542   -9.306  -10.472 0.40 8.26  ? 167 ASN X CG  1 
ATOM   92  O  OD1 A ASN A 1 16 ? 3.473   -7.170  -9.786  0.60 10.15 ? 167 ASN X OD1 1 
ATOM   93  O  OD1 B ASN A 1 16 ? 0.710   -10.185 -10.277 0.40 8.93  ? 167 ASN X OD1 1 
ATOM   94  N  ND2 A ASN A 1 16 ? 2.149   -7.619  -11.544 0.60 12.33 ? 167 ASN X ND2 1 
ATOM   95  N  ND2 B ASN A 1 16 ? 2.280   -9.251  -11.570 0.40 9.11  ? 167 ASN X ND2 1 
ATOM   96  N  N   . SER A 1 17 ? 4.493   -8.991  -7.825  1.00 7.77  ? 168 SER X N   1 
ATOM   97  C  CA  . SER A 1 17 ? 5.810   -9.581  -8.045  1.00 7.56  ? 168 SER X CA  1 
ATOM   98  C  C   . SER A 1 17 ? 6.792   -8.790  -7.192  1.00 7.29  ? 168 SER X C   1 
ATOM   99  O  O   . SER A 1 17 ? 6.424   -7.798  -6.561  1.00 7.42  ? 168 SER X O   1 
ATOM   100 C  CB  . SER A 1 17 ? 6.204   -9.492  -9.527  1.00 7.85  ? 168 SER X CB  1 
ATOM   101 O  OG  . SER A 1 17 ? 6.212   -8.143  -9.965  1.00 9.72  ? 168 SER X OG  1 
ATOM   102 N  N   . GLU A 1 18 ? 8.042   -9.239  -7.176  1.00 7.31  ? 169 GLU X N   1 
ATOM   103 C  CA  . GLU A 1 18 ? 9.117   -8.566  -6.473  1.00 7.90  ? 169 GLU X CA  1 
ATOM   104 C  C   . GLU A 1 18 ? 9.689   -7.455  -7.352  1.00 7.27  ? 169 GLU X C   1 
ATOM   105 O  O   . GLU A 1 18 ? 10.034  -7.687  -8.525  1.00 8.78  ? 169 GLU X O   1 
ATOM   106 C  CB  . GLU A 1 18 ? 10.196  -9.589  -6.111  1.00 8.70  ? 169 GLU X CB  1 
ATOM   107 C  CG  . GLU A 1 18 ? 11.391  -9.013  -5.369  1.00 9.97  ? 169 GLU X CG  1 
ATOM   108 C  CD  . GLU A 1 18 ? 12.244  -10.076 -4.703  0.70 11.74 ? 169 GLU X CD  1 
ATOM   109 O  OE1 . GLU A 1 18 ? 13.442  -9.826  -4.507  0.70 11.93 ? 169 GLU X OE1 1 
ATOM   110 O  OE2 . GLU A 1 18 ? 11.730  -11.168 -4.368  0.70 15.75 ? 169 GLU X OE2 1 
ATOM   111 N  N   . TYR A 1 19 ? 9.751   -6.242  -6.806  1.00 6.44  ? 170 TYR X N   1 
ATOM   112 C  CA  . TYR A 1 19 ? 10.273  -5.113  -7.562  1.00 6.16  ? 170 TYR X CA  1 
ATOM   113 C  C   . TYR A 1 19 ? 10.653  -3.968  -6.651  1.00 6.01  ? 170 TYR X C   1 
ATOM   114 O  O   . TYR A 1 19 ? 10.231  -3.917  -5.494  1.00 6.28  ? 170 TYR X O   1 
ATOM   115 C  CB  . TYR A 1 19 ? 9.288   -4.642  -8.645  1.00 6.64  ? 170 TYR X CB  1 
ATOM   116 C  CG  . TYR A 1 19 ? 7.876   -4.332  -8.206  1.00 6.53  ? 170 TYR X CG  1 
ATOM   117 C  CD1 . TYR A 1 19 ? 7.569   -3.169  -7.489  1.00 6.47  ? 170 TYR X CD1 1 
ATOM   118 C  CD2 . TYR A 1 19 ? 6.827   -5.172  -8.571  1.00 6.62  ? 170 TYR X CD2 1 
ATOM   119 C  CE1 . TYR A 1 19 ? 6.255   -2.865  -7.133  1.00 7.12  ? 170 TYR X CE1 1 
ATOM   120 C  CE2 . TYR A 1 19 ? 5.510   -4.882  -8.216  1.00 6.48  ? 170 TYR X CE2 1 
ATOM   121 C  CZ  . TYR A 1 19 ? 5.233   -3.718  -7.501  1.00 6.14  ? 170 TYR X CZ  1 
ATOM   122 O  OH  . TYR A 1 19 ? 3.931   -3.393  -7.161  1.00 7.06  ? 170 TYR X OH  1 
ATOM   123 N  N   . THR A 1 20 ? 11.448  -3.046  -7.194  1.00 5.70  ? 171 THR X N   1 
ATOM   124 C  CA  . THR A 1 20 ? 11.666  -1.754  -6.546  1.00 5.76  ? 171 THR X CA  1 
ATOM   125 C  C   . THR A 1 20 ? 10.782  -0.718  -7.216  1.00 5.84  ? 171 THR X C   1 
ATOM   126 O  O   . THR A 1 20 ? 10.782  -0.592  -8.448  1.00 6.24  ? 171 THR X O   1 
ATOM   127 C  CB  . THR A 1 20 ? 13.129  -1.304  -6.680  1.00 5.90  ? 171 THR X CB  1 
ATOM   128 O  OG1 . THR A 1 20 ? 13.965  -2.283  -6.049  1.00 6.43  ? 171 THR X OG1 1 
ATOM   129 C  CG2 . THR A 1 20 ? 13.363  0.056   -6.030  1.00 5.95  ? 171 THR X CG2 1 
ATOM   130 N  N   . PHE A 1 21 ? 10.011  0.003   -6.404  1.00 5.44  ? 172 PHE X N   1 
ATOM   131 C  CA  . PHE A 1 21 ? 9.198   1.109   -6.889  1.00 5.77  ? 172 PHE X CA  1 
ATOM   132 C  C   . PHE A 1 21 ? 9.521   2.335   -6.048  1.00 5.91  ? 172 PHE X C   1 
ATOM   133 O  O   . PHE A 1 21 ? 9.591   2.241   -4.823  1.00 6.16  ? 172 PHE X O   1 
ATOM   134 C  CB  . PHE A 1 21 ? 7.694   0.800   -6.826  1.00 6.62  ? 172 PHE X CB  1 
ATOM   135 C  CG  . PHE A 1 21 ? 6.862   1.945   -7.324  1.00 5.82  ? 172 PHE X CG  1 
ATOM   136 C  CD1 . PHE A 1 21 ? 6.690   2.145   -8.694  1.00 6.14  ? 172 PHE X CD1 1 
ATOM   137 C  CD2 . PHE A 1 21 ? 6.326   2.876   -6.434  1.00 6.69  ? 172 PHE X CD2 1 
ATOM   138 C  CE1 . PHE A 1 21 ? 5.957   3.237   -9.162  1.00 6.54  ? 172 PHE X CE1 1 
ATOM   139 C  CE2 . PHE A 1 21 ? 5.616   3.962   -6.894  1.00 7.12  ? 172 PHE X CE2 1 
ATOM   140 C  CZ  . PHE A 1 21 ? 5.423   4.144   -8.257  1.00 7.03  ? 172 PHE X CZ  1 
ATOM   141 N  N   . ALA A 1 22 ? 9.750   3.475   -6.706  1.00 6.61  ? 173 ALA X N   1 
ATOM   142 C  CA  . ALA A 1 22 ? 10.077  4.722   -6.003  1.00 7.31  ? 173 ALA X CA  1 
ATOM   143 C  C   . ALA A 1 22 ? 11.219  4.513   -4.993  1.00 6.90  ? 173 ALA X C   1 
ATOM   144 O  O   . ALA A 1 22 ? 11.201  5.039   -3.870  1.00 7.60  ? 173 ALA X O   1 
ATOM   145 C  CB  . ALA A 1 22 ? 8.830   5.325   -5.336  1.00 8.84  ? 173 ALA X CB  1 
ATOM   146 N  N   . GLY A 1 23 ? 12.210  3.725   -5.399  1.00 6.60  ? 174 GLY X N   1 
ATOM   147 C  CA  . GLY A 1 23 ? 13.381  3.482   -4.578  1.00 6.54  ? 174 GLY X CA  1 
ATOM   148 C  C   . GLY A 1 23 ? 13.215  2.476   -3.456  1.00 6.32  ? 174 GLY X C   1 
ATOM   149 O  O   . GLY A 1 23 ? 14.173  2.232   -2.725  1.00 7.65  ? 174 GLY X O   1 
ATOM   150 N  N   . VAL A 1 24 ? 12.021  1.894   -3.321  1.00 5.97  ? 175 VAL X N   1 
ATOM   151 C  CA  . VAL A 1 24 ? 11.719  0.972   -2.229  1.00 6.29  ? 175 VAL X CA  1 
ATOM   152 C  C   . VAL A 1 24 ? 11.595  -0.456  -2.766  1.00 6.08  ? 175 VAL X C   1 
ATOM   153 O  O   . VAL A 1 24 ? 10.853  -0.699  -3.713  1.00 5.89  ? 175 VAL X O   1 
ATOM   154 C  CB  . VAL A 1 24 ? 10.399  1.351   -1.535  1.00 6.69  ? 175 VAL X CB  1 
ATOM   155 C  CG1 . VAL A 1 24 ? 10.111  0.382   -0.401  1.00 7.05  ? 175 VAL X CG1 1 
ATOM   156 C  CG2 . VAL A 1 24 ? 10.444  2.806   -1.038  1.00 7.66  ? 175 VAL X CG2 1 
ATOM   157 N  N   . HIS A 1 25 ? 12.323  -1.393  -2.165  1.00 5.80  ? 176 HIS X N   1 
ATOM   158 C  CA  . HIS A 1 25 ? 12.165  -2.802  -2.492  1.00 5.96  ? 176 HIS X CA  1 
ATOM   159 C  C   . HIS A 1 25 ? 10.909  -3.381  -1.865  1.00 5.66  ? 176 HIS X C   1 
ATOM   160 O  O   . HIS A 1 25 ? 10.686  -3.244  -0.659  1.00 6.80  ? 176 HIS X O   1 
ATOM   161 C  CB  . HIS A 1 25 ? 13.382  -3.599  -2.014  1.00 7.11  ? 176 HIS X CB  1 
ATOM   162 C  CG  . HIS A 1 25 ? 13.177  -5.079  -2.019  1.00 7.40  ? 176 HIS X CG  1 
ATOM   163 N  ND1 . HIS A 1 25 ? 13.274  -5.842  -3.162  1.00 8.44  ? 176 HIS X ND1 1 
ATOM   164 C  CD2 . HIS A 1 25 ? 12.865  -5.935  -1.017  1.00 9.38  ? 176 HIS X CD2 1 
ATOM   165 C  CE1 . HIS A 1 25 ? 13.059  -7.111  -2.857  1.00 10.10 ? 176 HIS X CE1 1 
ATOM   166 N  NE2 . HIS A 1 25 ? 12.798  -7.194  -1.566  1.00 10.36 ? 176 HIS X NE2 1 
ATOM   167 N  N   . TYR A 1 26 ? 10.123  -4.065  -2.691  1.00 5.66  ? 177 TYR X N   1 
ATOM   168 C  CA  . TYR A 1 26 ? 8.967   -4.823  -2.215  1.00 6.36  ? 177 TYR X CA  1 
ATOM   169 C  C   . TYR A 1 26 ? 9.091   -6.280  -2.645  1.00 6.13  ? 177 TYR X C   1 
ATOM   170 O  O   . TYR A 1 26 ? 9.312   -6.559  -3.830  1.00 6.42  ? 177 TYR X O   1 
ATOM   171 C  CB  . TYR A 1 26 ? 7.658   -4.243  -2.762  1.00 6.30  ? 177 TYR X CB  1 
ATOM   172 C  CG  . TYR A 1 26 ? 7.397   -2.818  -2.327  1.00 6.14  ? 177 TYR X CG  1 
ATOM   173 C  CD1 . TYR A 1 26 ? 7.235   -2.499  -0.984  1.00 6.39  ? 177 TYR X CD1 1 
ATOM   174 C  CD2 . TYR A 1 26 ? 7.310   -1.793  -3.258  1.00 7.47  ? 177 TYR X CD2 1 
ATOM   175 C  CE1 . TYR A 1 26 ? 6.993   -1.194  -0.573  1.00 6.19  ? 177 TYR X CE1 1 
ATOM   176 C  CE2 . TYR A 1 26 ? 7.076   -0.478  -2.860  1.00 7.60  ? 177 TYR X CE2 1 
ATOM   177 C  CZ  . TYR A 1 26 ? 6.918   -0.185  -1.518  1.00 6.11  ? 177 TYR X CZ  1 
ATOM   178 O  OH  . TYR A 1 26 ? 6.676   1.115   -1.131  1.00 6.48  ? 177 TYR X OH  1 
ATOM   179 N  N   . ALA A 1 27 ? 8.923   -7.209  -1.701  1.00 6.58  ? 178 ALA X N   1 
ATOM   180 C  CA  . ALA A 1 27 ? 8.757   -8.623  -2.060  1.00 7.01  ? 178 ALA X CA  1 
ATOM   181 C  C   . ALA A 1 27 ? 7.461   -8.826  -2.837  1.00 6.78  ? 178 ALA X C   1 
ATOM   182 O  O   . ALA A 1 27 ? 6.542   -8.006  -2.756  1.00 6.67  ? 178 ALA X O   1 
ATOM   183 C  CB  . ALA A 1 27 ? 8.753   -9.499  -0.811  1.00 7.87  ? 178 ALA X CB  1 
ATOM   184 N  N   . LYS A 1 28 ? 7.378   -9.929  -3.572  1.00 6.78  ? 179 LYS X N   1 
ATOM   185 C  CA  . LYS A 1 28 ? 6.096   -10.369 -4.105  1.00 6.87  ? 179 LYS X CA  1 
ATOM   186 C  C   . LYS A 1 28 ? 5.123   -10.595 -2.946  1.00 6.51  ? 179 LYS X C   1 
ATOM   187 O  O   . LYS A 1 28 ? 5.502   -11.146 -1.918  1.00 7.02  ? 179 LYS X O   1 
ATOM   188 C  CB  . LYS A 1 28 ? 6.280   -11.663 -4.901  1.00 7.36  ? 179 LYS X CB  1 
ATOM   189 C  CG  . LYS A 1 28 ? 4.992   -12.217 -5.488  1.00 9.06  ? 179 LYS X CG  1 
ATOM   190 C  CD  . LYS A 1 28 ? 5.237   -13.427 -6.393  1.00 11.27 ? 179 LYS X CD  1 
ATOM   191 C  CE  . LYS A 1 28 ? 3.915   -14.029 -6.849  1.00 14.09 ? 179 LYS X CE  1 
ATOM   192 N  NZ  . LYS A 1 28 ? 4.103   -15.126 -7.835  0.70 16.53 ? 179 LYS X NZ  1 
ATOM   193 N  N   . GLY A 1 29 ? 3.874   -10.163 -3.105  1.00 6.61  ? 180 GLY X N   1 
ATOM   194 C  CA  . GLY A 1 29 ? 2.874   -10.372 -2.065  1.00 6.90  ? 180 GLY X CA  1 
ATOM   195 C  C   . GLY A 1 29 ? 2.967   -9.396  -0.907  1.00 6.38  ? 180 GLY X C   1 
ATOM   196 O  O   . GLY A 1 29 ? 2.328   -9.601  0.123   1.00 7.34  ? 180 GLY X O   1 
ATOM   197 N  N   . ALA A 1 30 ? 3.768   -8.342  -1.058  1.00 6.12  ? 181 ALA X N   1 
ATOM   198 C  CA  . ALA A 1 30 ? 3.853   -7.306  -0.038  1.00 5.66  ? 181 ALA X CA  1 
ATOM   199 C  C   . ALA A 1 30 ? 2.515   -6.573  0.034   1.00 5.42  ? 181 ALA X C   1 
ATOM   200 O  O   . ALA A 1 30 ? 1.992   -6.107  -0.983  1.00 5.73  ? 181 ALA X O   1 
ATOM   201 C  CB  . ALA A 1 30 ? 4.958   -6.330  -0.374  1.00 5.77  ? 181 ALA X CB  1 
ATOM   202 N  N   . VAL A 1 31 ? 1.954   -6.476  1.234   1.00 5.45  ? 182 VAL X N   1 
ATOM   203 C  CA  . VAL A 1 31 ? 0.738   -5.703  1.461   1.00 5.53  ? 182 VAL X CA  1 
ATOM   204 C  C   . VAL A 1 31 ? 1.144   -4.269  1.769   1.00 5.27  ? 182 VAL X C   1 
ATOM   205 O  O   . VAL A 1 31 ? 1.886   -4.012  2.727   1.00 5.75  ? 182 VAL X O   1 
ATOM   206 C  CB  . VAL A 1 31 ? -0.120  -6.307  2.596   1.00 5.57  ? 182 VAL X CB  1 
ATOM   207 C  CG1 . VAL A 1 31 ? -1.328  -5.433  2.888   1.00 6.36  ? 182 VAL X CG1 1 
ATOM   208 C  CG2 . VAL A 1 31 ? -0.535  -7.740  2.223   1.00 6.99  ? 182 VAL X CG2 1 
ATOM   209 N  N   . LEU A 1 32 ? 0.671   -3.354  0.926   1.00 4.91  ? 183 LEU X N   1 
ATOM   210 C  CA  . LEU A 1 32 ? 0.965   -1.939  1.087   1.00 5.20  ? 183 LEU X CA  1 
ATOM   211 C  C   . LEU A 1 32 ? -0.276  -1.210  1.571   1.00 5.11  ? 183 LEU X C   1 
ATOM   212 O  O   . LEU A 1 32 ? -1.353  -1.318  0.963   1.00 5.63  ? 183 LEU X O   1 
ATOM   213 C  CB  . LEU A 1 32 ? 1.438   -1.334  -0.236  1.00 5.65  ? 183 LEU X CB  1 
ATOM   214 C  CG  . LEU A 1 32 ? 2.508   -2.109  -1.001  1.00 6.20  ? 183 LEU X CG  1 
ATOM   215 C  CD1 . LEU A 1 32 ? 2.974   -1.306  -2.204  1.00 7.69  ? 183 LEU X CD1 1 
ATOM   216 C  CD2 . LEU A 1 32 ? 3.692   -2.480  -0.102  1.00 7.78  ? 183 LEU X CD2 1 
ATOM   217 N  N   . HIS A 1 33 ? -0.135  -0.515  2.694   1.00 5.34  ? 184 HIS X N   1 
ATOM   218 C  CA  . HIS A 1 33 ? -1.183  0.354   3.201   1.00 5.20  ? 184 HIS X CA  1 
ATOM   219 C  C   . HIS A 1 33 ? -1.027  1.708   2.531   1.00 5.33  ? 184 HIS X C   1 
ATOM   220 O  O   . HIS A 1 33 ? 0.034   2.333   2.632   1.00 6.34  ? 184 HIS X O   1 
ATOM   221 C  CB  . HIS A 1 33 ? -1.064  0.524   4.711   1.00 5.56  ? 184 HIS X CB  1 
ATOM   222 C  CG  . HIS A 1 33 ? -2.157  1.357   5.300   1.00 5.45  ? 184 HIS X CG  1 
ATOM   223 N  ND1 . HIS A 1 33 ? -1.985  2.681   5.646   1.00 6.11  ? 184 HIS X ND1 1 
ATOM   224 C  CD2 . HIS A 1 33 ? -3.454  1.062   5.566   1.00 5.90  ? 184 HIS X CD2 1 
ATOM   225 C  CE1 . HIS A 1 33 ? -3.126  3.154   6.130   1.00 7.02  ? 184 HIS X CE1 1 
ATOM   226 N  NE2 . HIS A 1 33 ? -4.029  2.188   6.104   1.00 6.48  ? 184 HIS X NE2 1 
ATOM   227 N  N   . VAL A 1 34 ? -2.079  2.153   1.845   1.00 4.95  ? 185 VAL X N   1 
ATOM   228 C  CA  . VAL A 1 34 ? -2.028  3.401   1.095   1.00 5.67  ? 185 VAL X CA  1 
ATOM   229 C  C   . VAL A 1 34 ? -2.961  4.411   1.742   1.00 5.43  ? 185 VAL X C   1 
ATOM   230 O  O   . VAL A 1 34 ? -4.158  4.154   1.886   1.00 6.02  ? 185 VAL X O   1 
ATOM   231 C  CB  . VAL A 1 34 ? -2.432  3.205   -0.392  1.00 5.67  ? 185 VAL X CB  1 
ATOM   232 C  CG1 . VAL A 1 34 ? -2.239  4.494   -1.182  1.00 6.55  ? 185 VAL X CG1 1 
ATOM   233 C  CG2 . VAL A 1 34 ? -1.637  2.058   -1.037  1.00 6.47  ? 185 VAL X CG2 1 
ATOM   234 N  N   . SER A 1 35 ? -2.405  5.565   2.116   1.00 6.10  ? 186 SER X N   1 
ATOM   235 C  CA  . SER A 1 35 ? -3.190  6.631   2.713   1.00 6.37  ? 186 SER X CA  1 
ATOM   236 C  C   . SER A 1 35 ? -3.101  7.897   1.871   1.00 6.13  ? 186 SER X C   1 
ATOM   237 O  O   . SER A 1 35 ? -2.153  8.665   2.003   1.00 6.71  ? 186 SER X O   1 
ATOM   238 C  CB  . SER A 1 35 ? -2.730  6.921   4.142   1.00 6.23  ? 186 SER X CB  1 
ATOM   239 O  OG  . SER A 1 35 ? -3.474  8.015   4.660   1.00 7.06  ? 186 SER X OG  1 
ATOM   240 N  N   . PRO A 1 36 ? -4.068  8.102   0.965   1.00 6.27  ? 187 PRO X N   1 
ATOM   241 C  CA  . PRO A 1 36 ? -4.059  9.361   0.217   1.00 6.59  ? 187 PRO X CA  1 
ATOM   242 C  C   . PRO A 1 36 ? -4.070  10.605  1.106   1.00 6.91  ? 187 PRO X C   1 
ATOM   243 O  O   . PRO A 1 36 ? -3.385  11.583  0.796   1.00 6.90  ? 187 PRO X O   1 
ATOM   244 C  CB  . PRO A 1 36 ? -5.326  9.255   -0.642  1.00 7.01  ? 187 PRO X CB  1 
ATOM   245 C  CG  . PRO A 1 36 ? -5.449  7.758   -0.868  1.00 7.66  ? 187 PRO X CG  1 
ATOM   246 C  CD  . PRO A 1 36 ? -5.130  7.194   0.498   1.00 7.05  ? 187 PRO X CD  1 
ATOM   247 N  N   . THR A 1 37 ? -4.817  10.590  2.206   1.00 7.09  ? 188 THR X N   1 
ATOM   248 C  CA  A THR A 1 37 ? -4.883  11.783  3.032   0.70 8.21  ? 188 THR X CA  1 
ATOM   249 C  CA  B THR A 1 37 ? -4.895  11.768  3.062   0.30 8.05  ? 188 THR X CA  1 
ATOM   250 C  C   . THR A 1 37 ? -3.513  12.138  3.611   1.00 8.27  ? 188 THR X C   1 
ATOM   251 O  O   . THR A 1 37 ? -3.131  13.321  3.649   1.00 10.00 ? 188 THR X O   1 
ATOM   252 C  CB  A THR A 1 37 ? -5.978  11.709  4.119   0.70 8.66  ? 188 THR X CB  1 
ATOM   253 C  CB  B THR A 1 37 ? -5.901  11.557  4.197   0.30 8.23  ? 188 THR X CB  1 
ATOM   254 O  OG1 A THR A 1 37 ? -5.859  10.500  4.890   0.70 10.13 ? 188 THR X OG1 1 
ATOM   255 O  OG1 B THR A 1 37 ? -7.116  11.033  3.653   0.30 9.23  ? 188 THR X OG1 1 
ATOM   256 C  CG2 A THR A 1 37 ? -7.361  11.797  3.477   0.70 9.78  ? 188 THR X CG2 1 
ATOM   257 C  CG2 B THR A 1 37 ? -6.205  12.867  4.899   0.30 8.83  ? 188 THR X CG2 1 
ATOM   258 N  N   . GLN A 1 38 ? -2.740  11.130  4.001   1.00 6.99  ? 189 GLN X N   1 
ATOM   259 C  CA  . GLN A 1 38 ? -1.394  11.369  4.521   1.00 6.59  ? 189 GLN X CA  1 
ATOM   260 C  C   . GLN A 1 38 ? -0.314  11.353  3.436   1.00 6.53  ? 189 GLN X C   1 
ATOM   261 O  O   . GLN A 1 38 ? 0.872   11.489  3.741   1.00 6.93  ? 189 GLN X O   1 
ATOM   262 C  CB  . GLN A 1 38 ? -1.073  10.341  5.604   1.00 7.15  ? 189 GLN X CB  1 
ATOM   263 C  CG  . GLN A 1 38 ? -2.031  10.408  6.794   1.00 7.46  ? 189 GLN X CG  1 
ATOM   264 C  CD  . GLN A 1 38 ? -1.489  9.701   8.026   1.00 6.86  ? 189 GLN X CD  1 
ATOM   265 O  OE1 . GLN A 1 38 ? -0.579  8.869   7.934   1.00 9.81  ? 189 GLN X OE1 1 
ATOM   266 N  NE2 . GLN A 1 38 ? -2.030  10.035  9.185   1.00 6.81  ? 189 GLN X NE2 1 
ATOM   267 N  N   . LYS A 1 39 ? -0.719  11.191  2.179   1.00 6.09  ? 190 LYS X N   1 
ATOM   268 C  CA  . LYS A 1 39 ? 0.236   11.059  1.063   1.00 5.90  ? 190 LYS X CA  1 
ATOM   269 C  C   . LYS A 1 39 ? 1.358   10.057  1.384   1.00 5.99  ? 190 LYS X C   1 
ATOM   270 O  O   . LYS A 1 39 ? 2.534   10.304  1.114   1.00 6.37  ? 190 LYS X O   1 
ATOM   271 C  CB  . LYS A 1 39 ? 0.792   12.431  0.653   1.00 6.55  ? 190 LYS X CB  1 
ATOM   272 C  CG  . LYS A 1 39 ? -0.274  13.330  0.042   1.00 6.96  ? 190 LYS X CG  1 
ATOM   273 C  CD  . LYS A 1 39 ? 0.292   14.697  -0.342  1.00 9.64  ? 190 LYS X CD  1 
ATOM   274 C  CE  . LYS A 1 39 ? -0.767  15.571  -1.005  1.00 10.21 ? 190 LYS X CE  1 
ATOM   275 N  NZ  . LYS A 1 39 ? -0.272  16.971  -1.183  1.00 12.88 ? 190 LYS X NZ  1 
ATOM   276 N  N   . ARG A 1 40 ? 0.974   8.914   1.946   1.00 5.85  ? 191 ARG X N   1 
ATOM   277 C  CA  . ARG A 1 40 ? 1.951   7.920   2.389   1.00 6.10  ? 191 ARG X CA  1 
ATOM   278 C  C   . ARG A 1 40 ? 1.449   6.508   2.133   1.00 5.69  ? 191 ARG X C   1 
ATOM   279 O  O   . ARG A 1 40 ? 0.300   6.185   2.466   1.00 6.13  ? 191 ARG X O   1 
ATOM   280 C  CB  . ARG A 1 40 ? 2.244   8.080   3.891   1.00 7.04  ? 191 ARG X CB  1 
ATOM   281 C  CG  . ARG A 1 40 ? 3.213   7.020   4.455   1.00 9.29  ? 191 ARG X CG  1 
ATOM   282 C  CD  . ARG A 1 40 ? 3.489   7.223   5.935   1.00 11.76 ? 191 ARG X CD  1 
ATOM   283 N  NE  . ARG A 1 40 ? 4.315   6.156   6.510   1.00 12.24 ? 191 ARG X NE  1 
ATOM   284 C  CZ  . ARG A 1 40 ? 3.991   5.417   7.571   1.00 12.49 ? 191 ARG X CZ  1 
ATOM   285 N  NH1 . ARG A 1 40 ? 2.834   5.585   8.199   1.00 13.12 ? 191 ARG X NH1 1 
ATOM   286 N  NH2 . ARG A 1 40 ? 4.836   4.482   8.000   1.00 14.91 ? 191 ARG X NH2 1 
ATOM   287 N  N   . ALA A 1 41 ? 2.311   5.674   1.548   1.00 5.57  ? 192 ALA X N   1 
ATOM   288 C  CA  . ALA A 1 41 ? 2.055   4.233   1.455   1.00 5.73  ? 192 ALA X CA  1 
ATOM   289 C  C   . ALA A 1 41 ? 3.260   3.514   2.020   1.00 5.84  ? 192 ALA X C   1 
ATOM   290 O  O   . ALA A 1 41 ? 4.393   3.946   1.824   1.00 6.48  ? 192 ALA X O   1 
ATOM   291 C  CB  . ALA A 1 41 ? 1.825   3.803   0.014   1.00 6.28  ? 192 ALA X CB  1 
ATOM   292 N  N   . PHE A 1 42 ? 3.034   2.406   2.712   1.00 5.60  ? 193 PHE X N   1 
ATOM   293 C  CA  . PHE A 1 42 ? 4.163   1.644   3.230   1.00 5.33  ? 193 PHE X CA  1 
ATOM   294 C  C   . PHE A 1 42 ? 3.840   0.165   3.320   1.00 5.33  ? 193 PHE X C   1 
ATOM   295 O  O   . PHE A 1 42 ? 2.680   -0.237  3.321   1.00 5.46  ? 193 PHE X O   1 
ATOM   296 C  CB  . PHE A 1 42 ? 4.693   2.222   4.564   1.00 6.08  ? 193 PHE X CB  1 
ATOM   297 C  CG  . PHE A 1 42 ? 3.880   1.881   5.785   1.00 5.77  ? 193 PHE X CG  1 
ATOM   298 C  CD1 . PHE A 1 42 ? 4.390   1.002   6.736   1.00 7.23  ? 193 PHE X CD1 1 
ATOM   299 C  CD2 . PHE A 1 42 ? 2.657   2.501   6.032   1.00 6.84  ? 193 PHE X CD2 1 
ATOM   300 C  CE1 . PHE A 1 42 ? 3.675   0.709   7.893   1.00 8.18  ? 193 PHE X CE1 1 
ATOM   301 C  CE2 . PHE A 1 42 ? 1.926   2.204   7.188   1.00 7.23  ? 193 PHE X CE2 1 
ATOM   302 C  CZ  . PHE A 1 42 ? 2.439   1.314   8.124   1.00 8.26  ? 193 PHE X CZ  1 
ATOM   303 N  N   . TRP A 1 43 ? 4.897   -0.641  3.365   1.00 5.21  ? 194 TRP X N   1 
ATOM   304 C  CA  . TRP A 1 43 ? 4.802   -2.084  3.445   1.00 5.30  ? 194 TRP X CA  1 
ATOM   305 C  C   . TRP A 1 43 ? 4.554   -2.485  4.894   1.00 5.20  ? 194 TRP X C   1 
ATOM   306 O  O   . TRP A 1 43 ? 5.405   -2.293  5.755   1.00 5.87  ? 194 TRP X O   1 
ATOM   307 C  CB  . TRP A 1 43 ? 6.104   -2.663  2.908   1.00 5.75  ? 194 TRP X CB  1 
ATOM   308 C  CG  . TRP A 1 43 ? 6.201   -4.158  2.825   1.00 5.77  ? 194 TRP X CG  1 
ATOM   309 C  CD1 . TRP A 1 43 ? 5.222   -5.089  3.096   1.00 6.09  ? 194 TRP X CD1 1 
ATOM   310 C  CD2 . TRP A 1 43 ? 7.354   -4.896  2.407   1.00 5.88  ? 194 TRP X CD2 1 
ATOM   311 N  NE1 . TRP A 1 43 ? 5.715   -6.363  2.879   1.00 6.13  ? 194 TRP X NE1 1 
ATOM   312 C  CE2 . TRP A 1 43 ? 7.019   -6.268  2.459   1.00 6.22  ? 194 TRP X CE2 1 
ATOM   313 C  CE3 . TRP A 1 43 ? 8.645   -4.523  2.001   1.00 6.14  ? 194 TRP X CE3 1 
ATOM   314 C  CZ2 . TRP A 1 43 ? 7.938   -7.270  2.122   1.00 6.34  ? 194 TRP X CZ2 1 
ATOM   315 C  CZ3 . TRP A 1 43 ? 9.553   -5.514  1.675   1.00 6.64  ? 194 TRP X CZ3 1 
ATOM   316 C  CH2 . TRP A 1 43 ? 9.196   -6.869  1.737   1.00 7.13  ? 194 TRP X CH2 1 
ATOM   317 N  N   . VAL A 1 44 ? 3.368   -3.030  5.155   1.00 5.30  ? 195 VAL X N   1 
ATOM   318 C  CA  . VAL A 1 44 ? 3.000   -3.440  6.506   1.00 6.11  ? 195 VAL X CA  1 
ATOM   319 C  C   . VAL A 1 44 ? 3.395   -4.880  6.773   1.00 6.50  ? 195 VAL X C   1 
ATOM   320 O  O   . VAL A 1 44 ? 3.319   -5.721  5.888   1.00 7.63  ? 195 VAL X O   1 
ATOM   321 C  CB  . VAL A 1 44 ? 1.472   -3.255  6.792   1.00 6.22  ? 195 VAL X CB  1 
ATOM   322 C  CG1 . VAL A 1 44 ? 1.113   -1.780  6.816   1.00 8.12  ? 195 VAL X CG1 1 
ATOM   323 C  CG2 . VAL A 1 44 ? 0.586   -4.040  5.809   1.00 7.64  ? 195 VAL X CG2 1 
ATOM   324 N  N   . ILE A 1 45 ? 3.799   -5.164  8.003   1.00 6.26  ? 196 ILE X N   1 
ATOM   325 C  CA  . ILE A 1 45 ? 3.931   -6.553  8.434   1.00 7.04  ? 196 ILE X CA  1 
ATOM   326 C  C   . ILE A 1 45 ? 2.545   -7.094  8.804   1.00 7.22  ? 196 ILE X C   1 
ATOM   327 O  O   . ILE A 1 45 ? 1.591   -6.322  9.003   1.00 6.49  ? 196 ILE X O   1 
ATOM   328 C  CB  . ILE A 1 45 ? 4.941   -6.728  9.600   1.00 7.36  ? 196 ILE X CB  1 
ATOM   329 C  CG1 . ILE A 1 45 ? 4.472   -6.014  10.876  1.00 7.87  ? 196 ILE X CG1 1 
ATOM   330 C  CG2 . ILE A 1 45 ? 6.341   -6.285  9.170   1.00 8.66  ? 196 ILE X CG2 1 
ATOM   331 C  CD1 . ILE A 1 45 ? 5.219   -6.454  12.142  1.00 9.56  ? 196 ILE X CD1 1 
ATOM   332 N  N   . ALA A 1 46 ? 2.426   -8.414  8.919   1.00 7.52  ? 197 ALA X N   1 
ATOM   333 C  CA  . ALA A 1 46 ? 1.110   -9.015  9.156   1.00 8.00  ? 197 ALA X CA  1 
ATOM   334 C  C   . ALA A 1 46 ? 0.411   -8.438  10.380  1.00 7.35  ? 197 ALA X C   1 
ATOM   335 O  O   . ALA A 1 46 ? -0.795  -8.158  10.342  1.00 7.39  ? 197 ALA X O   1 
ATOM   336 C  CB  . ALA A 1 46 ? 1.212   -10.539 9.261   1.00 9.02  ? 197 ALA X CB  1 
ATOM   337 N  N   . ASP A 1 47 ? 1.141   -8.250  11.475  1.00 7.51  ? 198 ASP X N   1 
ATOM   338 C  CA  . ASP A 1 47 ? 0.501   -7.727  12.683  1.00 7.66  ? 198 ASP X CA  1 
ATOM   339 C  C   . ASP A 1 47 ? -0.046  -6.317  12.471  1.00 6.95  ? 198 ASP X C   1 
ATOM   340 O  O   . ASP A 1 47 ? -1.072  -5.945  13.055  1.00 6.87  ? 198 ASP X O   1 
ATOM   341 C  CB  . ASP A 1 47 ? 1.466   -7.732  13.876  1.00 9.00  ? 198 ASP X CB  1 
ATOM   342 C  CG  . ASP A 1 47 ? 1.659   -9.111  14.488  0.70 10.51 ? 198 ASP X CG  1 
ATOM   343 O  OD1 . ASP A 1 47 ? 0.767   -9.973  14.366  0.70 12.68 ? 198 ASP X OD1 1 
ATOM   344 O  OD2 . ASP A 1 47 ? 2.715   -9.326  15.124  0.70 13.44 ? 198 ASP X OD2 1 
ATOM   345 N  N   . GLN A 1 48 ? 0.652   -5.520  11.667  1.00 6.48  ? 199 GLN X N   1 
ATOM   346 C  CA  . GLN A 1 48 ? 0.166   -4.183  11.327  1.00 6.37  ? 199 GLN X CA  1 
ATOM   347 C  C   . GLN A 1 48 ? -1.056  -4.233  10.404  1.00 5.99  ? 199 GLN X C   1 
ATOM   348 O  O   . GLN A 1 48 ? -2.018  -3.494  10.599  1.00 6.38  ? 199 GLN X O   1 
ATOM   349 C  CB  . GLN A 1 48 ? 1.271   -3.362  10.683  1.00 6.35  ? 199 GLN X CB  1 
ATOM   350 C  CG  . GLN A 1 48 ? 2.389   -2.956  11.634  1.00 6.18  ? 199 GLN X CG  1 
ATOM   351 C  CD  . GLN A 1 48 ? 3.497   -2.225  10.899  1.00 6.32  ? 199 GLN X CD  1 
ATOM   352 O  OE1 . GLN A 1 48 ? 3.880   -2.615  9.797   1.00 6.72  ? 199 GLN X OE1 1 
ATOM   353 N  NE2 . GLN A 1 48 ? 4.003   -1.153  11.496  1.00 7.04  ? 199 GLN X NE2 1 
ATOM   354 N  N   . GLU A 1 49 ? -1.009  -5.104  9.392   1.00 5.66  ? 200 GLU X N   1 
ATOM   355 C  CA  . GLU A 1 49 ? -2.146  -5.325  8.516   1.00 6.05  ? 200 GLU X CA  1 
ATOM   356 C  C   . GLU A 1 49 ? -3.392  -5.660  9.344   1.00 5.66  ? 200 GLU X C   1 
ATOM   357 O  O   . GLU A 1 49 ? -4.477  -5.105  9.126   1.00 5.94  ? 200 GLU X O   1 
ATOM   358 C  CB  . GLU A 1 49 ? -1.811  -6.476  7.562   1.00 5.80  ? 200 GLU X CB  1 
ATOM   359 C  CG  . GLU A 1 49 ? -2.906  -6.788  6.572   1.00 6.32  ? 200 GLU X CG  1 
ATOM   360 C  CD  . GLU A 1 49 ? -2.550  -7.952  5.657   1.00 6.94  ? 200 GLU X CD  1 
ATOM   361 O  OE1 . GLU A 1 49 ? -1.476  -8.561  5.833   1.00 8.84  ? 200 GLU X OE1 1 
ATOM   362 O  OE2 . GLU A 1 49 ? -3.355  -8.282  4.766   1.00 7.30  ? 200 GLU X OE2 1 
ATOM   363 N  N   . ASN A 1 50 ? -3.225  -6.558  10.309  1.00 5.46  ? 201 ASN X N   1 
ATOM   364 C  CA  . ASN A 1 50 ? -4.347  -6.968  11.151  1.00 6.03  ? 201 ASN X CA  1 
ATOM   365 C  C   . ASN A 1 50 ? -4.836  -5.859  12.065  1.00 5.94  ? 201 ASN X C   1 
ATOM   366 O  O   . ASN A 1 50 ? -6.042  -5.680  12.236  1.00 6.18  ? 201 ASN X O   1 
ATOM   367 C  CB  . ASN A 1 50 ? -4.000  -8.235  11.911  1.00 7.30  ? 201 ASN X CB  1 
ATOM   368 C  CG  . ASN A 1 50 ? -3.848  -9.402  10.985  1.00 8.09  ? 201 ASN X CG  1 
ATOM   369 O  OD1 . ASN A 1 50 ? -4.481  -9.442  9.927   1.00 9.66  ? 201 ASN X OD1 1 
ATOM   370 N  ND2 . ASN A 1 50 ? -3.006  -10.353 11.360  1.00 9.83  ? 201 ASN X ND2 1 
ATOM   371 N  N   A PHE A 1 51 ? -3.903  -5.101  12.627  0.70 5.89  ? 202 PHE X N   1 
ATOM   372 N  N   B PHE A 1 51 ? -3.898  -5.098  12.626  0.30 5.90  ? 202 PHE X N   1 
ATOM   373 C  CA  A PHE A 1 51 ? -4.244  -3.938  13.434  0.70 6.30  ? 202 PHE X CA  1 
ATOM   374 C  CA  B PHE A 1 51 ? -4.220  -3.927  13.444  0.30 6.01  ? 202 PHE X CA  1 
ATOM   375 C  C   A PHE A 1 51 ? -5.106  -2.954  12.645  0.70 6.36  ? 202 PHE X C   1 
ATOM   376 C  C   B PHE A 1 51 ? -5.058  -2.902  12.673  0.30 6.14  ? 202 PHE X C   1 
ATOM   377 O  O   A PHE A 1 51 ? -6.134  -2.483  13.135  0.70 6.43  ? 202 PHE X O   1 
ATOM   378 O  O   B PHE A 1 51 ? -6.023  -2.351  13.211  0.30 6.26  ? 202 PHE X O   1 
ATOM   379 C  CB  A PHE A 1 51 ? -2.963  -3.253  13.911  0.70 6.83  ? 202 PHE X CB  1 
ATOM   380 C  CB  B PHE A 1 51 ? -2.934  -3.279  13.982  0.30 6.11  ? 202 PHE X CB  1 
ATOM   381 C  CG  A PHE A 1 51 ? -3.212  -2.017  14.720  0.70 7.14  ? 202 PHE X CG  1 
ATOM   382 C  CG  B PHE A 1 51 ? -3.107  -1.841  14.395  0.30 5.53  ? 202 PHE X CG  1 
ATOM   383 C  CD1 A PHE A 1 51 ? -3.283  -2.086  16.104  0.70 6.80  ? 202 PHE X CD1 1 
ATOM   384 C  CD1 B PHE A 1 51 ? -3.605  -1.518  15.660  0.30 5.66  ? 202 PHE X CD1 1 
ATOM   385 C  CD2 A PHE A 1 51 ? -3.410  -0.782  14.103  0.70 8.26  ? 202 PHE X CD2 1 
ATOM   386 C  CD2 B PHE A 1 51 ? -2.784  -0.808  13.517  0.30 5.83  ? 202 PHE X CD2 1 
ATOM   387 C  CE1 A PHE A 1 51 ? -3.524  -0.938  16.858  0.70 8.20  ? 202 PHE X CE1 1 
ATOM   388 C  CE1 B PHE A 1 51 ? -3.776  -0.190  16.042  0.30 5.88  ? 202 PHE X CE1 1 
ATOM   389 C  CE2 A PHE A 1 51 ? -3.664  0.363   14.857  0.70 8.73  ? 202 PHE X CE2 1 
ATOM   390 C  CE2 B PHE A 1 51 ? -2.953  0.522   13.890  0.30 5.18  ? 202 PHE X CE2 1 
ATOM   391 C  CZ  A PHE A 1 51 ? -3.717  0.277   16.234  0.70 8.12  ? 202 PHE X CZ  1 
ATOM   392 C  CZ  B PHE A 1 51 ? -3.453  0.831   15.154  0.30 6.40  ? 202 PHE X CZ  1 
ATOM   393 N  N   . ILE A 1 52 ? -4.687  -2.654  11.417  1.00 6.22  ? 203 ILE X N   1 
ATOM   394 C  CA  . ILE A 1 52 ? -5.420  -1.731  10.567  1.00 6.18  ? 203 ILE X CA  1 
ATOM   395 C  C   . ILE A 1 52 ? -6.864  -2.200  10.413  1.00 5.94  ? 203 ILE X C   1 
ATOM   396 O  O   . ILE A 1 52 ? -7.778  -1.383  10.470  1.00 6.17  ? 203 ILE X O   1 
ATOM   397 C  CB  . ILE A 1 52 ? -4.724  -1.571  9.209   1.00 5.65  ? 203 ILE X CB  1 
ATOM   398 C  CG1 . ILE A 1 52 ? -3.428  -0.774  9.386   1.00 6.27  ? 203 ILE X CG1 1 
ATOM   399 C  CG2 . ILE A 1 52 ? -5.643  -0.880  8.194   1.00 6.41  ? 203 ILE X CG2 1 
ATOM   400 C  CD1 . ILE A 1 52 ? -2.408  -1.007  8.279   1.00 6.63  ? 203 ILE X CD1 1 
ATOM   401 N  N   . LYS A 1 53 ? -7.066  -3.510  10.256  1.00 5.57  ? 204 LYS X N   1 
ATOM   402 C  CA  . LYS A 1 53 ? -8.415  -4.029  10.077  1.00 5.85  ? 204 LYS X CA  1 
ATOM   403 C  C   . LYS A 1 53 ? -9.246  -3.999  11.358  1.00 5.94  ? 204 LYS X C   1 
ATOM   404 O  O   . LYS A 1 53 ? -10.466 -4.090  11.288  1.00 6.49  ? 204 LYS X O   1 
ATOM   405 C  CB  . LYS A 1 53 ? -8.382  -5.407  9.424   1.00 6.07  ? 204 LYS X CB  1 
ATOM   406 C  CG  . LYS A 1 53 ? -7.903  -5.304  7.981   1.00 6.48  ? 204 LYS X CG  1 
ATOM   407 C  CD  . LYS A 1 53 ? -8.002  -6.595  7.199   1.00 7.42  ? 204 LYS X CD  1 
ATOM   408 C  CE  . LYS A 1 53 ? -7.033  -7.649  7.671   1.00 7.80  ? 204 LYS X CE  1 
ATOM   409 N  NZ  . LYS A 1 53 ? -7.095  -8.808  6.717   1.00 8.58  ? 204 LYS X NZ  1 
ATOM   410 N  N   . GLN A 1 54 ? -8.609  -3.867  12.524  1.00 6.11  ? 205 GLN X N   1 
ATOM   411 C  CA  . GLN A 1 54 ? -9.364  -3.601  13.753  1.00 6.20  ? 205 GLN X CA  1 
ATOM   412 C  C   . GLN A 1 54 ? -9.870  -2.158  13.809  1.00 6.58  ? 205 GLN X C   1 
ATOM   413 O  O   . GLN A 1 54 ? -11.027 -1.905  14.165  1.00 7.14  ? 205 GLN X O   1 
ATOM   414 C  CB  . GLN A 1 54 ? -8.520  -3.876  14.997  1.00 6.08  ? 205 GLN X CB  1 
ATOM   415 C  CG  . GLN A 1 54 ? -9.333  -3.788  16.294  1.00 6.17  ? 205 GLN X CG  1 
ATOM   416 C  CD  . GLN A 1 54 ? -8.518  -4.125  17.518  1.00 5.76  ? 205 GLN X CD  1 
ATOM   417 O  OE1 . GLN A 1 54 ? -7.602  -4.939  17.460  1.00 6.64  ? 205 GLN X OE1 1 
ATOM   418 N  NE2 . GLN A 1 54 ? -8.864  -3.519  18.643  1.00 6.34  ? 205 GLN X NE2 1 
ATOM   419 N  N   A VAL A 1 55 ? -9.003  -1.206  13.481  0.70 7.21  ? 206 VAL X N   1 
ATOM   420 N  N   B VAL A 1 55 ? -8.978  -1.222  13.495  0.30 6.80  ? 206 VAL X N   1 
ATOM   421 C  CA  A VAL A 1 55 ? -9.390  0.189   13.634  0.70 8.04  ? 206 VAL X CA  1 
ATOM   422 C  CA  B VAL A 1 55 ? -9.263  0.207   13.539  0.30 7.02  ? 206 VAL X CA  1 
ATOM   423 C  C   A VAL A 1 55 ? -10.147 0.717   12.413  0.70 8.05  ? 206 VAL X C   1 
ATOM   424 C  C   B VAL A 1 55 ? -10.263 0.572   12.446  0.30 7.39  ? 206 VAL X C   1 
ATOM   425 O  O   A VAL A 1 55 ? -10.893 1.688   12.544  0.70 8.83  ? 206 VAL X O   1 
ATOM   426 O  O   B VAL A 1 55 ? -11.262 1.253   12.676  0.30 7.47  ? 206 VAL X O   1 
ATOM   427 C  CB  A VAL A 1 55 ? -8.206  1.094   14.077  0.70 8.52  ? 206 VAL X CB  1 
ATOM   428 C  CB  B VAL A 1 55 ? -7.955  1.004   13.327  0.30 7.01  ? 206 VAL X CB  1 
ATOM   429 C  CG1 A VAL A 1 55 ? -7.537  0.539   15.336  0.70 9.29  ? 206 VAL X CG1 1 
ATOM   430 C  CG1 B VAL A 1 55 ? -8.248  2.470   13.112  0.30 6.84  ? 206 VAL X CG1 1 
ATOM   431 C  CG2 A VAL A 1 55 ? -7.195  1.241   12.974  0.70 9.57  ? 206 VAL X CG2 1 
ATOM   432 C  CG2 B VAL A 1 55 ? -7.002  0.797   14.505  0.30 6.91  ? 206 VAL X CG2 1 
ATOM   433 N  N   . ASN A 1 56 ? -9.978  0.057   11.261  1.00 7.92  ? 207 ASN X N   1 
ATOM   434 C  CA  . ASN A 1 56 ? -10.594 0.470   10.012  1.00 8.67  ? 207 ASN X CA  1 
ATOM   435 C  C   . ASN A 1 56 ? -11.178 -0.763  9.348   1.00 9.15  ? 207 ASN X C   1 
ATOM   436 O  O   . ASN A 1 56 ? -10.669 -1.258  8.338   1.00 10.50 ? 207 ASN X O   1 
ATOM   437 C  CB  . ASN A 1 56 ? -9.501  1.077   9.127   1.00 9.39  ? 207 ASN X CB  1 
ATOM   438 C  CG  . ASN A 1 56 ? -10.036 1.684   7.842   1.00 10.12 ? 207 ASN X CG  1 
ATOM   439 O  OD1 . ASN A 1 56 ? -11.241 1.668   7.564   1.00 13.12 ? 207 ASN X OD1 1 
ATOM   440 N  ND2 . ASN A 1 56 ? -9.134  2.233   7.047   1.00 8.80  ? 207 ASN X ND2 1 
ATOM   441 N  N   . LYS A 1 57 ? -12.262 -1.263  9.921   1.00 9.59  ? 208 LYS X N   1 
ATOM   442 C  CA  . LYS A 1 57 ? -12.743 -2.593  9.564   1.00 10.97 ? 208 LYS X CA  1 
ATOM   443 C  C   . LYS A 1 57 ? -13.201 -2.725  8.111   1.00 11.22 ? 208 LYS X C   1 
ATOM   444 O  O   . LYS A 1 57 ? -13.201 -3.829  7.563   1.00 12.78 ? 208 LYS X O   1 
ATOM   445 C  CB  . LYS A 1 57 ? -13.840 -3.051  10.529  1.00 11.85 ? 208 LYS X CB  1 
ATOM   446 C  CG  . LYS A 1 57 ? -15.099 -2.223  10.451  1.00 13.27 ? 208 LYS X CG  1 
ATOM   447 C  CD  . LYS A 1 57 ? -16.103 -2.612  11.528  1.00 16.21 ? 208 LYS X CD  1 
ATOM   448 C  CE  . LYS A 1 57 ? -17.330 -1.716  11.446  1.00 18.37 ? 208 LYS X CE  1 
ATOM   449 N  NZ  . LYS A 1 57 ? -18.133 -1.746  12.701  0.70 19.94 ? 208 LYS X NZ  1 
ATOM   450 N  N   . ASN A 1 58 ? -13.587 -1.606  7.499   1.00 10.63 ? 209 ASN X N   1 
ATOM   451 C  CA  . ASN A 1 58 ? -14.106 -1.623  6.132   1.00 11.26 ? 209 ASN X CA  1 
ATOM   452 C  C   . ASN A 1 58 ? -13.059 -1.349  5.051   1.00 10.06 ? 209 ASN X C   1 
ATOM   453 O  O   . ASN A 1 58 ? -13.401 -1.219  3.877   1.00 10.49 ? 209 ASN X O   1 
ATOM   454 C  CB  . ASN A 1 58 ? -15.281 -0.650  6.004   1.00 12.71 ? 209 ASN X CB  1 
ATOM   455 C  CG  . ASN A 1 58 ? -16.436 -1.020  6.915   1.00 15.85 ? 209 ASN X CG  1 
ATOM   456 O  OD1 . ASN A 1 58 ? -16.841 -2.180  6.968   1.00 18.77 ? 209 ASN X OD1 1 
ATOM   457 N  ND2 . ASN A 1 58 ? -16.954 -0.042  7.647   1.00 19.12 ? 209 ASN X ND2 1 
ATOM   458 N  N   . ILE A 1 59 ? -11.785 -1.285  5.435   1.00 8.36  ? 210 ILE X N   1 
ATOM   459 C  CA  . ILE A 1 59 ? -10.725 -1.072  4.449   1.00 7.66  ? 210 ILE X CA  1 
ATOM   460 C  C   . ILE A 1 59 ? -10.778 -2.168  3.380   1.00 7.43  ? 210 ILE X C   1 
ATOM   461 O  O   . ILE A 1 59 ? -11.038 -3.341  3.681   1.00 8.43  ? 210 ILE X O   1 
ATOM   462 C  CB  . ILE A 1 59 ? -9.336  -0.978  5.123   1.00 6.98  ? 210 ILE X CB  1 
ATOM   463 C  CG1 . ILE A 1 59 ? -8.311  -0.436  4.116   1.00 6.98  ? 210 ILE X CG1 1 
ATOM   464 C  CG2 . ILE A 1 59 ? -8.906  -2.319  5.753   1.00 7.94  ? 210 ILE X CG2 1 
ATOM   465 C  CD1 . ILE A 1 59 ? -6.960  -0.079  4.722   1.00 7.36  ? 210 ILE X CD1 1 
ATOM   466 N  N   . GLU A 1 60 ? -10.538 -1.773  2.134   1.00 7.51  ? 211 GLU X N   1 
ATOM   467 C  CA  . GLU A 1 60 ? -10.593 -2.698  1.002   1.00 7.48  ? 211 GLU X CA  1 
ATOM   468 C  C   . GLU A 1 60 ? -9.216  -3.024  0.434   1.00 6.64  ? 211 GLU X C   1 
ATOM   469 O  O   . GLU A 1 60 ? -8.331  -2.170  0.415   1.00 6.72  ? 211 GLU X O   1 
ATOM   470 C  CB  . GLU A 1 60 ? -11.439 -2.086  -0.115  1.00 8.99  ? 211 GLU X CB  1 
ATOM   471 C  CG  . GLU A 1 60 ? -12.912 -1.937  0.213   1.00 12.36 ? 211 GLU X CG  1 
ATOM   472 C  CD  . GLU A 1 60 ? -13.699 -1.472  -0.989  0.70 15.22 ? 211 GLU X CD  1 
ATOM   473 O  OE1 . GLU A 1 60 ? -13.659 -0.260  -1.294  0.50 15.92 ? 211 GLU X OE1 1 
ATOM   474 O  OE2 . GLU A 1 60 ? -14.333 -2.326  -1.637  0.50 16.44 ? 211 GLU X OE2 1 
ATOM   475 N  N   . TYR A 1 61 ? -9.060  -4.260  -0.044  1.00 6.71  ? 212 TYR X N   1 
ATOM   476 C  CA  . TYR A 1 61 ? -7.914  -4.644  -0.864  1.00 6.55  ? 212 TYR X CA  1 
ATOM   477 C  C   . TYR A 1 61 ? -8.323  -4.396  -2.304  1.00 6.75  ? 212 TYR X C   1 
ATOM   478 O  O   . TYR A 1 61 ? -8.961  -5.242  -2.939  1.00 8.31  ? 212 TYR X O   1 
ATOM   479 C  CB  . TYR A 1 61 ? -7.563  -6.119  -0.663  1.00 7.03  ? 212 TYR X CB  1 
ATOM   480 C  CG  . TYR A 1 61 ? -7.069  -6.457  0.725   1.00 6.29  ? 212 TYR X CG  1 
ATOM   481 C  CD1 . TYR A 1 61 ? -5.707  -6.608  0.985   1.00 6.65  ? 212 TYR X CD1 1 
ATOM   482 C  CD2 . TYR A 1 61 ? -7.967  -6.644  1.779   1.00 7.32  ? 212 TYR X CD2 1 
ATOM   483 C  CE1 . TYR A 1 61 ? -5.251  -6.931  2.261   1.00 6.35  ? 212 TYR X CE1 1 
ATOM   484 C  CE2 . TYR A 1 61 ? -7.521  -6.958  3.059   1.00 7.74  ? 212 TYR X CE2 1 
ATOM   485 C  CZ  . TYR A 1 61 ? -6.170  -7.104  3.288   1.00 6.84  ? 212 TYR X CZ  1 
ATOM   486 O  OH  . TYR A 1 61 ? -5.766  -7.423  4.563   1.00 7.05  ? 212 TYR X OH  1 
ATOM   487 N  N   . VAL A 1 62 ? -7.977  -3.227  -2.823  1.00 6.18  ? 213 VAL X N   1 
ATOM   488 C  CA  . VAL A 1 62 ? -8.566  -2.812  -4.101  1.00 6.70  ? 213 VAL X CA  1 
ATOM   489 C  C   . VAL A 1 62 ? -7.846  -3.425  -5.297  1.00 5.92  ? 213 VAL X C   1 
ATOM   490 O  O   . VAL A 1 62 ? -8.390  -3.431  -6.401  1.00 6.36  ? 213 VAL X O   1 
ATOM   491 C  CB  . VAL A 1 62 ? -8.607  -1.280  -4.248  1.00 7.41  ? 213 VAL X CB  1 
ATOM   492 C  CG1 . VAL A 1 62 ? -9.481  -0.662  -3.164  1.00 9.08  ? 213 VAL X CG1 1 
ATOM   493 C  CG2 . VAL A 1 62 ? -7.211  -0.688  -4.217  1.00 8.23  ? 213 VAL X CG2 1 
ATOM   494 N  N   . GLU A 1 63 ? -6.615  -3.899  -5.085  1.00 5.54  ? 214 GLU X N   1 
ATOM   495 C  CA  . GLU A 1 63 ? -5.852  -4.549  -6.133  1.00 5.84  ? 214 GLU X CA  1 
ATOM   496 C  C   . GLU A 1 63 ? -4.903  -5.528  -5.469  1.00 5.62  ? 214 GLU X C   1 
ATOM   497 O  O   . GLU A 1 63 ? -3.994  -5.120  -4.744  1.00 5.81  ? 214 GLU X O   1 
ATOM   498 C  CB  . GLU A 1 63 ? -5.069  -3.522  -6.966  1.00 6.11  ? 214 GLU X CB  1 
ATOM   499 C  CG  . GLU A 1 63 ? -4.195  -4.121  -8.057  1.00 6.39  ? 214 GLU X CG  1 
ATOM   500 C  CD  . GLU A 1 63 ? -4.971  -5.023  -8.985  1.00 6.37  ? 214 GLU X CD  1 
ATOM   501 O  OE1 . GLU A 1 63 ? -4.828  -6.258  -8.875  1.00 7.14  ? 214 GLU X OE1 1 
ATOM   502 O  OE2 . GLU A 1 63 ? -5.739  -4.494  -9.821  1.00 6.70  ? 214 GLU X OE2 1 
ATOM   503 N  N   A LYS A 1 64 ? -5.087  -6.816  -5.754  0.50 5.77  ? 215 LYS X N   1 
ATOM   504 N  N   B LYS A 1 64 ? -5.144  -6.822  -5.686  0.50 5.83  ? 215 LYS X N   1 
ATOM   505 C  CA  A LYS A 1 64 ? -4.221  -7.843  -5.182  0.50 5.98  ? 215 LYS X CA  1 
ATOM   506 C  CA  B LYS A 1 64 ? -4.391  -7.889  -5.020  0.50 6.08  ? 215 LYS X CA  1 
ATOM   507 C  C   A LYS A 1 64 ? -3.122  -8.314  -6.144  0.50 6.04  ? 215 LYS X C   1 
ATOM   508 C  C   B LYS A 1 64 ? -3.206  -8.328  -5.863  0.50 6.04  ? 215 LYS X C   1 
ATOM   509 O  O   A LYS A 1 64 ? -2.349  -9.218  -5.812  0.50 6.32  ? 215 LYS X O   1 
ATOM   510 O  O   B LYS A 1 64 ? -2.378  -9.137  -5.434  0.50 6.29  ? 215 LYS X O   1 
ATOM   511 C  CB  A LYS A 1 64 ? -5.048  -9.011  -4.617  0.50 6.82  ? 215 LYS X CB  1 
ATOM   512 C  CB  B LYS A 1 64 ? -5.305  -9.077  -4.736  0.50 6.81  ? 215 LYS X CB  1 
ATOM   513 C  CG  A LYS A 1 64 ? -5.976  -8.584  -3.466  0.50 7.62  ? 215 LYS X CG  1 
ATOM   514 C  CG  B LYS A 1 64 ? -6.392  -8.736  -3.756  0.50 7.75  ? 215 LYS X CG  1 
ATOM   515 C  CD  A LYS A 1 64 ? -6.609  -9.765  -2.728  0.50 10.34 ? 215 LYS X CD  1 
ATOM   516 C  CD  B LYS A 1 64 ? -7.198  -9.948  -3.399  0.50 9.47  ? 215 LYS X CD  1 
ATOM   517 C  CE  A LYS A 1 64 ? -7.779  -10.362 -3.488  0.50 11.84 ? 215 LYS X CE  1 
ATOM   518 C  CE  B LYS A 1 64 ? -8.093  -9.628  -2.228  0.50 11.71 ? 215 LYS X CE  1 
ATOM   519 N  NZ  A LYS A 1 64 ? -8.428  -11.435 -2.674  0.50 13.14 ? 215 LYS X NZ  1 
ATOM   520 N  NZ  B LYS A 1 64 ? -8.835  -10.842 -1.797  0.50 12.96 ? 215 LYS X NZ  1 
ATOM   521 N  N   A ASN A 1 65 ? -3.025  -7.684  -7.317  0.70 6.06  ? 216 ASN X N   1 
ATOM   522 N  N   B ASN A 1 65 ? -3.137  -7.761  -7.076  0.30 5.95  ? 216 ASN X N   1 
ATOM   523 C  CA  A ASN A 1 65 ? -1.940  -7.985  -8.231  0.70 6.37  ? 216 ASN X CA  1 
ATOM   524 C  CA  B ASN A 1 65 ? -2.035  -7.967  -8.033  0.30 6.04  ? 216 ASN X CA  1 
ATOM   525 C  C   A ASN A 1 65 ? -1.369  -6.680  -8.738  0.70 6.17  ? 216 ASN X C   1 
ATOM   526 C  C   B ASN A 1 65 ? -1.577  -6.640  -8.628  0.30 5.97  ? 216 ASN X C   1 
ATOM   527 O  O   A ASN A 1 65 ? -1.328  -6.445  -9.946  0.70 6.53  ? 216 ASN X O   1 
ATOM   528 O  O   B ASN A 1 65 ? -1.801  -6.370  -9.811  0.30 6.00  ? 216 ASN X O   1 
ATOM   529 C  CB  A ASN A 1 65 ? -2.419  -8.934  -9.342  0.70 7.73  ? 216 ASN X CB  1 
ATOM   530 C  CB  B ASN A 1 65 ? -2.453  -8.867  -9.198  0.30 6.63  ? 216 ASN X CB  1 
ATOM   531 C  CG  A ASN A 1 65 ? -2.612  -10.365 -8.831  0.70 9.29  ? 216 ASN X CG  1 
ATOM   532 C  CG  B ASN A 1 65 ? -3.249  -10.048 -8.758  0.30 6.83  ? 216 ASN X CG  1 
ATOM   533 O  OD1 A ASN A 1 65 ? -3.644  -10.704 -8.241  0.70 10.27 ? 216 ASN X OD1 1 
ATOM   534 O  OD1 B ASN A 1 65 ? -4.450  -9.943  -8.529  0.30 7.63  ? 216 ASN X OD1 1 
ATOM   535 N  ND2 A ASN A 1 65 ? -1.592  -11.192 -9.003  0.70 12.98 ? 216 ASN X ND2 1 
ATOM   536 N  ND2 B ASN A 1 65 ? -2.590  -11.193 -8.638  0.30 6.94  ? 216 ASN X ND2 1 
ATOM   537 N  N   . ALA A 1 66 ? -0.936  -5.822  -7.805  1.00 5.77  ? 217 ALA X N   1 
ATOM   538 C  CA  . ALA A 1 66 ? -0.494  -4.484  -8.187  1.00 6.18  ? 217 ALA X CA  1 
ATOM   539 C  C   . ALA A 1 66 ? 0.898   -4.509  -8.802  1.00 6.20  ? 217 ALA X C   1 
ATOM   540 O  O   . ALA A 1 66 ? 1.866   -4.949  -8.168  1.00 6.55  ? 217 ALA X O   1 
ATOM   541 C  CB  . ALA A 1 66 ? -0.516  -3.558  -6.976  1.00 7.06  ? 217 ALA X CB  1 
ATOM   542 N  N   . SER A 1 67 ? 0.985   -4.038  -10.040 1.00 6.50  ? 218 SER X N   1 
ATOM   543 C  CA  . SER A 1 67 ? 2.247   -3.915  -10.763 1.00 6.81  ? 218 SER X CA  1 
ATOM   544 C  C   . SER A 1 67 ? 2.850   -2.537  -10.461 1.00 6.53  ? 218 SER X C   1 
ATOM   545 O  O   . SER A 1 67 ? 2.179   -1.656  -9.913  1.00 6.36  ? 218 SER X O   1 
ATOM   546 C  CB  . SER A 1 67 ? 1.978   -4.010  -12.268 1.00 7.76  ? 218 SER X CB  1 
ATOM   547 O  OG  . SER A 1 67 ? 1.242   -2.860  -12.640 1.00 9.73  ? 218 SER X OG  1 
ATOM   548 N  N   . PRO A 1 68 ? 4.107   -2.312  -10.871 1.00 6.63  ? 219 PRO X N   1 
ATOM   549 C  CA  . PRO A 1 68 ? 4.658   -0.953  -10.765 1.00 6.85  ? 219 PRO X CA  1 
ATOM   550 C  C   . PRO A 1 68 ? 3.796   0.105   -11.466 1.00 6.80  ? 219 PRO X C   1 
ATOM   551 O  O   . PRO A 1 68 ? 3.693   1.222   -10.974 1.00 6.86  ? 219 PRO X O   1 
ATOM   552 C  CB  . PRO A 1 68 ? 6.046   -1.081  -11.411 1.00 7.18  ? 219 PRO X CB  1 
ATOM   553 C  CG  . PRO A 1 68 ? 6.408   -2.553  -11.198 1.00 7.40  ? 219 PRO X CG  1 
ATOM   554 C  CD  . PRO A 1 68 ? 5.102   -3.290  -11.359 1.00 6.83  ? 219 PRO X CD  1 
ATOM   555 N  N   . ALA A 1 69 ? 3.178   -0.237  -12.596 1.00 6.91  ? 220 ALA X N   1 
ATOM   556 C  CA  . ALA A 1 69 ? 2.318   0.719   -13.305 1.00 7.26  ? 220 ALA X CA  1 
ATOM   557 C  C   . ALA A 1 69 ? 1.113   1.119   -12.462 1.00 7.21  ? 220 ALA X C   1 
ATOM   558 O  O   . ALA A 1 69 ? 0.666   2.269   -12.506 1.00 7.36  ? 220 ALA X O   1 
ATOM   559 C  CB  . ALA A 1 69 ? 1.871   0.162   -14.653 1.00 8.65  ? 220 ALA X CB  1 
ATOM   560 N  N   . PHE A 1 70 ? 0.584   0.176   -11.685 1.00 6.89  ? 221 PHE X N   1 
ATOM   561 C  CA  . PHE A 1 70 ? -0.524  0.470   -10.785 1.00 6.57  ? 221 PHE X CA  1 
ATOM   562 C  C   . PHE A 1 70 ? -0.080  1.436   -9.678  1.00 5.91  ? 221 PHE X C   1 
ATOM   563 O  O   . PHE A 1 70 ? -0.778  2.413   -9.362  1.00 5.72  ? 221 PHE X O   1 
ATOM   564 C  CB  . PHE A 1 70 ? -1.068  -0.838  -10.201 1.00 7.01  ? 221 PHE X CB  1 
ATOM   565 C  CG  . PHE A 1 70 ? -2.447  -0.702  -9.604  1.00 6.73  ? 221 PHE X CG  1 
ATOM   566 C  CD1 . PHE A 1 70 ? -2.624  -0.333  -8.277  1.00 6.87  ? 221 PHE X CD1 1 
ATOM   567 C  CD2 . PHE A 1 70 ? -3.571  -0.930  -10.395 1.00 8.31  ? 221 PHE X CD2 1 
ATOM   568 C  CE1 . PHE A 1 70 ? -3.914  -0.196  -7.741  1.00 7.02  ? 221 PHE X CE1 1 
ATOM   569 C  CE2 . PHE A 1 70 ? -4.861  -0.802  -9.872  1.00 8.48  ? 221 PHE X CE2 1 
ATOM   570 C  CZ  . PHE A 1 70 ? -5.032  -0.429  -8.552  1.00 7.91  ? 221 PHE X CZ  1 
ATOM   571 N  N   . LEU A 1 71 ? 1.092   1.182   -9.100  1.00 5.42  ? 222 LEU X N   1 
ATOM   572 C  CA  . LEU A 1 71 ? 1.609   2.093   -8.085  1.00 5.34  ? 222 LEU X CA  1 
ATOM   573 C  C   . LEU A 1 71 ? 1.870   3.489   -8.656  1.00 5.29  ? 222 LEU X C   1 
ATOM   574 O  O   . LEU A 1 71 ? 1.636   4.482   -7.983  1.00 5.50  ? 222 LEU X O   1 
ATOM   575 C  CB  . LEU A 1 71 ? 2.856   1.529   -7.398  1.00 5.76  ? 222 LEU X CB  1 
ATOM   576 C  CG  . LEU A 1 71 ? 2.740   0.132   -6.773  1.00 5.53  ? 222 LEU X CG  1 
ATOM   577 C  CD1 . LEU A 1 71 ? 3.964   -0.167  -5.916  1.00 6.07  ? 222 LEU X CD1 1 
ATOM   578 C  CD2 . LEU A 1 71 ? 1.472   -0.036  -5.949  1.00 5.51  ? 222 LEU X CD2 1 
ATOM   579 N  N   . GLN A 1 72 ? 2.310   3.560   -9.911  1.00 5.28  ? 223 GLN X N   1 
ATOM   580 C  CA  . GLN A 1 72 ? 2.533   4.850   -10.550 1.00 5.44  ? 223 GLN X CA  1 
ATOM   581 C  C   . GLN A 1 72 ? 1.236   5.647   -10.691 1.00 5.07  ? 223 GLN X C   1 
ATOM   582 O  O   . GLN A 1 72 ? 1.242   6.863   -10.534 1.00 5.69  ? 223 GLN X O   1 
ATOM   583 C  CB  . GLN A 1 72 ? 3.239   4.674   -11.900 1.00 6.02  ? 223 GLN X CB  1 
ATOM   584 C  CG  . GLN A 1 72 ? 3.572   6.005   -12.603 1.00 6.74  ? 223 GLN X CG  1 
ATOM   585 C  CD  . GLN A 1 72 ? 4.508   6.888   -11.792 1.00 7.33  ? 223 GLN X CD  1 
ATOM   586 O  OE1 . GLN A 1 72 ? 5.280   6.396   -10.968 1.00 8.87  ? 223 GLN X OE1 1 
ATOM   587 N  NE2 . GLN A 1 72 ? 4.454   8.199   -12.026 1.00 8.86  ? 223 GLN X NE2 1 
ATOM   588 N  N   . ARG A 1 73 ? 0.118   4.965   -10.943 1.00 5.21  ? 224 ARG X N   1 
ATOM   589 C  CA  . ARG A 1 73 ? -1.171  5.651   -10.934 1.00 5.73  ? 224 ARG X CA  1 
ATOM   590 C  C   . ARG A 1 73 ? -1.477  6.236   -9.557  1.00 5.67  ? 224 ARG X C   1 
ATOM   591 O  O   . ARG A 1 73 ? -2.028  7.323   -9.458  1.00 5.46  ? 224 ARG X O   1 
ATOM   592 C  CB  . ARG A 1 73 ? -2.285  4.710   -11.375 1.00 6.37  ? 224 ARG X CB  1 
ATOM   593 C  CG  . ARG A 1 73 ? -2.284  4.345   -12.839 1.00 8.17  ? 224 ARG X CG  1 
ATOM   594 C  CD  . ARG A 1 73 ? -2.818  5.486   -13.711 1.00 10.57 ? 224 ARG X CD  1 
ATOM   595 N  NE  . ARG A 1 73 ? -2.910  5.036   -15.098 1.00 11.08 ? 224 ARG X NE  1 
ATOM   596 C  CZ  . ARG A 1 73 ? -2.397  5.663   -16.153 1.00 9.58  ? 224 ARG X CZ  1 
ATOM   597 N  NH1 . ARG A 1 73 ? -1.763  6.823   -16.031 1.00 9.50  ? 224 ARG X NH1 1 
ATOM   598 N  NH2 . ARG A 1 73 ? -2.551  5.124   -17.356 1.00 10.68 ? 224 ARG X NH2 1 
ATOM   599 N  N   . ILE A 1 74 ? -1.136  5.512   -8.495  1.00 5.39  ? 225 ILE X N   1 
ATOM   600 C  CA  . ILE A 1 74 ? -1.337  6.023   -7.149  1.00 5.85  ? 225 ILE X CA  1 
ATOM   601 C  C   . ILE A 1 74 ? -0.519  7.314   -6.950  1.00 5.69  ? 225 ILE X C   1 
ATOM   602 O  O   . ILE A 1 74 ? -1.010  8.289   -6.373  1.00 6.03  ? 225 ILE X O   1 
ATOM   603 C  CB  . ILE A 1 74 ? -1.011  4.964   -6.079  1.00 5.52  ? 225 ILE X CB  1 
ATOM   604 C  CG1 . ILE A 1 74 ? -1.958  3.763   -6.211  1.00 6.40  ? 225 ILE X CG1 1 
ATOM   605 C  CG2 . ILE A 1 74 ? -1.097  5.589   -4.686  1.00 6.29  ? 225 ILE X CG2 1 
ATOM   606 C  CD1 . ILE A 1 74 ? -1.617  2.594   -5.317  1.00 6.61  ? 225 ILE X CD1 1 
ATOM   607 N  N   . VAL A 1 75 ? 0.726   7.324   -7.431  1.00 6.00  ? 226 VAL X N   1 
ATOM   608 C  CA  . VAL A 1 75 ? 1.550   8.528   -7.384  1.00 6.32  ? 226 VAL X CA  1 
ATOM   609 C  C   . VAL A 1 75 ? 0.887   9.681   -8.158  1.00 5.94  ? 226 VAL X C   1 
ATOM   610 O  O   . VAL A 1 75 ? 0.777   10.804  -7.646  1.00 6.40  ? 226 VAL X O   1 
ATOM   611 C  CB  . VAL A 1 75 ? 2.976   8.245   -7.905  1.00 6.42  ? 226 VAL X CB  1 
ATOM   612 C  CG1 . VAL A 1 75 ? 3.777   9.533   -8.057  1.00 7.55  ? 226 VAL X CG1 1 
ATOM   613 C  CG2 . VAL A 1 75 ? 3.690   7.266   -6.983  1.00 7.48  ? 226 VAL X CG2 1 
ATOM   614 N  N   . GLU A 1 76 ? 0.417   9.397   -9.369  1.00 6.27  ? 227 GLU X N   1 
ATOM   615 C  CA  . GLU A 1 76 ? -0.174  10.441  -10.215 1.00 6.57  ? 227 GLU X CA  1 
ATOM   616 C  C   . GLU A 1 76 ? -1.409  11.069  -9.591  1.00 6.76  ? 227 GLU X C   1 
ATOM   617 O  O   . GLU A 1 76 ? -1.569  12.297  -9.585  1.00 7.13  ? 227 GLU X O   1 
ATOM   618 C  CB  . GLU A 1 76 ? -0.590  9.862   -11.570 1.00 7.33  ? 227 GLU X CB  1 
ATOM   619 C  CG  . GLU A 1 76 ? 0.557   9.476   -12.468 1.00 7.95  ? 227 GLU X CG  1 
ATOM   620 C  CD  . GLU A 1 76 ? 0.140   8.551   -13.593 1.00 8.28  ? 227 GLU X CD  1 
ATOM   621 O  OE1 . GLU A 1 76 ? -1.069  8.293   -13.769 1.00 8.19  ? 227 GLU X OE1 1 
ATOM   622 O  OE2 . GLU A 1 76 ? 1.045   8.072   -14.298 1.00 11.28 ? 227 GLU X OE2 1 
ATOM   623 N  N   A ILE A 1 77 ? -2.306  10.243  -9.074  0.30 6.45  ? 228 ILE X N   1 
ATOM   624 N  N   B ILE A 1 77 ? -2.297  10.208  -9.098  0.70 6.59  ? 228 ILE X N   1 
ATOM   625 C  CA  A ILE A 1 77 ? -3.608  10.749  -8.657  0.30 6.44  ? 228 ILE X CA  1 
ATOM   626 C  CA  B ILE A 1 77 ? -3.611  10.656  -8.678  0.70 7.28  ? 228 ILE X CA  1 
ATOM   627 C  C   A ILE A 1 77 ? -3.584  11.226  -7.204  0.30 6.53  ? 228 ILE X C   1 
ATOM   628 C  C   B ILE A 1 77 ? -3.577  11.172  -7.251  0.70 6.83  ? 228 ILE X C   1 
ATOM   629 O  O   A ILE A 1 77 ? -4.207  12.256  -6.847  0.50 6.78  ? 228 ILE X O   1 
ATOM   630 O  O   B ILE A 1 77 ? -4.208  12.185  -6.956  0.50 6.92  ? 228 ILE X O   1 
ATOM   631 C  CB  A ILE A 1 77 ? -4.706  9.690   -8.914  0.30 6.70  ? 228 ILE X CB  1 
ATOM   632 C  CB  B ILE A 1 77 ? -4.704  9.551   -8.839  0.70 8.33  ? 228 ILE X CB  1 
ATOM   633 C  CG1 A ILE A 1 77 ? -4.649  9.228   -10.387 0.30 6.09  ? 228 ILE X CG1 1 
ATOM   634 C  CG1 B ILE A 1 77 ? -5.129  9.382   -10.303 0.70 10.85 ? 228 ILE X CG1 1 
ATOM   635 C  CG2 A ILE A 1 77 ? -6.078  10.244  -8.545  0.30 7.03  ? 228 ILE X CG2 1 
ATOM   636 C  CG2 B ILE A 1 77 ? -5.973  9.947   -8.107  0.70 8.69  ? 228 ILE X CG2 1 
ATOM   637 C  CD1 A ILE A 1 77 ? -5.234  7.843   -10.664 0.30 5.62  ? 228 ILE X CD1 1 
ATOM   638 C  CD1 B ILE A 1 77 ? -4.051  9.065   -11.243 0.70 12.80 ? 228 ILE X CD1 1 
ATOM   639 N  N   . TYR A 1 78 ? -2.844  10.495  -6.372  1.00 6.50  ? 229 TYR X N   1 
ATOM   640 C  CA  . TYR A 1 78 ? -2.872  10.779  -4.941  1.00 6.89  ? 229 TYR X CA  1 
ATOM   641 C  C   . TYR A 1 78 ? -1.593  11.372  -4.373  1.00 6.85  ? 229 TYR X C   1 
ATOM   642 O  O   . TYR A 1 78 ? -1.549  11.668  -3.181  1.00 7.27  ? 229 TYR X O   1 
ATOM   643 C  CB  . TYR A 1 78 ? -3.332  9.538   -4.141  1.00 7.46  ? 229 TYR X CB  1 
ATOM   644 C  CG  . TYR A 1 78 ? -4.698  9.046   -4.572  1.00 7.27  ? 229 TYR X CG  1 
ATOM   645 C  CD1 . TYR A 1 78 ? -5.841  9.818   -4.328  1.00 7.82  ? 229 TYR X CD1 1 
ATOM   646 C  CD2 . TYR A 1 78 ? -4.857  7.827   -5.226  1.00 9.26  ? 229 TYR X CD2 1 
ATOM   647 C  CE1 . TYR A 1 78 ? -7.102  9.396   -4.737  1.00 8.46  ? 229 TYR X CE1 1 
ATOM   648 C  CE2 . TYR A 1 78 ? -6.118  7.390   -5.634  1.00 10.28 ? 229 TYR X CE2 1 
ATOM   649 C  CZ  . TYR A 1 78 ? -7.233  8.186   -5.386  1.00 9.10  ? 229 TYR X CZ  1 
ATOM   650 O  OH  . TYR A 1 78 ? -8.468  7.745   -5.800  1.00 9.79  ? 229 TYR X OH  1 
ATOM   651 N  N   A GLN A 1 79 ? -0.549  11.489  -5.190  0.60 6.41  ? 230 GLN X N   1 
ATOM   652 N  N   B GLN A 1 79 ? -0.587  11.578  -5.227  0.40 6.80  ? 230 GLN X N   1 
ATOM   653 C  CA  A GLN A 1 79 ? 0.664   12.196  -4.763  0.60 6.66  ? 230 GLN X CA  1 
ATOM   654 C  CA  B GLN A 1 79 ? 0.726   12.135  -4.830  0.40 7.06  ? 230 GLN X CA  1 
ATOM   655 C  C   A GLN A 1 79 ? 1.329   11.490  -3.572  0.60 6.57  ? 230 GLN X C   1 
ATOM   656 C  C   B GLN A 1 79 ? 1.240   11.497  -3.543  0.40 6.78  ? 230 GLN X C   1 
ATOM   657 O  O   A GLN A 1 79 ? 1.982   12.116  -2.743  0.60 6.50  ? 230 GLN X O   1 
ATOM   658 O  O   B GLN A 1 79 ? 1.668   12.175  -2.611  0.40 6.84  ? 230 GLN X O   1 
ATOM   659 C  CB  A GLN A 1 79 ? 0.322   13.659  -4.432  0.60 7.05  ? 230 GLN X CB  1 
ATOM   660 C  CB  B GLN A 1 79 ? 0.712   13.674  -4.762  0.40 7.53  ? 230 GLN X CB  1 
ATOM   661 C  CG  A GLN A 1 79 ? -0.471  14.347  -5.549  0.60 7.26  ? 230 GLN X CG  1 
ATOM   662 C  CG  B GLN A 1 79 ? 0.445   14.314  -6.129  0.40 8.56  ? 230 GLN X CG  1 
ATOM   663 C  CD  A GLN A 1 79 ? -0.669  15.816  -5.289  0.60 8.25  ? 230 GLN X CD  1 
ATOM   664 C  CD  B GLN A 1 79 ? 0.506   15.839  -6.143  0.40 9.47  ? 230 GLN X CD  1 
ATOM   665 O  OE1 A GLN A 1 79 ? 0.074   16.642  -5.808  0.60 9.65  ? 230 GLN X OE1 1 
ATOM   666 O  OE1 B GLN A 1 79 ? 0.531   16.445  -7.213  0.40 10.83 ? 230 GLN X OE1 1 
ATOM   667 N  NE2 A GLN A 1 79 ? -1.665  16.152  -4.466  0.60 9.00  ? 230 GLN X NE2 1 
ATOM   668 N  NE2 B GLN A 1 79 ? 0.521   16.460  -4.970  0.40 9.86  ? 230 GLN X NE2 1 
ATOM   669 N  N   . VAL A 1 80 ? 1.175   10.170  -3.523  1.00 6.10  ? 231 VAL X N   1 
ATOM   670 C  CA  . VAL A 1 80 ? 1.631   9.367   -2.394  1.00 6.28  ? 231 VAL X CA  1 
ATOM   671 C  C   . VAL A 1 80 ? 3.137   9.130   -2.455  1.00 6.10  ? 231 VAL X C   1 
ATOM   672 O  O   . VAL A 1 80 ? 3.667   8.798   -3.521  1.00 6.88  ? 231 VAL X O   1 
ATOM   673 C  CB  . VAL A 1 80 ? 0.850   8.033   -2.369  1.00 6.59  ? 231 VAL X CB  1 
ATOM   674 C  CG1 . VAL A 1 80 ? 1.511   7.011   -1.478  1.00 7.18  ? 231 VAL X CG1 1 
ATOM   675 C  CG2 . VAL A 1 80 ? -0.576  8.276   -1.931  1.00 7.05  ? 231 VAL X CG2 1 
ATOM   676 N  N   . LYS A 1 81 ? 3.795   9.283   -1.305  1.00 5.84  ? 232 LYS X N   1 
ATOM   677 C  CA  . LYS A 1 81 ? 5.183   8.877   -1.129  1.00 6.89  ? 232 LYS X CA  1 
ATOM   678 C  C   . LYS A 1 81 ? 5.219   7.441   -0.611  1.00 6.34  ? 232 LYS X C   1 
ATOM   679 O  O   . LYS A 1 81 ? 4.701   7.143   0.464   1.00 6.88  ? 232 LYS X O   1 
ATOM   680 C  CB  . LYS A 1 81 ? 5.882   9.804   -0.127  1.00 8.36  ? 232 LYS X CB  1 
ATOM   681 C  CG  . LYS A 1 81 ? 7.341   9.408   0.120   1.00 13.37 ? 232 LYS X CG  1 
ATOM   682 C  CD  . LYS A 1 81 ? 7.893   10.018  1.401   1.00 19.14 ? 232 LYS X CD  1 
ATOM   683 C  CE  . LYS A 1 81 ? 9.130   9.270   1.890   1.00 20.97 ? 232 LYS X CE  1 
ATOM   684 N  NZ  . LYS A 1 81 ? 9.215   9.256   3.382   1.00 22.66 ? 232 LYS X NZ  1 
ATOM   685 N  N   . PHE A 1 82 ? 5.837   6.560   -1.388  1.00 6.07  ? 233 PHE X N   1 
ATOM   686 C  CA  . PHE A 1 82 ? 5.973   5.147   -1.032  1.00 6.08  ? 233 PHE X CA  1 
ATOM   687 C  C   . PHE A 1 82 ? 7.178   4.901   -0.133  1.00 5.85  ? 233 PHE X C   1 
ATOM   688 O  O   . PHE A 1 82 ? 8.251   5.495   -0.328  1.00 6.70  ? 233 PHE X O   1 
ATOM   689 C  CB  . PHE A 1 82 ? 6.055   4.294   -2.303  1.00 6.34  ? 233 PHE X CB  1 
ATOM   690 C  CG  . PHE A 1 82 ? 4.713   4.024   -2.922  1.00 5.85  ? 233 PHE X CG  1 
ATOM   691 C  CD1 . PHE A 1 82 ? 4.075   2.807   -2.707  1.00 6.25  ? 233 PHE X CD1 1 
ATOM   692 C  CD2 . PHE A 1 82 ? 4.064   4.992   -3.680  1.00 7.05  ? 233 PHE X CD2 1 
ATOM   693 C  CE1 . PHE A 1 82 ? 2.820   2.559   -3.251  1.00 6.52  ? 233 PHE X CE1 1 
ATOM   694 C  CE2 . PHE A 1 82 ? 2.803   4.745   -4.219  1.00 7.91  ? 233 PHE X CE2 1 
ATOM   695 C  CZ  . PHE A 1 82 ? 2.183   3.527   -4.000  1.00 7.31  ? 233 PHE X CZ  1 
ATOM   696 N  N   . GLU A 1 83 ? 6.983   4.024   0.851   1.00 5.90  ? 234 GLU X N   1 
ATOM   697 C  CA  . GLU A 1 83 ? 8.003   3.668   1.822   1.00 6.18  ? 234 GLU X CA  1 
ATOM   698 C  C   . GLU A 1 83 ? 8.054   2.155   2.007   1.00 5.95  ? 234 GLU X C   1 
ATOM   699 O  O   . GLU A 1 83 ? 7.122   1.432   1.635   1.00 5.89  ? 234 GLU X O   1 
ATOM   700 C  CB  . GLU A 1 83 ? 7.698   4.292   3.188   1.00 6.74  ? 234 GLU X CB  1 
ATOM   701 C  CG  . GLU A 1 83 ? 7.558   5.797   3.175   1.00 8.48  ? 234 GLU X CG  1 
ATOM   702 C  CD  . GLU A 1 83 ? 7.122   6.360   4.517   1.00 10.06 ? 234 GLU X CD  1 
ATOM   703 O  OE1 . GLU A 1 83 ? 6.813   5.582   5.436   1.00 10.96 ? 234 GLU X OE1 1 
ATOM   704 O  OE2 . GLU A 1 83 ? 7.101   7.598   4.641   1.00 13.19 ? 234 GLU X OE2 1 
ATOM   705 N  N   . GLY A 1 84 ? 9.128   1.677   2.625   1.00 6.11  ? 235 GLY X N   1 
ATOM   706 C  CA  . GLY A 1 84 ? 9.230   0.267   3.014   1.00 6.39  ? 235 GLY X CA  1 
ATOM   707 C  C   . GLY A 1 84 ? 8.628   0.032   4.384   1.00 6.64  ? 235 GLY X C   1 
ATOM   708 O  O   . GLY A 1 84 ? 7.757   0.783   4.832   1.00 7.01  ? 235 GLY X O   1 
ATOM   709 N  N   . LYS A 1 85 ? 9.090   -1.019  5.051   1.00 6.55  ? 236 LYS X N   1 
ATOM   710 C  CA  . LYS A 1 85 ? 8.612   -1.342  6.394   1.00 6.98  ? 236 LYS X CA  1 
ATOM   711 C  C   . LYS A 1 85 ? 9.124   -0.339  7.406   1.00 7.20  ? 236 LYS X C   1 
ATOM   712 O  O   . LYS A 1 85 ? 10.172  0.284   7.208   1.00 8.12  ? 236 LYS X O   1 
ATOM   713 C  CB  . LYS A 1 85 ? 9.061   -2.741  6.805   1.00 7.42  ? 236 LYS X CB  1 
ATOM   714 C  CG  . LYS A 1 85 ? 8.484   -3.854  5.956   1.00 7.40  ? 236 LYS X CG  1 
ATOM   715 C  CD  . LYS A 1 85 ? 8.989   -5.215  6.405   0.70 6.46  ? 236 LYS X CD  1 
ATOM   716 C  CE  . LYS A 1 85 ? 8.359   -6.313  5.579   0.70 7.51  ? 236 LYS X CE  1 
ATOM   717 N  NZ  . LYS A 1 85 ? 8.910   -7.671  5.844   0.70 10.21 ? 236 LYS X NZ  1 
ATOM   718 N  N   . ASN A 1 86 ? 8.396   -0.176  8.508   1.00 7.65  ? 237 ASN X N   1 
ATOM   719 C  CA  . ASN A 1 86 ? 8.858   0.721   9.564   1.00 8.14  ? 237 ASN X CA  1 
ATOM   720 C  C   . ASN A 1 86 ? 9.059   0.006   10.888  1.00 9.47  ? 237 ASN X C   1 
ATOM   721 O  O   . ASN A 1 86 ? 9.303   0.653   11.903  1.00 10.32 ? 237 ASN X O   1 
ATOM   722 C  CB  . ASN A 1 86 ? 7.968   1.973   9.685   1.00 8.31  ? 237 ASN X CB  1 
ATOM   723 C  CG  . ASN A 1 86 ? 6.571   1.670   10.186  1.00 7.91  ? 237 ASN X CG  1 
ATOM   724 O  OD1 . ASN A 1 86 ? 6.193   0.526   10.432  1.00 8.32  ? 237 ASN X OD1 1 
ATOM   725 N  ND2 . ASN A 1 86 ? 5.787   2.728   10.343  1.00 9.38  ? 237 ASN X ND2 1 
ATOM   726 N  N   . VAL A 1 87 ? 8.961   -1.323  10.850  1.00 10.00 ? 238 VAL X N   1 
ATOM   727 C  CA  . VAL A 1 87 ? 9.284   -2.208  11.957  1.00 12.86 ? 238 VAL X CA  1 
ATOM   728 C  C   . VAL A 1 87 ? 9.971   -3.433  11.340  1.00 14.38 ? 238 VAL X C   1 
ATOM   729 O  O   . VAL A 1 87 ? 9.935   -3.635  10.121  1.00 14.97 ? 238 VAL X O   1 
ATOM   730 C  CB  . VAL A 1 87 ? 8.026   -2.650  12.743  1.00 12.63 ? 238 VAL X CB  1 
ATOM   731 C  CG1 . VAL A 1 87 ? 7.381   -1.459  13.450  1.00 13.45 ? 238 VAL X CG1 1 
ATOM   732 C  CG2 . VAL A 1 87 ? 7.007   -3.311  11.836  1.00 13.71 ? 238 VAL X CG2 1 
ATOM   733 N  N   . HIS A 1 88 ? 10.570  -4.268  12.177  1.00 16.48 ? 239 HIS X N   1 
ATOM   734 C  CA  . HIS A 1 88 ? 11.195  -5.497  11.690  1.00 17.97 ? 239 HIS X CA  1 
ATOM   735 C  C   . HIS A 1 88 ? 10.161  -6.473  11.151  0.70 18.18 ? 239 HIS X C   1 
ATOM   736 O  O   . HIS A 1 88 ? 10.421  -7.196  10.189  1.00 19.23 ? 239 HIS X O   1 
ATOM   737 C  CB  . HIS A 1 88 ? 11.991  -6.178  12.797  1.00 18.62 ? 239 HIS X CB  1 
ATOM   738 C  CG  . HIS A 1 88 ? 13.176  -5.397  13.254  0.70 19.64 ? 239 HIS X CG  1 
ATOM   739 N  ND1 . HIS A 1 88 ? 14.288  -5.199  12.462  0.70 20.21 ? 239 HIS X ND1 1 
ATOM   740 C  CD2 . HIS A 1 88 ? 13.429  -4.769  14.424  0.70 20.08 ? 239 HIS X CD2 1 
ATOM   741 C  CE1 . HIS A 1 88 ? 15.171  -4.474  13.125  0.70 20.71 ? 239 HIS X CE1 1 
ATOM   742 N  NE2 . HIS A 1 88 ? 14.677  -4.205  14.321  0.70 21.00 ? 239 HIS X NE2 1 
ATOM   743 O  OXT . HIS A 1 88 ? 9.052   -6.568  11.678  0.70 18.33 ? 239 HIS X OXT 1 
HETATM 744 C  C1  A GOL B 2 .  ? 3.740   -9.671  3.439   0.40 6.68  ? 1   GOL X C1  1 
HETATM 745 C  C1  B GOL B 2 .  ? 3.646   -9.682  3.548   0.40 9.12  ? 1   GOL X C1  1 
HETATM 746 C  C1  C GOL B 2 .  ? 3.407   -9.615  3.181   0.20 7.07  ? 1   GOL X C1  1 
HETATM 747 O  O1  A GOL B 2 .  ? 5.026   -9.262  3.020   0.40 6.74  ? 1   GOL X O1  1 
HETATM 748 O  O1  B GOL B 2 .  ? 4.884   -9.272  3.007   0.40 9.03  ? 1   GOL X O1  1 
HETATM 749 O  O1  C GOL B 2 .  ? 4.662   -9.358  2.591   0.20 7.26  ? 1   GOL X O1  1 
HETATM 750 C  C2  A GOL B 2 .  ? 3.191   -8.634  4.410   0.40 5.71  ? 1   GOL X C2  1 
HETATM 751 C  C2  B GOL B 2 .  ? 3.167   -8.617  4.528   0.40 8.11  ? 1   GOL X C2  1 
HETATM 752 C  C2  C GOL B 2 .  ? 3.225   -8.662  4.357   0.20 5.63  ? 1   GOL X C2  1 
HETATM 753 O  O2  A GOL B 2 .  ? 3.115   -7.397  3.739   0.40 5.42  ? 1   GOL X O2  1 
HETATM 754 O  O2  B GOL B 2 .  ? 2.830   -7.447  3.820   0.40 8.86  ? 1   GOL X O2  1 
HETATM 755 O  O2  C GOL B 2 .  ? 3.093   -7.348  3.865   0.20 7.72  ? 1   GOL X O2  1 
HETATM 756 C  C3  A GOL B 2 .  ? 1.813   -9.062  4.898   0.40 7.25  ? 1   GOL X C3  1 
HETATM 757 C  C3  B GOL B 2 .  ? 1.974   -9.103  5.344   0.40 9.59  ? 1   GOL X C3  1 
HETATM 758 C  C3  C GOL B 2 .  ? 1.986   -9.038  5.160   0.20 7.43  ? 1   GOL X C3  1 
HETATM 759 O  O3  A GOL B 2 .  ? 1.278   -8.079  5.755   0.40 7.60  ? 1   GOL X O3  1 
HETATM 760 O  O3  B GOL B 2 .  ? 0.860   -9.328  4.508   0.40 10.45 ? 1   GOL X O3  1 
HETATM 761 O  O3  C GOL B 2 .  ? 2.189   -10.282 5.794   0.20 7.62  ? 1   GOL X O3  1 
HETATM 762 NA NA  . NA  C 3 .  ? -3.192  -10.454 3.227   1.00 28.71 ? 240 NA  X NA  1 
HETATM 763 O  O   A HOH D 4 .  ? -4.739  -11.744 7.378   0.50 21.87 ? 2   HOH X O   1 
HETATM 764 O  O   B HOH D 4 .  ? -5.482  -10.725 7.790   0.50 6.87  ? 2   HOH X O   1 
HETATM 765 O  O   . HOH D 4 .  ? 6.256   -2.111  8.400   1.00 6.97  ? 3   HOH X O   1 
HETATM 766 O  O   . HOH D 4 .  ? 0.053   4.613   5.047   1.00 7.95  ? 4   HOH X O   1 
HETATM 767 O  O   . HOH D 4 .  ? -10.465 9.493   -5.367  1.00 6.51  ? 5   HOH X O   1 
HETATM 768 O  O   . HOH D 4 .  ? 7.689   5.866   -12.438 1.00 8.42  ? 6   HOH X O   1 
HETATM 769 O  O   . HOH D 4 .  ? 13.802  -5.018  -5.758  1.00 8.96  ? 7   HOH X O   1 
HETATM 770 O  O   . HOH D 4 .  ? 7.560   3.168   6.464   1.00 11.99 ? 8   HOH X O   1 
HETATM 771 O  O   . HOH D 4 .  ? -10.575 0.991   1.318   1.00 9.28  ? 9   HOH X O   1 
HETATM 772 O  O   . HOH D 4 .  ? -12.122 -6.036  12.156  1.00 8.42  ? 10  HOH X O   1 
HETATM 773 O  O   . HOH D 4 .  ? 4.157   -2.355  -14.567 1.00 14.10 ? 11  HOH X O   1 
HETATM 774 O  O   . HOH D 4 .  ? 12.231  -2.552  1.460   1.00 10.33 ? 12  HOH X O   1 
HETATM 775 O  O   . HOH D 4 .  ? -1.536  -3.944  -11.516 1.00 12.44 ? 13  HOH X O   1 
HETATM 776 O  O   . HOH D 4 .  ? -6.294  -8.155  -10.292 1.00 8.74  ? 14  HOH X O   1 
HETATM 777 O  O   . HOH D 4 .  ? -6.649  8.515   3.196   1.00 8.50  ? 15  HOH X O   1 
HETATM 778 O  O   . HOH D 4 .  ? 9.162   -8.463  8.422   1.00 17.12 ? 16  HOH X O   1 
HETATM 779 O  O   . HOH D 4 .  ? -8.089  -5.786  -10.145 1.00 7.61  ? 17  HOH X O   1 
HETATM 780 O  O   . HOH D 4 .  ? 9.493   -11.926 -3.396  1.00 12.97 ? 18  HOH X O   1 
HETATM 781 O  O   . HOH D 4 .  ? 6.700   7.595   -3.948  1.00 14.79 ? 19  HOH X O   1 
HETATM 782 O  O   . HOH D 4 .  ? 5.671   -10.928 0.937   1.00 12.71 ? 20  HOH X O   1 
HETATM 783 O  O   . HOH D 4 .  ? -4.895  -8.514  -12.650 1.00 10.21 ? 21  HOH X O   1 
HETATM 784 O  O   . HOH D 4 .  ? 3.595   -9.735  11.901  1.00 13.84 ? 22  HOH X O   1 
HETATM 785 O  O   . HOH D 4 .  ? -2.290  -6.450  15.505  1.00 11.20 ? 23  HOH X O   1 
HETATM 786 O  O   . HOH D 4 .  ? -13.760 1.136   8.552   1.00 17.47 ? 24  HOH X O   1 
HETATM 787 O  O   . HOH D 4 .  ? 3.312   9.264   -14.571 1.00 14.66 ? 25  HOH X O   1 
HETATM 788 O  O   . HOH D 4 .  ? -4.251  -3.917  -12.127 1.00 11.15 ? 26  HOH X O   1 
HETATM 789 O  O   . HOH D 4 .  ? -11.358 -5.995  0.049   1.00 14.31 ? 27  HOH X O   1 
HETATM 790 O  O   . HOH D 4 .  ? 15.101  -8.627  -6.083  1.00 15.69 ? 28  HOH X O   1 
HETATM 791 O  O   . HOH D 4 .  ? 11.422  -2.369  4.048   1.00 10.96 ? 29  HOH X O   1 
HETATM 792 O  O   . HOH D 4 .  ? 11.248  3.693   2.872   1.00 16.22 ? 30  HOH X O   1 
HETATM 793 O  O   . HOH D 4 .  ? 8.472   -11.883 -8.274  1.00 14.18 ? 31  HOH X O   1 
HETATM 794 O  O   . HOH D 4 .  ? 13.542  -6.878  -7.671  1.00 13.52 ? 32  HOH X O   1 
HETATM 795 O  O   . HOH D 4 .  ? 9.265   0.049   -10.569 1.00 12.81 ? 33  HOH X O   1 
HETATM 796 O  O   . HOH D 4 .  ? -2.042  18.449  -2.938  1.00 13.57 ? 34  HOH X O   1 
HETATM 797 O  O   . HOH D 4 .  ? 12.300  -9.390  0.035   1.00 22.30 ? 35  HOH X O   1 
HETATM 798 O  O   . HOH D 4 .  ? 2.112   13.066  -8.756  1.00 18.57 ? 36  HOH X O   1 
HETATM 799 O  O   . HOH D 4 .  ? 13.576  -0.417  0.452   1.00 10.43 ? 37  HOH X O   1 
HETATM 800 O  O   . HOH D 4 .  ? 9.549   6.722   -2.402  1.00 11.53 ? 38  HOH X O   1 
HETATM 801 O  O   . HOH D 4 .  ? 0.860   3.562   -14.948 1.00 16.76 ? 39  HOH X O   1 
HETATM 802 O  O   . HOH D 4 .  ? 6.822   -9.567  4.998   1.00 17.83 ? 40  HOH X O   1 
HETATM 803 O  O   . HOH D 4 .  ? -13.261 -0.486  12.610  1.00 17.75 ? 41  HOH X O   1 
HETATM 804 O  O   . HOH D 4 .  ? 3.974   12.463  2.091   1.00 16.54 ? 42  HOH X O   1 
HETATM 805 O  O   . HOH D 4 .  ? 5.576   8.670   2.939   1.00 27.03 ? 43  HOH X O   1 
HETATM 806 O  O   A HOH D 4 .  ? -1.410  6.024   7.192   0.50 8.98  ? 44  HOH X O   1 
HETATM 807 O  O   B HOH D 4 .  ? 0.201   6.739   6.765   0.50 15.53 ? 44  HOH X O   1 
HETATM 808 O  O   A HOH D 4 .  ? 1.163   -11.492 -5.376  0.50 11.18 ? 45  HOH X O   1 
HETATM 809 O  O   B HOH D 4 .  ? -0.057  -10.440 -5.611  0.50 13.16 ? 45  HOH X O   1 
HETATM 810 O  O   . HOH D 4 .  ? 2.067   16.659  -2.754  1.00 19.98 ? 46  HOH X O   1 
HETATM 811 O  O   . HOH D 4 .  ? 8.120   -11.742 1.737   1.00 24.43 ? 47  HOH X O   1 
HETATM 812 O  O   . HOH D 4 .  ? 3.439   14.247  -2.277  1.00 19.04 ? 48  HOH X O   1 
HETATM 813 O  O   . HOH D 4 .  ? -17.633 -4.501  8.707   1.00 42.81 ? 49  HOH X O   1 
HETATM 814 O  O   . HOH D 4 .  ? 13.798  -4.769  2.054   1.00 19.36 ? 50  HOH X O   1 
HETATM 815 O  O   . HOH D 4 .  ? 1.573   5.959   -15.769 1.00 15.16 ? 51  HOH X O   1 
HETATM 816 O  O   . HOH D 4 .  ? -11.491 1.541   -1.282  1.00 15.93 ? 52  HOH X O   1 
HETATM 817 O  O   . HOH D 4 .  ? 9.983   4.161   7.341   1.00 26.07 ? 53  HOH X O   1 
HETATM 818 O  O   . HOH D 4 .  ? -0.618  -5.102  16.969  1.00 15.93 ? 54  HOH X O   1 
HETATM 819 O  O   . HOH D 4 .  ? 12.162  -4.010  8.321   1.00 21.96 ? 55  HOH X O   1 
HETATM 820 O  O   . HOH D 4 .  ? 10.842  5.849   0.756   1.00 16.46 ? 56  HOH X O   1 
HETATM 821 O  O   . HOH D 4 .  ? 9.061   2.827   -11.365 1.00 16.04 ? 57  HOH X O   1 
HETATM 822 O  O   A HOH D 4 .  ? 11.726  -6.553  -10.351 0.50 11.67 ? 58  HOH X O   1 
HETATM 823 O  O   B HOH D 4 .  ? 13.046  -6.462  -10.306 0.50 16.14 ? 58  HOH X O   1 
HETATM 824 O  O   . HOH D 4 .  ? -0.116  19.320  -6.815  1.00 23.03 ? 59  HOH X O   1 
HETATM 825 O  O   . HOH D 4 .  ? 11.496  -7.459  4.683   1.00 26.38 ? 60  HOH X O   1 
HETATM 826 O  O   . HOH D 4 .  ? -4.269  7.175   7.339   1.00 14.48 ? 61  HOH X O   1 
HETATM 827 O  O   . HOH D 4 .  ? 12.493  -4.404  5.505   1.00 23.09 ? 62  HOH X O   1 
HETATM 828 O  O   . HOH D 4 .  ? 3.710   3.819   -15.737 1.00 22.81 ? 63  HOH X O   1 
HETATM 829 O  O   . HOH D 4 .  ? 0.579   -11.614 0.485   1.00 21.20 ? 64  HOH X O   1 
HETATM 830 O  O   A HOH D 4 .  ? -1.934  -9.988  14.240  0.70 13.66 ? 65  HOH X O   1 
HETATM 831 O  O   B HOH D 4 .  ? -1.126  -10.879 13.211  0.30 8.34  ? 65  HOH X O   1 
HETATM 832 O  O   . HOH D 4 .  ? 12.665  5.568   -1.581  1.00 20.03 ? 66  HOH X O   1 
HETATM 833 O  O   . HOH D 4 .  ? -10.318 3.080   4.587   1.00 15.88 ? 67  HOH X O   1 
HETATM 834 O  O   . HOH D 4 .  ? -0.444  14.748  3.701   1.00 20.51 ? 68  HOH X O   1 
HETATM 835 O  O   . HOH D 4 .  ? -12.577 2.116   5.079   1.00 24.34 ? 69  HOH X O   1 
HETATM 836 O  O   . HOH D 4 .  ? 2.508   14.384  3.512   1.00 22.32 ? 70  HOH X O   1 
HETATM 837 O  O   . HOH D 4 .  ? 9.315   -13.364 -5.937  1.00 27.38 ? 71  HOH X O   1 
HETATM 838 O  O   . HOH D 4 .  ? 3.108   11.703  -11.272 1.00 26.18 ? 72  HOH X O   1 
HETATM 839 O  O   . HOH D 4 .  ? 3.134   12.032  -13.982 1.00 23.69 ? 73  HOH X O   1 
HETATM 840 O  O   . HOH D 4 .  ? 4.360   14.582  0.281   1.00 30.55 ? 74  HOH X O   1 
HETATM 841 O  O   . HOH D 4 .  ? 4.365   -12.666 -10.210 1.00 31.15 ? 75  HOH X O   1 
HETATM 842 O  O   . HOH D 4 .  ? 6.139   2.284   -12.387 1.00 20.01 ? 76  HOH X O   1 
HETATM 843 O  O   . HOH D 4 .  ? -0.267  -3.324  -14.752 1.00 28.28 ? 77  HOH X O   1 
HETATM 844 O  O   . HOH D 4 .  ? 1.811   -13.400 -3.474  1.00 24.43 ? 78  HOH X O   1 
HETATM 845 O  O   . HOH D 4 .  ? 3.901   -11.557 15.746  1.00 37.03 ? 79  HOH X O   1 
HETATM 846 O  O   . HOH D 4 .  ? -0.293  2.236   -17.031 1.00 31.85 ? 80  HOH X O   1 
HETATM 847 O  O   . HOH D 4 .  ? -9.803  5.306   5.478   1.00 26.11 ? 81  HOH X O   1 
HETATM 848 O  O   A HOH D 4 .  ? 4.226   12.717  -6.002  0.60 22.44 ? 82  HOH X O   1 
HETATM 849 O  O   B HOH D 4 .  ? 3.300   13.674  -6.515  0.40 17.67 ? 82  HOH X O   1 
HETATM 850 O  O   . HOH D 4 .  ? 16.381  -10.319 -7.832  1.00 27.07 ? 83  HOH X O   1 
HETATM 851 O  O   . HOH D 4 .  ? 7.112   -13.431 -1.565  1.00 32.05 ? 84  HOH X O   1 
HETATM 852 O  O   . HOH D 4 .  ? 13.225  2.049   1.612   1.00 17.82 ? 85  HOH X O   1 
HETATM 853 O  O   . HOH D 4 .  ? 0.855   18.079  1.245   1.00 31.57 ? 86  HOH X O   1 
HETATM 854 O  O   . HOH D 4 .  ? 8.780   -7.849  -11.076 1.00 29.93 ? 87  HOH X O   1 
HETATM 855 O  O   . HOH D 4 .  ? 0.955   15.028  -10.229 1.00 24.22 ? 88  HOH X O   1 
HETATM 856 O  O   A HOH D 4 .  ? 6.056   11.548  3.436   0.50 19.14 ? 89  HOH X O   1 
HETATM 857 O  O   B HOH D 4 .  ? 5.088   11.621  5.040   0.50 18.68 ? 89  HOH X O   1 
HETATM 858 O  O   . HOH D 4 .  ? -3.542  -6.261  -13.440 1.00 20.84 ? 90  HOH X O   1 
HETATM 859 O  O   . HOH D 4 .  ? 6.840   11.094  -6.466  1.00 25.22 ? 91  HOH X O   1 
HETATM 860 O  O   . HOH D 4 .  ? 0.980   -12.331 -7.906  1.00 36.36 ? 92  HOH X O   1 
HETATM 861 O  O   . HOH D 4 .  ? 4.022   -13.008 1.695   1.00 31.83 ? 93  HOH X O   1 
HETATM 862 O  O   . HOH D 4 .  ? -11.850 5.290   7.570   1.00 26.36 ? 94  HOH X O   1 
HETATM 863 O  O   . HOH D 4 .  ? -14.047 -5.372  14.018  1.00 16.51 ? 95  HOH X O   1 
HETATM 864 O  O   . HOH D 4 .  ? -0.469  14.462  6.485   1.00 26.15 ? 96  HOH X O   1 
HETATM 865 O  O   . HOH D 4 .  ? 0.940   -12.645 5.751   1.00 27.52 ? 97  HOH X O   1 
HETATM 866 O  O   . HOH D 4 .  ? -13.319 6.397   5.598   1.00 30.05 ? 98  HOH X O   1 
HETATM 867 O  O   . HOH D 4 .  ? 3.554   -12.231 6.619   1.00 22.03 ? 99  HOH X O   1 
HETATM 868 O  O   . HOH D 4 .  ? -2.845  13.738  7.111   1.00 21.04 ? 100 HOH X O   1 
HETATM 869 O  O   . HOH D 4 .  ? -13.145 -3.028  15.518  1.00 28.82 ? 101 HOH X O   1 
HETATM 870 O  O   . HOH D 4 .  ? 8.308   -6.196  14.253  1.00 21.49 ? 102 HOH X O   1 
HETATM 871 O  O   . HOH D 4 .  ? 5.379   10.128  -5.057  1.00 20.45 ? 103 HOH X O   1 
HETATM 872 O  O   . HOH D 4 .  ? 14.471  3.939   -0.172  1.00 22.03 ? 104 HOH X O   1 
HETATM 873 O  O   . HOH D 4 .  ? -2.013  -11.481 -4.198  1.00 25.40 ? 105 HOH X O   1 
HETATM 874 O  O   . HOH D 4 .  ? -0.514  7.476   -18.633 1.00 23.04 ? 106 HOH X O   1 
HETATM 875 O  O   A HOH D 4 .  ? -11.184 -5.016  5.819   0.50 11.00 ? 107 HOH X O   1 
HETATM 876 O  O   B HOH D 4 .  ? -10.296 -5.598  4.966   0.50 15.14 ? 107 HOH X O   1 
HETATM 877 O  O   . HOH D 4 .  ? -2.535  5.415   -20.260 1.00 25.06 ? 108 HOH X O   1 
HETATM 878 O  O   . HOH D 4 .  ? -0.979  -7.400  -12.458 1.00 25.10 ? 109 HOH X O   1 
HETATM 879 O  O   . HOH D 4 .  ? 0.690   -6.797  -14.490 1.00 35.68 ? 110 HOH X O   1 
HETATM 880 O  O   . HOH D 4 .  ? 9.437   5.376   11.257  1.00 32.61 ? 111 HOH X O   1 
HETATM 881 O  O   . HOH D 4 .  ? 8.044   -9.150  11.699  1.00 29.24 ? 112 HOH X O   1 
HETATM 882 O  O   A HOH D 4 .  ? -1.097  -11.114 4.745   0.50 18.34 ? 113 HOH X O   1 
HETATM 883 O  O   B HOH D 4 .  ? -1.103  -11.110 6.547   0.50 18.72 ? 113 HOH X O   1 
HETATM 884 O  O   . HOH D 4 .  ? -4.530  15.534  4.056   1.00 58.92 ? 114 HOH X O   1 
HETATM 885 O  O   . HOH D 4 .  ? -6.451  -11.353 5.307   1.00 33.88 ? 115 HOH X O   1 
HETATM 886 O  O   . HOH D 4 .  ? -16.494 -6.080  12.967  1.00 22.24 ? 116 HOH X O   1 
HETATM 887 O  O   . HOH D 4 .  ? -2.312  -12.943 10.119  1.00 31.07 ? 117 HOH X O   1 
HETATM 888 O  O   . HOH D 4 .  ? -1.653  -11.560 1.873   1.00 36.90 ? 118 HOH X O   1 
HETATM 889 O  O   . HOH D 4 .  ? 4.152   -6.567  -13.603 1.00 30.85 ? 119 HOH X O   1 
HETATM 890 O  O   . HOH D 4 .  ? -11.545 -4.429  -5.102  1.00 34.19 ? 120 HOH X O   1 
HETATM 891 O  O   . HOH D 4 .  ? -5.698  9.707   7.374   1.00 8.56  ? 121 HOH X O   1 
HETATM 892 O  O   . HOH D 4 .  ? 6.910   -13.193 -10.013 1.00 30.09 ? 122 HOH X O   1 
HETATM 893 O  O   . HOH D 4 .  ? -11.025 11.520  1.773   1.00 28.25 ? 123 HOH X O   1 
HETATM 894 O  O   . HOH D 4 .  ? 13.740  6.910   -4.933  1.00 21.93 ? 124 HOH X O   1 
HETATM 895 O  O   . HOH D 4 .  ? -9.482  -6.751  -5.229  1.00 25.46 ? 126 HOH X O   1 
HETATM 896 O  O   . HOH D 4 .  ? 11.481  1.652   5.264   1.00 24.09 ? 127 HOH X O   1 
HETATM 897 O  O   . HOH D 4 .  ? -13.443 1.077   2.303   1.00 40.63 ? 128 HOH X O   1 
HETATM 898 O  O   . HOH D 4 .  ? 4.636   -9.997  7.730   0.70 14.50 ? 241 HOH X O   1 
# 
loop_
_atom_site_anisotrop.id 
_atom_site_anisotrop.type_symbol 
_atom_site_anisotrop.pdbx_label_atom_id 
_atom_site_anisotrop.pdbx_label_alt_id 
_atom_site_anisotrop.pdbx_label_comp_id 
_atom_site_anisotrop.pdbx_label_asym_id 
_atom_site_anisotrop.pdbx_label_seq_id 
_atom_site_anisotrop.pdbx_PDB_ins_code 
_atom_site_anisotrop.U[1][1] 
_atom_site_anisotrop.U[2][2] 
_atom_site_anisotrop.U[3][3] 
_atom_site_anisotrop.U[1][2] 
_atom_site_anisotrop.U[1][3] 
_atom_site_anisotrop.U[2][3] 
_atom_site_anisotrop.pdbx_auth_seq_id 
_atom_site_anisotrop.pdbx_auth_comp_id 
_atom_site_anisotrop.pdbx_auth_asym_id 
_atom_site_anisotrop.pdbx_auth_atom_id 
1   N  N   A MSE A 8  ? 0.1645 0.1699 0.1710 -0.0046 -0.0057 0.0069  159 MSE X N   
2   N  N   B MSE A 8  ? 0.1820 0.1825 0.1888 -0.0001 -0.0064 0.0095  159 MSE X N   
3   C  CA  A MSE A 8  ? 0.1708 0.1715 0.1704 0.0034  -0.0052 0.0052  159 MSE X CA  
4   C  CA  B MSE A 8  ? 0.1869 0.1819 0.1881 0.0056  -0.0078 0.0093  159 MSE X CA  
5   C  C   A MSE A 8  ? 0.1674 0.1712 0.1713 0.0054  -0.0059 0.0076  159 MSE X C   
6   C  C   B MSE A 8  ? 0.1770 0.1759 0.1813 0.0050  -0.0080 0.0090  159 MSE X C   
7   O  O   A MSE A 8  ? 0.1706 0.1746 0.1743 0.0072  -0.0058 0.0054  159 MSE X O   
8   O  O   B MSE A 8  ? 0.1759 0.1735 0.1844 0.0100  -0.0081 0.0068  159 MSE X O   
9   C  CB  A MSE A 8  ? 0.1715 0.1740 0.1713 0.0025  -0.0021 0.0085  159 MSE X CB  
10  C  CB  B MSE A 8  ? 0.1874 0.1882 0.1879 0.0030  -0.0060 0.0111  159 MSE X CB  
11  C  CG  A MSE A 8  ? 0.1430 0.1666 0.1513 -0.0015 -0.0012 0.0036  159 MSE X CG  
12  C  CG  B MSE A 8  ? 0.1997 0.2126 0.2117 0.0054  -0.0052 0.0085  159 MSE X CG  
13  SE SE  A MSE A 8  ? 0.1224 0.1865 0.1097 -0.0002 -0.0264 0.0196  159 MSE X SE  
14  SE SE  B MSE A 8  ? 0.2020 0.2462 0.2252 -0.0051 -0.0171 -0.0023 159 MSE X SE  
15  C  CE  A MSE A 8  ? 0.1432 0.1687 0.1362 -0.0051 -0.0063 0.0028  159 MSE X CE  
16  C  CE  B MSE A 8  ? 0.2260 0.2269 0.2126 0.0026  -0.0096 -0.0047 159 MSE X CE  
17  N  N   . ARG A 9  ? 0.1695 0.1684 0.1732 0.0083  -0.0070 0.0115  160 ARG X N   
18  C  CA  . ARG A 9  ? 0.1539 0.1592 0.1634 0.0127  -0.0013 0.0117  160 ARG X CA  
19  C  C   . ARG A 9  ? 0.1311 0.1290 0.1323 0.0145  -0.0030 0.0096  160 ARG X C   
20  O  O   . ARG A 9  ? 0.1148 0.1304 0.1304 0.0091  0.0013  0.0259  160 ARG X O   
21  C  CB  . ARG A 9  ? 0.1718 0.1763 0.1853 0.0130  0.0040  0.0230  160 ARG X CB  
22  C  CG  . ARG A 9  ? 0.2190 0.2224 0.2387 0.0102  -0.0040 0.0118  160 ARG X CG  
23  C  CD  . ARG A 9  ? 0.2949 0.3071 0.3148 -0.0264 0.0091  -0.0041 160 ARG X CD  
24  N  NE  . ARG A 9  ? 0.2827 0.3270 0.3128 0.0374  0.0087  0.0016  160 ARG X NE  
25  C  CZ  . ARG A 9  ? 0.4139 0.3952 0.4873 -0.0342 -0.0090 -0.0118 160 ARG X CZ  
26  N  NH1 . ARG A 9  ? 0.3891 0.3934 0.3065 0.0085  0.0151  0.0180  160 ARG X NH1 
27  N  NH2 . ARG A 9  ? 0.3537 0.3649 0.3309 0.0419  -0.0209 0.0258  160 ARG X NH2 
28  N  N   . ASP A 10 ? 0.0998 0.1011 0.1075 0.0186  0.0005  0.0057  161 ASP X N   
29  C  CA  . ASP A 10 ? 0.0842 0.0874 0.0931 0.0099  0.0005  0.0020  161 ASP X CA  
30  C  C   . ASP A 10 ? 0.0789 0.0859 0.0829 0.0036  -0.0003 0.0092  161 ASP X C   
31  O  O   . ASP A 10 ? 0.0756 0.0932 0.0977 -0.0014 0.0042  0.0043  161 ASP X O   
32  C  CB  . ASP A 10 ? 0.0900 0.0842 0.0829 0.0057  0.0028  0.0031  161 ASP X CB  
33  C  CG  . ASP A 10 ? 0.0864 0.0851 0.0893 0.0014  0.0070  0.0057  161 ASP X CG  
34  O  OD1 . ASP A 10 ? 0.1060 0.0717 0.1035 -0.0021 -0.0042 0.0074  161 ASP X OD1 
35  O  OD2 . ASP A 10 ? 0.1195 0.0895 0.0880 -0.0018 0.0152  -0.0009 161 ASP X OD2 
36  N  N   . PHE A 11 ? 0.0789 0.0749 0.0701 0.0029  0.0035  0.0080  162 PHE X N   
37  C  CA  . PHE A 11 ? 0.0704 0.0788 0.0692 0.0007  0.0013  0.0042  162 PHE X CA  
38  C  C   . PHE A 11 ? 0.0658 0.0722 0.0676 -0.0003 0.0005  0.0023  162 PHE X C   
39  O  O   . PHE A 11 ? 0.0703 0.0699 0.0848 -0.0084 -0.0003 -0.0002 162 PHE X O   
40  C  CB  . PHE A 11 ? 0.0751 0.0864 0.0638 -0.0022 0.0037  0.0074  162 PHE X CB  
41  C  CG  . PHE A 11 ? 0.0683 0.0853 0.0699 -0.0037 -0.0006 0.0000  162 PHE X CG  
42  C  CD1 . PHE A 11 ? 0.0801 0.0958 0.0803 -0.0039 0.0043  -0.0052 162 PHE X CD1 
43  C  CD2 . PHE A 11 ? 0.1200 0.0968 0.0878 0.0042  0.0060  0.0158  162 PHE X CD2 
44  C  CE1 . PHE A 11 ? 0.0881 0.0896 0.0836 -0.0115 0.0020  -0.0020 162 PHE X CE1 
45  C  CE2 . PHE A 11 ? 0.1201 0.1120 0.1070 0.0001  0.0099  0.0080  162 PHE X CE2 
46  C  CZ  . PHE A 11 ? 0.1037 0.1012 0.0839 -0.0124 -0.0015 -0.0022 162 PHE X CZ  
47  N  N   . PHE A 12 ? 0.0753 0.0677 0.0563 0.0041  0.0083  0.0048  163 PHE X N   
48  C  CA  . PHE A 12 ? 0.0721 0.0666 0.0547 0.0035  0.0071  0.0017  163 PHE X CA  
49  C  C   . PHE A 12 ? 0.0691 0.0668 0.0581 0.0020  0.0027  -0.0006 163 PHE X C   
50  O  O   . PHE A 12 ? 0.0693 0.0711 0.0605 -0.0027 0.0033  0.0007  163 PHE X O   
51  C  CB  . PHE A 12 ? 0.0816 0.0714 0.0563 -0.0002 0.0043  0.0069  163 PHE X CB  
52  C  CG  . PHE A 12 ? 0.0752 0.0682 0.0591 -0.0015 0.0089  -0.0012 163 PHE X CG  
53  C  CD1 . PHE A 12 ? 0.0811 0.0675 0.0600 0.0085  0.0015  0.0053  163 PHE X CD1 
54  C  CD2 . PHE A 12 ? 0.0877 0.0683 0.0685 0.0020  0.0127  -0.0016 163 PHE X CD2 
55  C  CE1 . PHE A 12 ? 0.1026 0.0731 0.0701 0.0075  0.0000  -0.0001 163 PHE X CE1 
56  C  CE2 . PHE A 12 ? 0.0979 0.0784 0.0662 0.0047  0.0095  -0.0028 163 PHE X CE2 
57  C  CZ  . PHE A 12 ? 0.0910 0.0656 0.0815 0.0098  0.0061  -0.0013 163 PHE X CZ  
58  N  N   . VAL A 13 ? 0.0683 0.0668 0.0565 0.0046  0.0039  -0.0038 164 VAL X N   
59  C  CA  . VAL A 13 ? 0.0771 0.0798 0.0561 0.0016  0.0029  -0.0009 164 VAL X CA  
60  C  C   . VAL A 13 ? 0.0725 0.0775 0.0632 -0.0016 -0.0012 -0.0020 164 VAL X C   
61  O  O   . VAL A 13 ? 0.0800 0.0927 0.0690 -0.0053 -0.0051 -0.0116 164 VAL X O   
62  C  CB  . VAL A 13 ? 0.0704 0.0831 0.0633 -0.0006 0.0073  0.0036  164 VAL X CB  
63  C  CG1 . VAL A 13 ? 0.0884 0.0844 0.0811 0.0063  0.0016  0.0052  164 VAL X CG1 
64  C  CG2 . VAL A 13 ? 0.0852 0.0978 0.0777 -0.0141 0.0020  -0.0018 164 VAL X CG2 
65  N  N   . ILE A 14 ? 0.0619 0.0736 0.0659 0.0015  -0.0009 -0.0067 165 ILE X N   
66  C  CA  . ILE A 14 ? 0.0746 0.0798 0.0713 0.0012  0.0000  -0.0038 165 ILE X CA  
67  C  C   . ILE A 14 ? 0.0730 0.0741 0.0648 0.0000  -0.0036 -0.0133 165 ILE X C   
68  O  O   . ILE A 14 ? 0.0844 0.0891 0.0545 0.0007  -0.0047 -0.0128 165 ILE X O   
69  C  CB  . ILE A 14 ? 0.0759 0.0791 0.0736 0.0032  0.0020  -0.0056 165 ILE X CB  
70  C  CG1 . ILE A 14 ? 0.0832 0.0966 0.0844 -0.0027 0.0142  0.0089  165 ILE X CG1 
71  C  CG2 . ILE A 14 ? 0.0859 0.0969 0.0931 0.0171  0.0007  0.0006  165 ILE X CG2 
72  C  CD1 . ILE A 14 ? 0.1044 0.1119 0.1066 -0.0050 0.0213  0.0088  165 ILE X CD1 
73  N  N   . THR A 15 ? 0.0714 0.0727 0.0720 0.0076  0.0045  -0.0103 166 THR X N   
74  C  CA  . THR A 15 ? 0.0746 0.0761 0.0741 0.0015  0.0014  -0.0059 166 THR X CA  
75  C  C   . THR A 15 ? 0.0855 0.0817 0.0827 0.0027  0.0048  -0.0037 166 THR X C   
76  O  O   . THR A 15 ? 0.0870 0.0828 0.0846 0.0012  0.0050  -0.0061 166 THR X O   
77  C  CB  . THR A 15 ? 0.0712 0.0714 0.0820 0.0029  -0.0005 0.0000  166 THR X CB  
78  O  OG1 . THR A 15 ? 0.0774 0.0798 0.0820 0.0114  0.0005  0.0077  166 THR X OG1 
79  C  CG2 . THR A 15 ? 0.0912 0.0742 0.0916 0.0024  -0.0040 -0.0126 166 THR X CG2 
80  N  N   A ASN A 16 ? 0.0887 0.0865 0.0865 0.0002  0.0042  -0.0089 167 ASN X N   
81  N  N   B ASN A 16 ? 0.0876 0.0847 0.0858 0.0006  0.0048  -0.0074 167 ASN X N   
82  C  CA  A ASN A 16 ? 0.0951 0.0892 0.0966 0.0043  0.0032  -0.0091 167 ASN X CA  
83  C  CA  B ASN A 16 ? 0.0925 0.0882 0.0940 0.0029  0.0049  -0.0085 167 ASN X CA  
84  C  C   A ASN A 16 ? 0.0953 0.0956 0.1040 0.0034  0.0033  -0.0078 167 ASN X C   
85  C  C   B ASN A 16 ? 0.0938 0.0929 0.1004 0.0027  0.0049  -0.0072 167 ASN X C   
86  O  O   A ASN A 16 ? 0.0991 0.0902 0.1028 0.0081  0.0009  -0.0106 167 ASN X O   
87  O  O   B ASN A 16 ? 0.0974 0.0899 0.1006 0.0059  0.0047  -0.0107 167 ASN X O   
88  C  CB  A ASN A 16 ? 0.1013 0.0992 0.0997 0.0035  -0.0010 -0.0112 167 ASN X CB  
89  C  CB  B ASN A 16 ? 0.0956 0.0910 0.0951 0.0031  0.0046  -0.0079 167 ASN X CB  
90  C  CG  A ASN A 16 ? 0.1193 0.1083 0.1177 0.0102  0.0003  -0.0041 167 ASN X CG  
91  C  CG  B ASN A 16 ? 0.1058 0.1064 0.1016 0.0029  0.0059  -0.0117 167 ASN X CG  
92  O  OD1 A ASN A 16 ? 0.1292 0.1261 0.1301 0.0016  0.0082  0.0044  167 ASN X OD1 
93  O  OD1 B ASN A 16 ? 0.1100 0.1216 0.1073 -0.0025 -0.0014 -0.0167 167 ASN X OD1 
94  N  ND2 A ASN A 16 ? 0.1680 0.1646 0.1356 0.0048  -0.0017 0.0019  167 ASN X ND2 
95  N  ND2 B ASN A 16 ? 0.1141 0.1222 0.1098 0.0022  0.0162  -0.0114 167 ASN X ND2 
96  N  N   . SER A 17 ? 0.0927 0.0948 0.1075 0.0045  0.0056  -0.0095 168 SER X N   
97  C  CA  . SER A 17 ? 0.0900 0.0989 0.0983 0.0016  0.0049  -0.0091 168 SER X CA  
98  C  C   . SER A 17 ? 0.0851 0.0885 0.1033 0.0010  0.0056  -0.0062 168 SER X C   
99  O  O   . SER A 17 ? 0.0900 0.0889 0.1027 0.0045  0.0076  -0.0048 168 SER X O   
100 C  CB  . SER A 17 ? 0.1008 0.0937 0.1038 0.0047  0.0092  -0.0130 168 SER X CB  
101 O  OG  . SER A 17 ? 0.1416 0.1055 0.1218 -0.0092 0.0110  -0.0126 168 SER X OG  
102 N  N   . GLU A 18 ? 0.0815 0.0899 0.1063 0.0040  0.0024  -0.0119 169 GLU X N   
103 C  CA  . GLU A 18 ? 0.0874 0.0960 0.1168 -0.0031 0.0059  -0.0024 169 GLU X CA  
104 C  C   . GLU A 18 ? 0.0867 0.0853 0.1043 -0.0021 0.0131  -0.0084 169 GLU X C   
105 O  O   . GLU A 18 ? 0.1137 0.1079 0.1119 -0.0082 0.0205  -0.0090 169 GLU X O   
106 C  CB  . GLU A 18 ? 0.1027 0.1009 0.1267 0.0051  0.0006  -0.0028 169 GLU X CB  
107 C  CG  . GLU A 18 ? 0.1066 0.1194 0.1528 -0.0021 0.0049  -0.0077 169 GLU X CG  
108 C  CD  . GLU A 18 ? 0.1459 0.1313 0.1687 -0.0007 -0.0062 0.0002  169 GLU X CD  
109 O  OE1 . GLU A 18 ? 0.1412 0.1430 0.1691 0.0107  -0.0004 0.0026  169 GLU X OE1 
110 O  OE2 . GLU A 18 ? 0.1726 0.1842 0.2414 -0.0154 -0.0052 0.0193  169 GLU X OE2 
111 N  N   . TYR A 19 ? 0.0699 0.0774 0.0972 -0.0064 0.0096  -0.0025 170 TYR X N   
112 C  CA  . TYR A 19 ? 0.0703 0.0755 0.0882 0.0021  0.0106  -0.0026 170 TYR X CA  
113 C  C   . TYR A 19 ? 0.0717 0.0745 0.0822 -0.0002 0.0092  0.0010  170 TYR X C   
114 O  O   . TYR A 19 ? 0.0863 0.0753 0.0769 -0.0049 0.0105  -0.0019 170 TYR X O   
115 C  CB  . TYR A 19 ? 0.0731 0.0824 0.0966 0.0045  0.0115  -0.0001 170 TYR X CB  
116 C  CG  . TYR A 19 ? 0.0726 0.0798 0.0957 0.0089  0.0011  -0.0082 170 TYR X CG  
117 C  CD1 . TYR A 19 ? 0.0719 0.0813 0.0926 0.0110  0.0013  -0.0115 170 TYR X CD1 
118 C  CD2 . TYR A 19 ? 0.0662 0.0915 0.0938 -0.0023 -0.0054 0.0021  170 TYR X CD2 
119 C  CE1 . TYR A 19 ? 0.0726 0.0938 0.1040 -0.0036 0.0018  -0.0005 170 TYR X CE1 
120 C  CE2 . TYR A 19 ? 0.0731 0.0841 0.0887 0.0109  0.0020  0.0004  170 TYR X CE2 
121 C  CZ  . TYR A 19 ? 0.0709 0.0734 0.0887 0.0037  -0.0005 0.0047  170 TYR X CZ  
122 O  OH  . TYR A 19 ? 0.0751 0.0957 0.0975 0.0070  0.0025  -0.0037 170 TYR X OH  
123 N  N   . THR A 20 ? 0.0639 0.0682 0.0846 -0.0031 0.0108  -0.0001 171 THR X N   
124 C  CA  . THR A 20 ? 0.0623 0.0723 0.0841 -0.0018 0.0060  0.0004  171 THR X CA  
125 C  C   . THR A 20 ? 0.0659 0.0757 0.0803 0.0007  0.0073  -0.0001 171 THR X C   
126 O  O   . THR A 20 ? 0.0756 0.0829 0.0783 0.0068  0.0075  -0.0063 171 THR X O   
127 C  CB  . THR A 20 ? 0.0613 0.0731 0.0898 -0.0051 0.0048  -0.0003 171 THR X CB  
128 O  OG1 . THR A 20 ? 0.0673 0.0768 0.1001 0.0068  0.0035  0.0043  171 THR X OG1 
129 C  CG2 . THR A 20 ? 0.0764 0.0736 0.0760 -0.0029 -0.0028 -0.0019 171 THR X CG2 
130 N  N   . PHE A 21 ? 0.0578 0.0683 0.0807 0.0060  0.0092  0.0017  172 PHE X N   
131 C  CA  . PHE A 21 ? 0.0587 0.0756 0.0845 0.0037  0.0071  0.0032  172 PHE X CA  
132 C  C   . PHE A 21 ? 0.0667 0.0752 0.0825 0.0042  0.0083  0.0037  172 PHE X C   
133 O  O   . PHE A 21 ? 0.0624 0.0894 0.0822 0.0064  0.0052  0.0012  172 PHE X O   
134 C  CB  . PHE A 21 ? 0.0684 0.0851 0.0980 0.0036  0.0036  0.0099  172 PHE X CB  
135 C  CG  . PHE A 21 ? 0.0615 0.0754 0.0839 0.0038  0.0056  0.0076  172 PHE X CG  
136 C  CD1 . PHE A 21 ? 0.0464 0.0948 0.0921 -0.0014 -0.0070 0.0098  172 PHE X CD1 
137 C  CD2 . PHE A 21 ? 0.0605 0.0879 0.1056 0.0050  0.0035  0.0023  172 PHE X CD2 
138 C  CE1 . PHE A 21 ? 0.0549 0.0913 0.1020 -0.0017 -0.0100 0.0104  172 PHE X CE1 
139 C  CE2 . PHE A 21 ? 0.0750 0.0855 0.1099 0.0022  -0.0077 0.0008  172 PHE X CE2 
140 C  CZ  . PHE A 21 ? 0.0741 0.0905 0.1022 -0.0076 -0.0019 0.0065  172 PHE X CZ  
141 N  N   . ALA A 22 ? 0.0765 0.0759 0.0984 0.0019  0.0030  0.0038  173 ALA X N   
142 C  CA  . ALA A 22 ? 0.0873 0.0849 0.1054 0.0069  0.0041  -0.0044 173 ALA X CA  
143 C  C   . ALA A 22 ? 0.0861 0.0808 0.0954 -0.0006 0.0046  0.0004  173 ALA X C   
144 O  O   . ALA A 22 ? 0.0937 0.0881 0.1066 -0.0025 0.0162  -0.0059 173 ALA X O   
145 C  CB  . ALA A 22 ? 0.1064 0.0960 0.1334 0.0137  0.0030  -0.0143 173 ALA X CB  
146 N  N   . GLY A 23 ? 0.0805 0.0814 0.0886 -0.0002 0.0049  -0.0013 174 GLY X N   
147 C  CA  . GLY A 23 ? 0.0765 0.0886 0.0834 -0.0038 0.0059  0.0008  174 GLY X CA  
148 C  C   . GLY A 23 ? 0.0685 0.0874 0.0840 -0.0041 0.0100  -0.0020 174 GLY X C   
149 O  O   . GLY A 23 ? 0.0774 0.1108 0.1022 -0.0083 0.0024  0.0046  174 GLY X O   
150 N  N   . VAL A 24 ? 0.0746 0.0817 0.0702 -0.0080 0.0156  -0.0023 175 VAL X N   
151 C  CA  . VAL A 24 ? 0.0790 0.0830 0.0767 -0.0005 0.0138  -0.0021 175 VAL X CA  
152 C  C   . VAL A 24 ? 0.0761 0.0791 0.0759 -0.0001 0.0119  0.0007  175 VAL X C   
153 O  O   . VAL A 24 ? 0.0719 0.0862 0.0654 -0.0012 0.0110  0.0011  175 VAL X O   
154 C  CB  . VAL A 24 ? 0.0847 0.0875 0.0818 -0.0002 0.0129  -0.0007 175 VAL X CB  
155 C  CG1 . VAL A 24 ? 0.0923 0.0911 0.0843 0.0006  0.0100  0.0000  175 VAL X CG1 
156 C  CG2 . VAL A 24 ? 0.1149 0.0866 0.0894 0.0071  0.0219  -0.0071 175 VAL X CG2 
157 N  N   . HIS A 25 ? 0.0647 0.0753 0.0801 0.0016  0.0129  0.0026  176 HIS X N   
158 C  CA  . HIS A 25 ? 0.0681 0.0727 0.0856 0.0043  0.0052  0.0033  176 HIS X CA  
159 C  C   . HIS A 25 ? 0.0664 0.0649 0.0836 0.0041  0.0058  0.0014  176 HIS X C   
160 O  O   . HIS A 25 ? 0.0773 0.0875 0.0932 -0.0010 0.0030  0.0028  176 HIS X O   
161 C  CB  . HIS A 25 ? 0.0827 0.0832 0.1040 0.0043  -0.0041 0.0002  176 HIS X CB  
162 C  CG  . HIS A 25 ? 0.0824 0.0868 0.1117 0.0056  0.0020  0.0009  176 HIS X CG  
163 N  ND1 . HIS A 25 ? 0.1079 0.0912 0.1215 0.0027  -0.0009 0.0017  176 HIS X ND1 
164 C  CD2 . HIS A 25 ? 0.1164 0.1030 0.1367 0.0132  0.0025  0.0068  176 HIS X CD2 
165 C  CE1 . HIS A 25 ? 0.1346 0.1001 0.1489 0.0115  -0.0024 0.0044  176 HIS X CE1 
166 N  NE2 . HIS A 25 ? 0.1278 0.1064 0.1593 0.0148  -0.0036 0.0008  176 HIS X NE2 
167 N  N   . TYR A 26 ? 0.0579 0.0664 0.0909 0.0005  0.0034  0.0023  177 TYR X N   
168 C  CA  . TYR A 26 ? 0.0707 0.0718 0.0990 -0.0002 0.0029  0.0068  177 TYR X CA  
169 C  C   . TYR A 26 ? 0.0716 0.0727 0.0882 0.0028  0.0075  0.0033  177 TYR X C   
170 O  O   . TYR A 26 ? 0.0763 0.0784 0.0892 -0.0050 0.0108  0.0003  177 TYR X O   
171 C  CB  . TYR A 26 ? 0.0731 0.0730 0.0932 0.0027  -0.0007 -0.0006 177 TYR X CB  
172 C  CG  . TYR A 26 ? 0.0683 0.0728 0.0920 0.0022  0.0083  0.0017  177 TYR X CG  
173 C  CD1 . TYR A 26 ? 0.0771 0.0790 0.0865 -0.0053 0.0072  -0.0034 177 TYR X CD1 
174 C  CD2 . TYR A 26 ? 0.1082 0.0815 0.0939 0.0039  -0.0005 0.0050  177 TYR X CD2 
175 C  CE1 . TYR A 26 ? 0.0764 0.0708 0.0880 0.0003  0.0111  0.0099  177 TYR X CE1 
176 C  CE2 . TYR A 26 ? 0.1150 0.0897 0.0838 0.0090  0.0041  -0.0064 177 TYR X CE2 
177 C  CZ  . TYR A 26 ? 0.0924 0.0661 0.0735 0.0038  -0.0015 0.0042  177 TYR X CZ  
178 O  OH  . TYR A 26 ? 0.0970 0.0691 0.0797 0.0119  -0.0086 0.0024  177 TYR X OH  
179 N  N   . ALA A 27 ? 0.0790 0.0740 0.0970 0.0002  0.0074  0.0047  178 ALA X N   
180 C  CA  . ALA A 27 ? 0.0903 0.0742 0.1017 -0.0003 0.0034  0.0034  178 ALA X CA  
181 C  C   . ALA A 27 ? 0.0870 0.0725 0.0981 0.0033  0.0067  -0.0006 178 ALA X C   
182 O  O   . ALA A 27 ? 0.0773 0.0761 0.0999 0.0050  0.0030  0.0028  178 ALA X O   
183 C  CB  . ALA A 27 ? 0.1060 0.0839 0.1092 -0.0048 -0.0009 0.0062  178 ALA X CB  
184 N  N   . LYS A 28 ? 0.0816 0.0775 0.0983 0.0016  0.0070  -0.0051 179 LYS X N   
185 C  CA  . LYS A 28 ? 0.0849 0.0778 0.0980 0.0009  0.0050  -0.0088 179 LYS X CA  
186 C  C   . LYS A 28 ? 0.0788 0.0731 0.0953 0.0018  0.0020  -0.0016 179 LYS X C   
187 O  O   . LYS A 28 ? 0.0863 0.0801 0.1002 0.0086  0.0070  -0.0034 179 LYS X O   
188 C  CB  . LYS A 28 ? 0.0922 0.0756 0.1117 0.0036  0.0009  -0.0111 179 LYS X CB  
189 C  CG  . LYS A 28 ? 0.1105 0.1034 0.1303 -0.0068 0.0008  -0.0096 179 LYS X CG  
190 C  CD  . LYS A 28 ? 0.1466 0.1227 0.1587 -0.0050 0.0048  -0.0203 179 LYS X CD  
191 C  CE  . LYS A 28 ? 0.1748 0.1609 0.1996 -0.0201 -0.0068 -0.0226 179 LYS X CE  
192 N  NZ  . LYS A 28 ? 0.2238 0.1929 0.2114 0.0039  -0.0039 -0.0234 179 LYS X NZ  
193 N  N   . GLY A 29 ? 0.0793 0.0733 0.0983 0.0023  0.0039  -0.0067 180 GLY X N   
194 C  CA  . GLY A 29 ? 0.0861 0.0867 0.0891 0.0026  0.0010  -0.0034 180 GLY X CA  
195 C  C   . GLY A 29 ? 0.0788 0.0752 0.0881 0.0010  0.0012  -0.0007 180 GLY X C   
196 O  O   . GLY A 29 ? 0.0934 0.0944 0.0910 -0.0017 0.0065  0.0051  180 GLY X O   
197 N  N   . ALA A 30 ? 0.0811 0.0720 0.0793 0.0002  -0.0029 -0.0022 181 ALA X N   
198 C  CA  . ALA A 30 ? 0.0748 0.0664 0.0735 0.0081  0.0001  -0.0016 181 ALA X CA  
199 C  C   . ALA A 30 ? 0.0716 0.0683 0.0657 0.0058  -0.0021 -0.0016 181 ALA X C   
200 O  O   . ALA A 30 ? 0.0776 0.0736 0.0664 0.0099  -0.0002 0.0034  181 ALA X O   
201 C  CB  . ALA A 30 ? 0.0746 0.0654 0.0790 0.0026  -0.0014 -0.0032 181 ALA X CB  
202 N  N   . VAL A 31 ? 0.0658 0.0725 0.0685 0.0080  0.0079  -0.0011 182 VAL X N   
203 C  CA  . VAL A 31 ? 0.0690 0.0702 0.0705 0.0034  0.0071  -0.0008 182 VAL X CA  
204 C  C   . VAL A 31 ? 0.0649 0.0677 0.0674 0.0033  0.0048  0.0001  182 VAL X C   
205 O  O   . VAL A 31 ? 0.0720 0.0769 0.0694 0.0047  0.0031  0.0053  182 VAL X O   
206 C  CB  . VAL A 31 ? 0.0708 0.0665 0.0744 0.0028  0.0096  0.0041  182 VAL X CB  
207 C  CG1 . VAL A 31 ? 0.0790 0.0764 0.0863 0.0077  0.0121  0.0028  182 VAL X CG1 
208 C  CG2 . VAL A 31 ? 0.0911 0.0879 0.0863 -0.0116 0.0094  0.0017  182 VAL X CG2 
209 N  N   . LEU A 32 ? 0.0676 0.0552 0.0637 0.0025  0.0096  -0.0012 183 LEU X N   
210 C  CA  . LEU A 32 ? 0.0711 0.0615 0.0647 0.0014  0.0086  -0.0012 183 LEU X CA  
211 C  C   . LEU A 32 ? 0.0634 0.0674 0.0631 -0.0015 0.0039  -0.0038 183 LEU X C   
212 O  O   . LEU A 32 ? 0.0618 0.0783 0.0736 0.0032  -0.0011 -0.0088 183 LEU X O   
213 C  CB  . LEU A 32 ? 0.0778 0.0694 0.0672 -0.0036 0.0119  0.0020  183 LEU X CB  
214 C  CG  . LEU A 32 ? 0.0783 0.0867 0.0702 0.0032  0.0048  0.0049  183 LEU X CG  
215 C  CD1 . LEU A 32 ? 0.1001 0.0960 0.0962 -0.0035 0.0161  0.0136  183 LEU X CD1 
216 C  CD2 . LEU A 32 ? 0.0817 0.1086 0.1049 0.0072  0.0021  0.0051  183 LEU X CD2 
217 N  N   . HIS A 33 ? 0.0735 0.0685 0.0609 0.0091  0.0059  -0.0007 184 HIS X N   
218 C  CA  . HIS A 33 ? 0.0701 0.0659 0.0615 0.0092  0.0051  0.0047  184 HIS X CA  
219 C  C   . HIS A 33 ? 0.0691 0.0712 0.0619 0.0060  0.0033  0.0031  184 HIS X C   
220 O  O   . HIS A 33 ? 0.0767 0.0836 0.0806 -0.0003 -0.0018 0.0106  184 HIS X O   
221 C  CB  . HIS A 33 ? 0.0714 0.0755 0.0641 0.0124  0.0041  0.0043  184 HIS X CB  
222 C  CG  . HIS A 33 ? 0.0754 0.0665 0.0652 0.0143  0.0065  0.0093  184 HIS X CG  
223 N  ND1 . HIS A 33 ? 0.0873 0.0728 0.0719 0.0055  0.0042  0.0104  184 HIS X ND1 
224 C  CD2 . HIS A 33 ? 0.0724 0.0796 0.0720 0.0141  0.0099  0.0100  184 HIS X CD2 
225 C  CE1 . HIS A 33 ? 0.0770 0.1032 0.0862 -0.0001 0.0078  0.0039  184 HIS X CE1 
226 N  NE2 . HIS A 33 ? 0.0775 0.0973 0.0711 0.0207  0.0084  0.0079  184 HIS X NE2 
227 N  N   . VAL A 34 ? 0.0641 0.0623 0.0616 0.0067  0.0030  0.0036  185 VAL X N   
228 C  CA  . VAL A 34 ? 0.0749 0.0717 0.0685 0.0078  0.0011  0.0028  185 VAL X CA  
229 C  C   . VAL A 34 ? 0.0661 0.0738 0.0662 0.0021  0.0018  -0.0003 185 VAL X C   
230 O  O   . VAL A 34 ? 0.0646 0.0789 0.0854 0.0019  0.0083  -0.0016 185 VAL X O   
231 C  CB  . VAL A 34 ? 0.0787 0.0728 0.0639 0.0093  0.0051  0.0010  185 VAL X CB  
232 C  CG1 . VAL A 34 ? 0.0934 0.0863 0.0691 0.0044  -0.0042 0.0143  185 VAL X CG1 
233 C  CG2 . VAL A 34 ? 0.0895 0.0868 0.0692 0.0118  0.0169  -0.0006 185 VAL X CG2 
234 N  N   . SER A 35 ? 0.0831 0.0686 0.0798 0.0064  0.0000  0.0005  186 SER X N   
235 C  CA  . SER A 35 ? 0.0820 0.0847 0.0752 0.0080  0.0011  -0.0023 186 SER X CA  
236 C  C   . SER A 35 ? 0.0768 0.0777 0.0780 0.0069  -0.0016 -0.0020 186 SER X C   
237 O  O   . SER A 35 ? 0.0850 0.0856 0.0843 0.0041  -0.0089 -0.0012 186 SER X O   
238 C  CB  . SER A 35 ? 0.0824 0.0787 0.0754 0.0142  -0.0012 -0.0075 186 SER X CB  
239 O  OG  . SER A 35 ? 0.0989 0.0979 0.0714 0.0178  0.0061  -0.0197 186 SER X OG  
240 N  N   . PRO A 36 ? 0.0878 0.0801 0.0701 0.0009  -0.0010 0.0056  187 PRO X N   
241 C  CA  . PRO A 36 ? 0.0942 0.0798 0.0762 0.0032  -0.0076 0.0049  187 PRO X CA  
242 C  C   . PRO A 36 ? 0.0972 0.0889 0.0762 0.0000  -0.0044 0.0062  187 PRO X C   
243 O  O   . PRO A 36 ? 0.1031 0.0851 0.0738 -0.0065 -0.0089 0.0115  187 PRO X O   
244 C  CB  . PRO A 36 ? 0.1039 0.0897 0.0726 0.0058  -0.0147 0.0009  187 PRO X CB  
245 C  CG  . PRO A 36 ? 0.1106 0.0926 0.0876 0.0096  -0.0110 0.0030  187 PRO X CG  
246 C  CD  . PRO A 36 ? 0.0928 0.0898 0.0853 0.0027  -0.0090 -0.0021 187 PRO X CD  
247 N  N   . THR A 37 ? 0.0975 0.0896 0.0819 0.0076  -0.0042 0.0025  188 THR X N   
248 C  CA  A THR A 37 ? 0.1109 0.1006 0.1005 0.0066  -0.0012 -0.0005 188 THR X CA  
249 C  CA  B THR A 37 ? 0.1108 0.0963 0.0988 0.0055  -0.0038 -0.0005 188 THR X CA  
250 C  C   . THR A 37 ? 0.1153 0.0963 0.1026 0.0050  -0.0068 -0.0003 188 THR X C   
251 O  O   . THR A 37 ? 0.1360 0.1051 0.1387 0.0050  -0.0213 -0.0050 188 THR X O   
252 C  CB  A THR A 37 ? 0.1180 0.1107 0.1000 0.0063  0.0013  0.0049  188 THR X CB  
253 C  CB  B THR A 37 ? 0.1141 0.0986 0.1000 0.0066  -0.0011 0.0023  188 THR X CB  
254 O  OG1 A THR A 37 ? 0.1363 0.1226 0.1256 0.0108  0.0063  0.0099  188 THR X OG1 
255 O  OG1 B THR A 37 ? 0.1270 0.1053 0.1183 0.0040  -0.0039 0.0008  188 THR X OG1 
256 C  CG2 A THR A 37 ? 0.1202 0.1165 0.1345 0.0049  -0.0012 0.0006  188 THR X CG2 
257 C  CG2 B THR A 37 ? 0.1224 0.1018 0.1112 0.0057  -0.0023 -0.0028 188 THR X CG2 
258 N  N   . GLN A 38 ? 0.0978 0.0910 0.0767 0.0063  -0.0016 0.0031  189 GLN X N   
259 C  CA  . GLN A 38 ? 0.0916 0.0901 0.0683 0.0071  0.0003  0.0066  189 GLN X CA  
260 C  C   . GLN A 38 ? 0.0881 0.0842 0.0756 0.0067  -0.0014 -0.0009 189 GLN X C   
261 O  O   . GLN A 38 ? 0.0852 0.0990 0.0789 -0.0012 -0.0044 -0.0042 189 GLN X O   
262 C  CB  . GLN A 38 ? 0.1000 0.0954 0.0764 0.0126  0.0051  0.0055  189 GLN X CB  
263 C  CG  . GLN A 38 ? 0.1067 0.1025 0.0740 0.0121  0.0134  0.0111  189 GLN X CG  
264 C  CD  . GLN A 38 ? 0.1002 0.0885 0.0720 0.0206  0.0023  0.0006  189 GLN X CD  
265 O  OE1 . GLN A 38 ? 0.1521 0.1319 0.0885 0.0596  0.0095  0.0035  189 GLN X OE1 
266 N  NE2 . GLN A 38 ? 0.0953 0.1043 0.0589 0.0100  0.0029  -0.0029 189 GLN X NE2 
267 N  N   . LYS A 39 ? 0.0897 0.0793 0.0624 0.0054  0.0045  0.0027  190 LYS X N   
268 C  CA  . LYS A 39 ? 0.0772 0.0752 0.0716 0.0023  0.0078  0.0008  190 LYS X CA  
269 C  C   . LYS A 39 ? 0.0791 0.0770 0.0711 0.0030  0.0065  -0.0040 190 LYS X C   
270 O  O   . LYS A 39 ? 0.0803 0.0841 0.0775 -0.0005 0.0083  -0.0069 190 LYS X O   
271 C  CB  . LYS A 39 ? 0.0807 0.0845 0.0834 -0.0007 0.0054  0.0037  190 LYS X CB  
272 C  CG  . LYS A 39 ? 0.0960 0.0848 0.0832 -0.0004 -0.0002 0.0080  190 LYS X CG  
273 C  CD  . LYS A 39 ? 0.1265 0.1090 0.1308 -0.0106 -0.0005 0.0192  190 LYS X CD  
274 C  CE  . LYS A 39 ? 0.1258 0.1043 0.1576 -0.0019 0.0075  0.0208  190 LYS X CE  
275 N  NZ  . LYS A 39 ? 0.1615 0.1210 0.2068 -0.0131 -0.0024 0.0226  190 LYS X NZ  
276 N  N   . ARG A 40 ? 0.0811 0.0739 0.0669 0.0063  0.0035  -0.0011 191 ARG X N   
277 C  CA  . ARG A 40 ? 0.0817 0.0795 0.0703 0.0069  0.0013  -0.0013 191 ARG X CA  
278 C  C   . ARG A 40 ? 0.0706 0.0735 0.0720 0.0006  0.0015  0.0012  191 ARG X C   
279 O  O   . ARG A 40 ? 0.0678 0.0787 0.0863 -0.0004 0.0118  -0.0035 191 ARG X O   
280 C  CB  . ARG A 40 ? 0.0955 0.0957 0.0761 0.0100  -0.0005 -0.0003 191 ARG X CB  
281 C  CG  . ARG A 40 ? 0.1141 0.1304 0.1085 0.0156  -0.0060 -0.0018 191 ARG X CG  
282 C  CD  . ARG A 40 ? 0.1614 0.1559 0.1292 0.0062  -0.0091 -0.0081 191 ARG X CD  
283 N  NE  . ARG A 40 ? 0.1688 0.1496 0.1467 -0.0004 -0.0089 -0.0024 191 ARG X NE  
284 C  CZ  . ARG A 40 ? 0.1808 0.1279 0.1657 -0.0008 0.0008  -0.0117 191 ARG X CZ  
285 N  NH1 . ARG A 40 ? 0.1806 0.1233 0.1946 -0.0037 -0.0011 -0.0123 191 ARG X NH1 
286 N  NH2 . ARG A 40 ? 0.1960 0.1809 0.1894 0.0002  -0.0185 0.0046  191 ARG X NH2 
287 N  N   . ALA A 41 ? 0.0728 0.0663 0.0725 -0.0016 -0.0010 0.0019  192 ALA X N   
288 C  CA  . ALA A 41 ? 0.0716 0.0655 0.0804 0.0021  -0.0021 -0.0003 192 ALA X CA  
289 C  C   . ALA A 41 ? 0.0697 0.0687 0.0833 0.0021  0.0015  0.0041  192 ALA X C   
290 O  O   . ALA A 41 ? 0.0690 0.0748 0.1022 -0.0055 0.0110  0.0101  192 ALA X O   
291 C  CB  . ALA A 41 ? 0.0861 0.0769 0.0755 -0.0039 0.0016  -0.0011 192 ALA X CB  
292 N  N   . PHE A 42 ? 0.0674 0.0693 0.0757 0.0077  0.0008  0.0092  193 PHE X N   
293 C  CA  . PHE A 42 ? 0.0639 0.0655 0.0731 0.0082  -0.0009 0.0059  193 PHE X CA  
294 C  C   . PHE A 42 ? 0.0630 0.0686 0.0708 0.0043  0.0000  0.0026  193 PHE X C   
295 O  O   . PHE A 42 ? 0.0571 0.0737 0.0764 0.0044  0.0018  0.0059  193 PHE X O   
296 C  CB  . PHE A 42 ? 0.0685 0.0852 0.0772 0.0044  0.0006  0.0031  193 PHE X CB  
297 C  CG  . PHE A 42 ? 0.0737 0.0762 0.0691 0.0083  -0.0072 -0.0009 193 PHE X CG  
298 C  CD1 . PHE A 42 ? 0.1039 0.0955 0.0750 0.0048  -0.0084 0.0026  193 PHE X CD1 
299 C  CD2 . PHE A 42 ? 0.0841 0.0982 0.0775 0.0102  0.0034  -0.0100 193 PHE X CD2 
300 C  CE1 . PHE A 42 ? 0.1107 0.1074 0.0924 0.0094  0.0082  0.0008  193 PHE X CE1 
301 C  CE2 . PHE A 42 ? 0.1014 0.0988 0.0742 0.0080  0.0048  -0.0176 193 PHE X CE2 
302 C  CZ  . PHE A 42 ? 0.1166 0.1061 0.0910 0.0115  0.0093  -0.0134 193 PHE X CZ  
303 N  N   . TRP A 43 ? 0.0643 0.0668 0.0668 0.0112  0.0001  0.0036  194 TRP X N   
304 C  CA  . TRP A 43 ? 0.0687 0.0711 0.0612 0.0104  0.0008  0.0029  194 TRP X CA  
305 C  C   . TRP A 43 ? 0.0617 0.0749 0.0609 0.0059  -0.0009 0.0010  194 TRP X C   
306 O  O   . TRP A 43 ? 0.0801 0.0812 0.0615 -0.0004 -0.0066 0.0015  194 TRP X O   
307 C  CB  . TRP A 43 ? 0.0674 0.0813 0.0696 0.0107  0.0004  0.0003  194 TRP X CB  
308 C  CG  . TRP A 43 ? 0.0747 0.0779 0.0664 0.0083  -0.0042 -0.0053 194 TRP X CG  
309 C  CD1 . TRP A 43 ? 0.0726 0.0802 0.0786 0.0118  -0.0078 -0.0020 194 TRP X CD1 
310 C  CD2 . TRP A 43 ? 0.0638 0.0908 0.0687 0.0035  -0.0031 -0.0066 194 TRP X CD2 
311 N  NE1 . TRP A 43 ? 0.0757 0.0824 0.0747 0.0155  0.0065  0.0031  194 TRP X NE1 
312 C  CE2 . TRP A 43 ? 0.0691 0.0883 0.0785 0.0156  0.0084  0.0058  194 TRP X CE2 
313 C  CE3 . TRP A 43 ? 0.0722 0.0848 0.0761 0.0021  0.0046  -0.0005 194 TRP X CE3 
314 C  CZ2 . TRP A 43 ? 0.0770 0.0822 0.0816 0.0183  0.0027  0.0003  194 TRP X CZ2 
315 C  CZ3 . TRP A 43 ? 0.0812 0.0909 0.0802 0.0113  0.0026  -0.0026 194 TRP X CZ3 
316 C  CH2 . TRP A 43 ? 0.0909 0.0884 0.0912 0.0097  0.0060  0.0011  194 TRP X CH2 
317 N  N   . VAL A 44 ? 0.0675 0.0813 0.0523 -0.0013 0.0034  0.0046  195 VAL X N   
318 C  CA  . VAL A 44 ? 0.0787 0.0873 0.0660 0.0035  0.0057  0.0077  195 VAL X CA  
319 C  C   . VAL A 44 ? 0.0922 0.0876 0.0670 0.0023  0.0030  0.0003  195 VAL X C   
320 O  O   . VAL A 44 ? 0.1264 0.0869 0.0763 0.0034  0.0036  -0.0060 195 VAL X O   
321 C  CB  . VAL A 44 ? 0.0783 0.0881 0.0699 0.0016  0.0076  0.0052  195 VAL X CB  
322 C  CG1 . VAL A 44 ? 0.1086 0.0991 0.1005 0.0228  0.0140  0.0119  195 VAL X CG1 
323 C  CG2 . VAL A 44 ? 0.0879 0.1319 0.0704 -0.0033 0.0011  -0.0012 195 VAL X CG2 
324 N  N   . ILE A 45 ? 0.0841 0.0825 0.0711 0.0039  0.0018  0.0093  196 ILE X N   
325 C  CA  . ILE A 45 ? 0.0896 0.0869 0.0910 0.0040  -0.0009 0.0136  196 ILE X CA  
326 C  C   . ILE A 45 ? 0.0948 0.0904 0.0889 0.0030  0.0007  0.0135  196 ILE X C   
327 O  O   . ILE A 45 ? 0.0857 0.0851 0.0757 0.0013  -0.0036 0.0156  196 ILE X O   
328 C  CB  . ILE A 45 ? 0.0895 0.1010 0.0890 0.0035  0.0009  0.0117  196 ILE X CB  
329 C  CG1 . ILE A 45 ? 0.1048 0.1055 0.0886 0.0061  -0.0134 0.0070  196 ILE X CG1 
330 C  CG2 . ILE A 45 ? 0.0848 0.1225 0.1217 -0.0022 0.0010  0.0074  196 ILE X CG2 
331 C  CD1 . ILE A 45 ? 0.1327 0.1257 0.1046 0.0138  -0.0263 0.0109  196 ILE X CD1 
332 N  N   . ALA A 46 ? 0.1014 0.0908 0.0936 -0.0036 0.0010  0.0100  197 ALA X N   
333 C  CA  . ALA A 46 ? 0.1021 0.0907 0.1111 -0.0044 0.0012  0.0110  197 ALA X CA  
334 C  C   . ALA A 46 ? 0.0905 0.0915 0.0971 -0.0041 -0.0006 0.0164  197 ALA X C   
335 O  O   . ALA A 46 ? 0.0771 0.0990 0.1047 -0.0009 0.0033  0.0163  197 ALA X O   
336 C  CB  . ALA A 46 ? 0.1167 0.0911 0.1346 -0.0005 0.0010  0.0161  197 ALA X CB  
337 N  N   . ASP A 47 ? 0.0987 0.0951 0.0915 -0.0091 -0.0007 0.0146  198 ASP X N   
338 C  CA  . ASP A 47 ? 0.0943 0.1034 0.0931 -0.0054 0.0013  0.0120  198 ASP X CA  
339 C  C   . ASP A 47 ? 0.0772 0.1000 0.0865 -0.0076 0.0040  0.0122  198 ASP X C   
340 O  O   . ASP A 47 ? 0.0794 0.1079 0.0735 -0.0022 0.0115  0.0169  198 ASP X O   
341 C  CB  . ASP A 47 ? 0.1121 0.1219 0.1076 -0.0043 -0.0095 0.0139  198 ASP X CB  
342 C  CG  . ASP A 47 ? 0.1258 0.1395 0.1337 -0.0010 -0.0105 0.0169  198 ASP X CG  
343 O  OD1 . ASP A 47 ? 0.1627 0.1523 0.1667 -0.0110 -0.0165 0.0151  198 ASP X OD1 
344 O  OD2 . ASP A 47 ? 0.1537 0.1789 0.1780 0.0000  -0.0290 0.0281  198 ASP X OD2 
345 N  N   . GLN A 48 ? 0.0750 0.0953 0.0757 -0.0087 0.0016  0.0102  199 GLN X N   
346 C  CA  . GLN A 48 ? 0.0742 0.0931 0.0744 -0.0083 0.0001  0.0073  199 GLN X CA  
347 C  C   . GLN A 48 ? 0.0682 0.0874 0.0717 -0.0121 0.0046  0.0003  199 GLN X C   
348 O  O   . GLN A 48 ? 0.0789 0.0890 0.0744 -0.0084 0.0073  0.0007  199 GLN X O   
349 C  CB  . GLN A 48 ? 0.0743 0.0950 0.0715 -0.0119 0.0017  0.0057  199 GLN X CB  
350 C  CG  . GLN A 48 ? 0.0740 0.0939 0.0669 -0.0058 0.0044  0.0037  199 GLN X CG  
351 C  CD  . GLN A 48 ? 0.0779 0.0876 0.0746 0.0036  0.0025  0.0021  199 GLN X CD  
352 O  OE1 . GLN A 48 ? 0.0846 0.1008 0.0698 -0.0002 0.0144  -0.0059 199 GLN X OE1 
353 N  NE2 . GLN A 48 ? 0.0914 0.0828 0.0935 -0.0028 -0.0076 0.0025  199 GLN X NE2 
354 N  N   . GLU A 49 ? 0.0686 0.0842 0.0619 -0.0118 0.0015  0.0037  200 GLU X N   
355 C  CA  . GLU A 49 ? 0.0725 0.0877 0.0695 -0.0097 0.0032  -0.0048 200 GLU X CA  
356 C  C   . GLU A 49 ? 0.0707 0.0813 0.0629 -0.0078 0.0019  0.0011  200 GLU X C   
357 O  O   . GLU A 49 ? 0.0733 0.0855 0.0668 -0.0066 -0.0003 0.0002  200 GLU X O   
358 C  CB  . GLU A 49 ? 0.0708 0.0877 0.0620 -0.0060 0.0025  -0.0048 200 GLU X CB  
359 C  CG  . GLU A 49 ? 0.0774 0.0871 0.0753 -0.0022 0.0005  -0.0058 200 GLU X CG  
360 C  CD  . GLU A 49 ? 0.1031 0.0853 0.0753 -0.0024 -0.0013 -0.0038 200 GLU X CD  
361 O  OE1 . GLU A 49 ? 0.1190 0.1164 0.1001 0.0129  -0.0134 -0.0161 200 GLU X OE1 
362 O  OE2 . GLU A 49 ? 0.1019 0.0973 0.0777 -0.0056 -0.0060 -0.0081 200 GLU X OE2 
363 N  N   . ASN A 50 ? 0.0686 0.0746 0.0641 -0.0076 0.0072  0.0041  201 ASN X N   
364 C  CA  . ASN A 50 ? 0.0731 0.0817 0.0742 -0.0056 0.0077  0.0075  201 ASN X CA  
365 C  C   . ASN A 50 ? 0.0724 0.0788 0.0743 -0.0010 0.0038  0.0060  201 ASN X C   
366 O  O   . ASN A 50 ? 0.0656 0.0872 0.0819 -0.0083 0.0047  0.0117  201 ASN X O   
367 C  CB  . ASN A 50 ? 0.0931 0.0893 0.0948 -0.0019 0.0053  0.0073  201 ASN X CB  
368 C  CG  . ASN A 50 ? 0.0974 0.0937 0.1162 -0.0133 0.0122  0.0080  201 ASN X CG  
369 O  OD1 . ASN A 50 ? 0.1464 0.1008 0.1194 -0.0127 0.0224  -0.0061 201 ASN X OD1 
370 N  ND2 . ASN A 50 ? 0.1065 0.0905 0.1763 -0.0182 0.0132  0.0091  201 ASN X ND2 
371 N  N   A PHE A 51 ? 0.0803 0.0764 0.0669 -0.0021 0.0017  0.0029  202 PHE X N   
372 N  N   B PHE A 51 ? 0.0764 0.0775 0.0703 -0.0026 0.0026  0.0038  202 PHE X N   
373 C  CA  A PHE A 51 ? 0.0794 0.0853 0.0746 0.0001  0.0014  -0.0006 202 PHE X CA  
374 C  CA  B PHE A 51 ? 0.0762 0.0801 0.0716 -0.0013 0.0020  0.0015  202 PHE X CA  
375 C  C   A PHE A 51 ? 0.0824 0.0867 0.0723 -0.0043 0.0028  0.0018  202 PHE X C   
376 C  C   B PHE A 51 ? 0.0798 0.0822 0.0710 -0.0035 0.0024  0.0027  202 PHE X C   
377 O  O   A PHE A 51 ? 0.0761 0.0924 0.0758 -0.0031 0.0007  0.0013  202 PHE X O   
378 O  O   B PHE A 51 ? 0.0802 0.0856 0.0719 -0.0036 0.0015  0.0013  202 PHE X O   
379 C  CB  A PHE A 51 ? 0.0901 0.0870 0.0822 -0.0079 0.0000  -0.0029 202 PHE X CB  
380 C  CB  B PHE A 51 ? 0.0796 0.0784 0.0741 -0.0048 0.0020  0.0001  202 PHE X CB  
381 C  CG  A PHE A 51 ? 0.0851 0.0979 0.0882 -0.0021 -0.0026 -0.0100 202 PHE X CG  
382 C  CG  B PHE A 51 ? 0.0675 0.0753 0.0673 -0.0013 -0.0003 -0.0034 202 PHE X CG  
383 C  CD1 A PHE A 51 ? 0.0748 0.1007 0.0828 -0.0038 -0.0054 -0.0128 202 PHE X CD1 
384 C  CD1 B PHE A 51 ? 0.0731 0.0745 0.0672 -0.0040 0.0014  -0.0025 202 PHE X CD1 
385 C  CD2 A PHE A 51 ? 0.1033 0.1116 0.0989 -0.0059 -0.0064 -0.0045 202 PHE X CD2 
386 C  CD2 B PHE A 51 ? 0.0694 0.0780 0.0741 -0.0005 0.0005  -0.0014 202 PHE X CD2 
387 C  CE1 A PHE A 51 ? 0.0885 0.1090 0.1142 -0.0011 0.0021  -0.0150 202 PHE X CE1 
388 C  CE1 B PHE A 51 ? 0.0727 0.0775 0.0730 -0.0009 0.0017  -0.0092 202 PHE X CE1 
389 C  CE2 A PHE A 51 ? 0.1114 0.1063 0.1138 -0.0091 -0.0117 -0.0052 202 PHE X CE2 
390 C  CE2 B PHE A 51 ? 0.0555 0.0715 0.0698 -0.0025 0.0019  -0.0014 202 PHE X CE2 
391 C  CZ  A PHE A 51 ? 0.0930 0.1010 0.1144 -0.0114 -0.0043 -0.0139 202 PHE X CZ  
392 C  CZ  B PHE A 51 ? 0.0810 0.0854 0.0766 -0.0030 0.0023  -0.0087 202 PHE X CZ  
393 N  N   . ILE A 52 ? 0.0825 0.0845 0.0691 -0.0049 0.0008  0.0074  203 ILE X N   
394 C  CA  . ILE A 52 ? 0.0786 0.0833 0.0728 -0.0008 0.0078  0.0029  203 ILE X CA  
395 C  C   . ILE A 52 ? 0.0819 0.0754 0.0681 -0.0043 0.0086  0.0039  203 ILE X C   
396 O  O   . ILE A 52 ? 0.0832 0.0772 0.0739 -0.0023 0.0147  0.0041  203 ILE X O   
397 C  CB  . ILE A 52 ? 0.0743 0.0792 0.0608 -0.0046 0.0057  0.0020  203 ILE X CB  
398 C  CG1 . ILE A 52 ? 0.0822 0.0849 0.0712 -0.0101 0.0085  -0.0009 203 ILE X CG1 
399 C  CG2 . ILE A 52 ? 0.0855 0.0817 0.0761 0.0064  0.0023  0.0051  203 ILE X CG2 
400 C  CD1 . ILE A 52 ? 0.0864 0.1012 0.0642 -0.0083 0.0045  -0.0047 203 ILE X CD1 
401 N  N   . LYS A 53 ? 0.0765 0.0766 0.0584 -0.0106 0.0088  0.0034  204 LYS X N   
402 C  CA  . LYS A 53 ? 0.0790 0.0790 0.0640 -0.0062 0.0073  0.0058  204 LYS X CA  
403 C  C   . LYS A 53 ? 0.0770 0.0811 0.0676 -0.0047 0.0048  0.0072  204 LYS X C   
404 O  O   . LYS A 53 ? 0.0691 0.1021 0.0753 -0.0030 -0.0024 0.0156  204 LYS X O   
405 C  CB  . LYS A 53 ? 0.0852 0.0854 0.0599 -0.0082 0.0098  -0.0010 204 LYS X CB  
406 C  CG  . LYS A 53 ? 0.0979 0.0841 0.0642 -0.0013 0.0123  -0.0001 204 LYS X CG  
407 C  CD  . LYS A 53 ? 0.1131 0.0795 0.0891 0.0033  0.0052  -0.0001 204 LYS X CD  
408 C  CE  . LYS A 53 ? 0.1137 0.0913 0.0915 0.0101  0.0028  -0.0077 204 LYS X CE  
409 N  NZ  . LYS A 53 ? 0.1391 0.0883 0.0985 -0.0016 0.0130  -0.0142 204 LYS X NZ  
410 N  N   . GLN A 54 ? 0.0838 0.0805 0.0676 0.0004  0.0080  0.0070  205 GLN X N   
411 C  CA  . GLN A 54 ? 0.0813 0.0854 0.0688 0.0041  0.0049  0.0053  205 GLN X CA  
412 C  C   . GLN A 54 ? 0.0844 0.0906 0.0748 0.0047  0.0030  0.0066  205 GLN X C   
413 O  O   . GLN A 54 ? 0.0911 0.0924 0.0877 0.0132  0.0116  0.0018  205 GLN X O   
414 C  CB  . GLN A 54 ? 0.0798 0.0853 0.0658 -0.0033 0.0032  0.0002  205 GLN X CB  
415 C  CG  . GLN A 54 ? 0.0790 0.0923 0.0629 -0.0033 0.0078  0.0057  205 GLN X CG  
416 C  CD  . GLN A 54 ? 0.0853 0.0721 0.0611 0.0009  0.0083  0.0063  205 GLN X CD  
417 O  OE1 . GLN A 54 ? 0.0957 0.0890 0.0674 0.0211  -0.0016 0.0043  205 GLN X OE1 
418 N  NE2 . GLN A 54 ? 0.1065 0.0731 0.0612 0.0014  0.0084  0.0004  205 GLN X NE2 
419 N  N   A VAL A 55 ? 0.0974 0.0908 0.0856 0.0059  0.0041  0.0033  206 VAL X N   
420 N  N   B VAL A 55 ? 0.0882 0.0883 0.0818 0.0036  0.0037  0.0026  206 VAL X N   
421 C  CA  A VAL A 55 ? 0.1050 0.1049 0.0953 0.0087  0.0054  0.0053  206 VAL X CA  
422 C  CA  B VAL A 55 ? 0.0878 0.0928 0.0859 0.0016  0.0043  0.0031  206 VAL X CA  
423 C  C   A VAL A 55 ? 0.1033 0.1039 0.0986 0.0116  0.0088  0.0093  206 VAL X C   
424 C  C   B VAL A 55 ? 0.0913 0.0974 0.0919 0.0036  0.0044  0.0059  206 VAL X C   
425 O  O   A VAL A 55 ? 0.1107 0.1169 0.1079 0.0242  0.0202  0.0157  206 VAL X O   
426 O  O   B VAL A 55 ? 0.0899 0.0976 0.0964 0.0018  0.0080  0.0064  206 VAL X O   
427 C  CB  A VAL A 55 ? 0.1110 0.1115 0.1010 0.0053  0.0047  0.0057  206 VAL X CB  
428 C  CB  B VAL A 55 ? 0.0879 0.0907 0.0875 0.0007  0.0031  0.0004  206 VAL X CB  
429 C  CG1 A VAL A 55 ? 0.1254 0.1156 0.1119 0.0068  -0.0058 0.0017  206 VAL X CG1 
430 C  CG1 B VAL A 55 ? 0.0851 0.0862 0.0885 -0.0041 0.0009  0.0015  206 VAL X CG1 
431 C  CG2 A VAL A 55 ? 0.1261 0.1280 0.1093 0.0072  0.0140  0.0040  206 VAL X CG2 
432 C  CG2 B VAL A 55 ? 0.0832 0.0950 0.0843 -0.0034 0.0045  -0.0019 206 VAL X CG2 
433 N  N   . ASN A 56 ? 0.0983 0.1083 0.0943 0.0081  0.0039  0.0112  207 ASN X N   
434 C  CA  . ASN A 56 ? 0.0989 0.1298 0.1004 0.0062  0.0042  0.0105  207 ASN X CA  
435 C  C   . ASN A 56 ? 0.1040 0.1385 0.1050 0.0066  0.0022  0.0076  207 ASN X C   
436 O  O   . ASN A 56 ? 0.1058 0.1681 0.1249 0.0055  0.0010  -0.0091 207 ASN X O   
437 C  CB  . ASN A 56 ? 0.1086 0.1357 0.1123 0.0013  0.0057  0.0207  207 ASN X CB  
438 C  CG  . ASN A 56 ? 0.1080 0.1604 0.1157 0.0089  -0.0016 0.0184  207 ASN X CG  
439 O  OD1 . ASN A 56 ? 0.1144 0.2209 0.1631 -0.0159 0.0027  0.0392  207 ASN X OD1 
440 N  ND2 . ASN A 56 ? 0.1065 0.1257 0.1021 0.0072  0.0095  0.0224  207 ASN X ND2 
441 N  N   . LYS A 57 ? 0.1099 0.1405 0.1138 -0.0043 0.0043  0.0091  208 LYS X N   
442 C  CA  . LYS A 57 ? 0.1323 0.1523 0.1321 -0.0104 0.0054  0.0101  208 LYS X CA  
443 C  C   . LYS A 57 ? 0.1279 0.1599 0.1384 -0.0086 0.0036  0.0035  208 LYS X C   
444 O  O   . LYS A 57 ? 0.1444 0.1745 0.1665 -0.0041 -0.0017 -0.0059 208 LYS X O   
445 C  CB  . LYS A 57 ? 0.1459 0.1610 0.1433 -0.0125 0.0115  0.0134  208 LYS X CB  
446 C  CG  . LYS A 57 ? 0.1596 0.1838 0.1608 -0.0071 0.0134  0.0196  208 LYS X CG  
447 C  CD  . LYS A 57 ? 0.1979 0.2269 0.1907 -0.0104 0.0217  0.0166  208 LYS X CD  
448 C  CE  . LYS A 57 ? 0.2221 0.2465 0.2291 0.0013  0.0197  0.0058  208 LYS X CE  
449 N  NZ  . LYS A 57 ? 0.2539 0.2660 0.2375 -0.0022 0.0230  0.0042  208 LYS X NZ  
450 N  N   . ASN A 58 ? 0.1089 0.1716 0.1233 -0.0074 0.0026  0.0060  209 ASN X N   
451 C  CA  . ASN A 58 ? 0.1224 0.1842 0.1213 -0.0048 0.0061  0.0089  209 ASN X CA  
452 C  C   . ASN A 58 ? 0.1050 0.1669 0.1101 -0.0080 0.0035  0.0096  209 ASN X C   
453 O  O   . ASN A 58 ? 0.1022 0.1855 0.1108 -0.0008 0.0001  0.0042  209 ASN X O   
454 C  CB  . ASN A 58 ? 0.1389 0.2014 0.1422 -0.0023 0.0027  0.0106  209 ASN X CB  
455 C  CG  . ASN A 58 ? 0.1878 0.2355 0.1787 -0.0053 0.0076  0.0058  209 ASN X CG  
456 O  OD1 . ASN A 58 ? 0.2171 0.2734 0.2227 -0.0250 0.0035  0.0131  209 ASN X OD1 
457 N  ND2 . ASN A 58 ? 0.2256 0.2672 0.2335 0.0127  0.0045  0.0003  209 ASN X ND2 
458 N  N   . ILE A 59 ? 0.0854 0.1432 0.0887 -0.0014 0.0120  0.0072  210 ILE X N   
459 C  CA  . ILE A 59 ? 0.0857 0.1181 0.0870 -0.0067 0.0047  0.0046  210 ILE X CA  
460 C  C   . ILE A 59 ? 0.0884 0.1085 0.0854 -0.0056 -0.0002 0.0067  210 ILE X C   
461 O  O   . ILE A 59 ? 0.1166 0.1161 0.0875 -0.0107 -0.0054 0.0096  210 ILE X O   
462 C  CB  . ILE A 59 ? 0.0828 0.1007 0.0815 -0.0031 -0.0017 0.0090  210 ILE X CB  
463 C  CG1 . ILE A 59 ? 0.0904 0.0965 0.0781 -0.0055 0.0038  0.0031  210 ILE X CG1 
464 C  CG2 . ILE A 59 ? 0.1058 0.0984 0.0972 0.0015  0.0116  0.0091  210 ILE X CG2 
465 C  CD1 . ILE A 59 ? 0.0816 0.0989 0.0990 0.0018  -0.0106 -0.0014 210 ILE X CD1 
466 N  N   . GLU A 60 ? 0.0891 0.1142 0.0818 -0.0008 0.0033  -0.0023 211 GLU X N   
467 C  CA  . GLU A 60 ? 0.0859 0.1143 0.0837 -0.0016 -0.0020 -0.0019 211 GLU X CA  
468 C  C   . GLU A 60 ? 0.0812 0.0972 0.0738 -0.0099 0.0031  0.0000  211 GLU X C   
469 O  O   . GLU A 60 ? 0.0719 0.0950 0.0884 -0.0119 0.0013  -0.0005 211 GLU X O   
470 C  CB  . GLU A 60 ? 0.1037 0.1362 0.1018 0.0087  -0.0033 -0.0005 211 GLU X CB  
471 C  CG  . GLU A 60 ? 0.1333 0.1811 0.1552 0.0084  -0.0041 -0.0063 211 GLU X CG  
472 C  CD  . GLU A 60 ? 0.1877 0.2021 0.1885 0.0084  -0.0147 0.0051  211 GLU X CD  
473 O  OE1 . GLU A 60 ? 0.1981 0.2021 0.2046 -0.0094 -0.0187 0.0072  211 GLU X OE1 
474 O  OE2 . GLU A 60 ? 0.2032 0.2115 0.2100 -0.0104 -0.0083 0.0030  211 GLU X OE2 
475 N  N   . TYR A 61 ? 0.0833 0.0959 0.0756 -0.0024 0.0011  -0.0006 212 TYR X N   
476 C  CA  . TYR A 61 ? 0.0923 0.0889 0.0676 -0.0007 0.0005  0.0033  212 TYR X CA  
477 C  C   . TYR A 61 ? 0.0926 0.0903 0.0735 -0.0018 -0.0053 0.0005  212 TYR X C   
478 O  O   . TYR A 61 ? 0.1157 0.1144 0.0855 -0.0124 -0.0087 0.0031  212 TYR X O   
479 C  CB  . TYR A 61 ? 0.1018 0.0940 0.0713 -0.0006 -0.0043 0.0033  212 TYR X CB  
480 C  CG  . TYR A 61 ? 0.0855 0.0823 0.0711 -0.0076 -0.0036 0.0038  212 TYR X CG  
481 C  CD1 . TYR A 61 ? 0.0938 0.0703 0.0884 -0.0071 -0.0113 -0.0032 212 TYR X CD1 
482 C  CD2 . TYR A 61 ? 0.0878 0.1092 0.0807 -0.0077 -0.0047 0.0073  212 TYR X CD2 
483 C  CE1 . TYR A 61 ? 0.0873 0.0833 0.0704 -0.0085 0.0035  -0.0029 212 TYR X CE1 
484 C  CE2 . TYR A 61 ? 0.1011 0.1089 0.0840 -0.0005 -0.0083 0.0041  212 TYR X CE2 
485 C  CZ  . TYR A 61 ? 0.1011 0.0960 0.0625 -0.0105 -0.0021 0.0058  212 TYR X CZ  
486 O  OH  . TYR A 61 ? 0.1060 0.1047 0.0572 -0.0036 -0.0038 0.0105  212 TYR X OH  
487 N  N   . VAL A 62 ? 0.0819 0.0865 0.0664 0.0068  -0.0046 0.0040  213 VAL X N   
488 C  CA  . VAL A 62 ? 0.0872 0.0984 0.0689 0.0043  -0.0064 -0.0022 213 VAL X CA  
489 C  C   . VAL A 62 ? 0.0722 0.0866 0.0662 0.0047  -0.0054 -0.0022 213 VAL X C   
490 O  O   . VAL A 62 ? 0.0798 0.0997 0.0619 0.0044  -0.0039 -0.0057 213 VAL X O   
491 C  CB  . VAL A 62 ? 0.0927 0.1032 0.0853 0.0080  -0.0030 -0.0030 213 VAL X CB  
492 C  CG1 . VAL A 62 ? 0.1289 0.1316 0.0845 0.0230  -0.0014 -0.0065 213 VAL X CG1 
493 C  CG2 . VAL A 62 ? 0.1085 0.1009 0.1029 -0.0080 -0.0114 -0.0018 213 VAL X CG2 
494 N  N   . GLU A 63 ? 0.0679 0.0773 0.0653 0.0054  -0.0006 -0.0043 214 GLU X N   
495 C  CA  . GLU A 63 ? 0.0732 0.0737 0.0750 0.0015  -0.0021 -0.0054 214 GLU X CA  
496 C  C   . GLU A 63 ? 0.0682 0.0710 0.0745 0.0000  -0.0046 -0.0031 214 GLU X C   
497 O  O   . GLU A 63 ? 0.0763 0.0719 0.0725 -0.0014 -0.0115 -0.0096 214 GLU X O   
498 C  CB  . GLU A 63 ? 0.0741 0.0850 0.0731 -0.0090 0.0040  -0.0089 214 GLU X CB  
499 C  CG  . GLU A 63 ? 0.0771 0.0857 0.0797 -0.0015 -0.0018 -0.0103 214 GLU X CG  
500 C  CD  . GLU A 63 ? 0.0941 0.0774 0.0705 -0.0016 -0.0005 -0.0053 214 GLU X CD  
501 O  OE1 . GLU A 63 ? 0.0951 0.0891 0.0869 0.0107  -0.0184 -0.0122 214 GLU X OE1 
502 O  OE2 . GLU A 63 ? 0.0789 0.0871 0.0882 0.0048  -0.0073 -0.0039 214 GLU X OE2 
503 N  N   A LYS A 64 ? 0.0708 0.0714 0.0770 -0.0010 -0.0038 -0.0044 215 LYS X N   
504 N  N   B LYS A 64 ? 0.0716 0.0713 0.0785 -0.0010 -0.0038 -0.0039 215 LYS X N   
505 C  CA  A LYS A 64 ? 0.0717 0.0738 0.0815 -0.0007 -0.0023 -0.0020 215 LYS X CA  
506 C  CA  B LYS A 64 ? 0.0747 0.0739 0.0820 0.0005  -0.0016 -0.0022 215 LYS X CA  
507 C  C   A LYS A 64 ? 0.0783 0.0740 0.0772 -0.0016 -0.0028 -0.0055 215 LYS X C   
508 C  C   B LYS A 64 ? 0.0792 0.0715 0.0787 -0.0015 -0.0024 -0.0051 215 LYS X C   
509 O  O   A LYS A 64 ? 0.0796 0.0791 0.0814 0.0035  -0.0029 -0.0020 215 LYS X O   
510 O  O   B LYS A 64 ? 0.0833 0.0799 0.0758 0.0058  -0.0071 -0.0067 215 LYS X O   
511 C  CB  A LYS A 64 ? 0.0839 0.0834 0.0916 -0.0028 -0.0027 0.0000  215 LYS X CB  
512 C  CB  B LYS A 64 ? 0.0863 0.0805 0.0917 -0.0035 -0.0018 -0.0017 215 LYS X CB  
513 C  CG  A LYS A 64 ? 0.0907 0.0933 0.1053 -0.0005 -0.0040 -0.0037 215 LYS X CG  
514 C  CG  B LYS A 64 ? 0.0960 0.0971 0.1011 0.0011  0.0011  0.0038  215 LYS X CG  
515 C  CD  A LYS A 64 ? 0.1300 0.1310 0.1319 -0.0057 -0.0016 0.0099  215 LYS X CD  
516 C  CD  B LYS A 64 ? 0.1160 0.1157 0.1280 -0.0151 0.0039  0.0017  215 LYS X CD  
517 C  CE  A LYS A 64 ? 0.1517 0.1531 0.1451 -0.0095 -0.0023 -0.0010 215 LYS X CE  
518 C  CE  B LYS A 64 ? 0.1516 0.1474 0.1456 -0.0065 0.0202  0.0017  215 LYS X CE  
519 N  NZ  A LYS A 64 ? 0.1721 0.1676 0.1593 -0.0115 0.0039  0.0032  215 LYS X NZ  
520 N  NZ  B LYS A 64 ? 0.1648 0.1564 0.1711 -0.0143 0.0174  -0.0017 215 LYS X NZ  
521 N  N   A ASN A 65 ? 0.0765 0.0755 0.0780 -0.0048 -0.0007 -0.0046 216 ASN X N   
522 N  N   B ASN A 65 ? 0.0752 0.0734 0.0774 -0.0008 -0.0012 -0.0055 216 ASN X N   
523 C  CA  A ASN A 65 ? 0.0809 0.0814 0.0797 -0.0027 0.0016  -0.0088 216 ASN X CA  
524 C  CA  B ASN A 65 ? 0.0746 0.0760 0.0786 -0.0009 -0.0002 -0.0055 216 ASN X CA  
525 C  C   A ASN A 65 ? 0.0799 0.0799 0.0744 -0.0027 0.0019  -0.0063 216 ASN X C   
526 C  C   B ASN A 65 ? 0.0730 0.0769 0.0769 -0.0027 0.0005  -0.0050 216 ASN X C   
527 O  O   A ASN A 65 ? 0.0856 0.0925 0.0699 0.0051  0.0028  -0.0008 216 ASN X O   
528 O  O   B ASN A 65 ? 0.0703 0.0807 0.0771 -0.0004 0.0000  -0.0044 216 ASN X O   
529 C  CB  A ASN A 65 ? 0.0995 0.0973 0.0968 -0.0045 -0.0017 -0.0173 216 ASN X CB  
530 C  CB  B ASN A 65 ? 0.0823 0.0826 0.0868 -0.0002 -0.0008 -0.0084 216 ASN X CB  
531 C  CG  A ASN A 65 ? 0.1088 0.1174 0.1266 -0.0101 0.0061  -0.0088 216 ASN X CG  
532 C  CG  B ASN A 65 ? 0.0791 0.0894 0.0912 -0.0002 -0.0022 -0.0041 216 ASN X CG  
533 O  OD1 A ASN A 65 ? 0.1183 0.1284 0.1433 -0.0175 0.0040  -0.0019 216 ASN X OD1 
534 O  OD1 B ASN A 65 ? 0.0781 0.0995 0.1123 0.0102  0.0060  -0.0049 216 ASN X OD1 
535 N  ND2 A ASN A 65 ? 0.1642 0.1417 0.1871 0.0094  0.0086  -0.0014 216 ASN X ND2 
536 N  ND2 B ASN A 65 ? 0.0815 0.0832 0.0990 -0.0011 0.0062  0.0006  216 ASN X ND2 
537 N  N   . ALA A 66 ? 0.0666 0.0758 0.0765 -0.0028 0.0021  -0.0078 217 ALA X N   
538 C  CA  . ALA A 66 ? 0.0761 0.0808 0.0778 -0.0042 0.0039  -0.0059 217 ALA X CA  
539 C  C   . ALA A 66 ? 0.0762 0.0809 0.0785 -0.0056 0.0034  -0.0047 217 ALA X C   
540 O  O   . ALA A 66 ? 0.0696 0.0964 0.0829 -0.0078 -0.0004 -0.0052 217 ALA X O   
541 C  CB  . ALA A 66 ? 0.0934 0.0922 0.0825 -0.0011 0.0064  -0.0100 217 ALA X CB  
542 N  N   . SER A 67 ? 0.0808 0.0817 0.0844 -0.0020 0.0069  0.0027  218 SER X N   
543 C  CA  . SER A 67 ? 0.0921 0.0865 0.0801 0.0040  0.0081  -0.0046 218 SER X CA  
544 C  C   . SER A 67 ? 0.0836 0.0826 0.0819 0.0070  0.0084  -0.0021 218 SER X C   
545 O  O   . SER A 67 ? 0.0878 0.0824 0.0714 0.0090  0.0117  -0.0035 218 SER X O   
546 C  CB  . SER A 67 ? 0.1053 0.1031 0.0861 0.0035  0.0064  -0.0083 218 SER X CB  
547 O  OG  . SER A 67 ? 0.1455 0.1162 0.1077 -0.0027 -0.0051 0.0060  218 SER X OG  
548 N  N   . PRO A 68 ? 0.0814 0.0831 0.0872 0.0095  0.0125  -0.0078 219 PRO X N   
549 C  CA  . PRO A 68 ? 0.0825 0.0862 0.0914 0.0098  0.0116  -0.0049 219 PRO X CA  
550 C  C   . PRO A 68 ? 0.0890 0.0850 0.0844 0.0086  0.0114  -0.0043 219 PRO X C   
551 O  O   . PRO A 68 ? 0.0945 0.0764 0.0894 0.0117  0.0072  -0.0045 219 PRO X O   
552 C  CB  . PRO A 68 ? 0.0814 0.0901 0.1012 0.0121  0.0107  -0.0027 219 PRO X CB  
553 C  CG  . PRO A 68 ? 0.0868 0.0880 0.1062 0.0032  0.0079  0.0013  219 PRO X CG  
554 C  CD  . PRO A 68 ? 0.0749 0.0852 0.0992 0.0162  0.0114  -0.0131 219 PRO X CD  
555 N  N   . ALA A 69 ? 0.0975 0.0884 0.0765 0.0106  0.0102  -0.0060 220 ALA X N   
556 C  CA  . ALA A 69 ? 0.0983 0.0961 0.0813 0.0083  0.0080  -0.0071 220 ALA X CA  
557 C  C   . ALA A 69 ? 0.0960 0.0915 0.0862 0.0037  0.0076  -0.0032 220 ALA X C   
558 O  O   . ALA A 69 ? 0.1007 0.0898 0.0890 0.0080  0.0082  0.0062  220 ALA X O   
559 C  CB  . ALA A 69 ? 0.1215 0.1180 0.0891 0.0096  -0.0010 -0.0098 220 ALA X CB  
560 N  N   . PHE A 70 ? 0.0860 0.0917 0.0838 -0.0022 0.0026  -0.0012 221 PHE X N   
561 C  CA  . PHE A 70 ? 0.0830 0.0781 0.0883 -0.0025 0.0022  -0.0007 221 PHE X CA  
562 C  C   . PHE A 70 ? 0.0721 0.0751 0.0770 0.0028  0.0009  0.0027  221 PHE X C   
563 O  O   . PHE A 70 ? 0.0697 0.0612 0.0862 0.0028  0.0037  0.0071  221 PHE X O   
564 C  CB  . PHE A 70 ? 0.0826 0.0816 0.1020 -0.0044 0.0039  0.0012  221 PHE X CB  
565 C  CG  . PHE A 70 ? 0.0821 0.0869 0.0865 -0.0070 0.0048  0.0137  221 PHE X CG  
566 C  CD1 . PHE A 70 ? 0.0882 0.0756 0.0972 -0.0010 0.0060  0.0114  221 PHE X CD1 
567 C  CD2 . PHE A 70 ? 0.0863 0.1140 0.1153 -0.0158 0.0008  0.0092  221 PHE X CD2 
568 C  CE1 . PHE A 70 ? 0.0876 0.0782 0.1010 -0.0072 0.0023  0.0186  221 PHE X CE1 
569 C  CE2 . PHE A 70 ? 0.0864 0.1149 0.1207 -0.0136 0.0033  0.0150  221 PHE X CE2 
570 C  CZ  . PHE A 70 ? 0.0934 0.0912 0.1160 -0.0109 0.0035  0.0145  221 PHE X CZ  
571 N  N   . LEU A 71 ? 0.0674 0.0647 0.0739 0.0004  -0.0019 0.0034  222 LEU X N   
572 C  CA  . LEU A 71 ? 0.0680 0.0605 0.0743 0.0016  -0.0042 0.0049  222 LEU X CA  
573 C  C   . LEU A 71 ? 0.0741 0.0612 0.0656 0.0036  0.0025  0.0031  222 LEU X C   
574 O  O   . LEU A 71 ? 0.0827 0.0561 0.0699 0.0118  0.0039  0.0008  222 LEU X O   
575 C  CB  . LEU A 71 ? 0.0741 0.0657 0.0791 0.0067  -0.0039 0.0066  222 LEU X CB  
576 C  CG  . LEU A 71 ? 0.0686 0.0671 0.0741 0.0050  0.0041  0.0086  222 LEU X CG  
577 C  CD1 . LEU A 71 ? 0.0642 0.0847 0.0817 0.0111  0.0011  0.0099  222 LEU X CD1 
578 C  CD2 . LEU A 71 ? 0.0603 0.0784 0.0707 -0.0043 -0.0020 0.0086  222 LEU X CD2 
579 N  N   . GLN A 72 ? 0.0735 0.0633 0.0636 0.0043  0.0062  0.0064  223 GLN X N   
580 C  CA  . GLN A 72 ? 0.0721 0.0677 0.0668 0.0058  0.0102  0.0056  223 GLN X CA  
581 C  C   . GLN A 72 ? 0.0706 0.0615 0.0604 0.0021  0.0007  0.0029  223 GLN X C   
582 O  O   . GLN A 72 ? 0.0833 0.0598 0.0730 0.0041  0.0063  0.0052  223 GLN X O   
583 C  CB  . GLN A 72 ? 0.0848 0.0767 0.0672 0.0042  0.0107  0.0084  223 GLN X CB  
584 C  CG  . GLN A 72 ? 0.0929 0.0812 0.0819 0.0014  0.0096  0.0138  223 GLN X CG  
585 C  CD  . GLN A 72 ? 0.0900 0.0911 0.0972 0.0050  0.0166  0.0064  223 GLN X CD  
586 O  OE1 . GLN A 72 ? 0.0992 0.1161 0.1217 -0.0062 0.0043  0.0232  223 GLN X OE1 
587 N  NE2 . GLN A 72 ? 0.1045 0.1034 0.1286 0.0037  0.0121  0.0086  223 GLN X NE2 
588 N  N   . ARG A 73 ? 0.0639 0.0674 0.0664 0.0032  -0.0005 0.0027  224 ARG X N   
589 C  CA  . ARG A 73 ? 0.0718 0.0703 0.0755 0.0010  0.0021  0.0029  224 ARG X CA  
590 C  C   . ARG A 73 ? 0.0740 0.0656 0.0756 -0.0005 0.0026  0.0054  224 ARG X C   
591 O  O   . ARG A 73 ? 0.0653 0.0631 0.0790 0.0022  0.0045  0.0092  224 ARG X O   
592 C  CB  . ARG A 73 ? 0.0829 0.0777 0.0812 -0.0039 -0.0057 0.0005  224 ARG X CB  
593 C  CG  . ARG A 73 ? 0.1036 0.1078 0.0991 -0.0019 -0.0140 -0.0005 224 ARG X CG  
594 C  CD  . ARG A 73 ? 0.1653 0.1403 0.0957 0.0028  -0.0122 0.0067  224 ARG X CD  
595 N  NE  . ARG A 73 ? 0.1717 0.1456 0.1037 -0.0073 -0.0020 -0.0148 224 ARG X NE  
596 C  CZ  . ARG A 73 ? 0.1341 0.1217 0.1082 -0.0011 -0.0014 -0.0064 224 ARG X CZ  
597 N  NH1 . ARG A 73 ? 0.1265 0.1181 0.1160 -0.0009 0.0020  -0.0030 224 ARG X NH1 
598 N  NH2 . ARG A 73 ? 0.1498 0.1521 0.1036 -0.0002 -0.0070 -0.0206 224 ARG X NH2 
599 N  N   . ILE A 74 ? 0.0693 0.0682 0.0672 -0.0010 0.0067  0.0047  225 ILE X N   
600 C  CA  . ILE A 74 ? 0.0785 0.0761 0.0673 0.0067  0.0003  0.0081  225 ILE X CA  
601 C  C   . ILE A 74 ? 0.0753 0.0752 0.0654 0.0081  0.0034  0.0007  225 ILE X C   
602 O  O   . ILE A 74 ? 0.0831 0.0685 0.0774 0.0162  0.0062  -0.0025 225 ILE X O   
603 C  CB  . ILE A 74 ? 0.0812 0.0667 0.0616 0.0032  0.0013  0.0111  225 ILE X CB  
604 C  CG1 . ILE A 74 ? 0.0777 0.0779 0.0873 0.0044  0.0105  0.0073  225 ILE X CG1 
605 C  CG2 . ILE A 74 ? 0.0857 0.0804 0.0726 0.0097  0.0038  -0.0017 225 ILE X CG2 
606 C  CD1 . ILE A 74 ? 0.0792 0.0884 0.0833 0.0008  0.0164  0.0157  225 ILE X CD1 
607 N  N   . VAL A 75 ? 0.0765 0.0777 0.0736 0.0013  0.0022  0.0038  226 VAL X N   
608 C  CA  . VAL A 75 ? 0.0848 0.0723 0.0829 0.0033  0.0042  0.0062  226 VAL X CA  
609 C  C   . VAL A 75 ? 0.0776 0.0728 0.0751 0.0071  0.0031  -0.0001 226 VAL X C   
610 O  O   . VAL A 75 ? 0.0918 0.0726 0.0786 0.0066  0.0124  -0.0033 226 VAL X O   
611 C  CB  . VAL A 75 ? 0.0820 0.0776 0.0843 0.0019  0.0018  0.0027  226 VAL X CB  
612 C  CG1 . VAL A 75 ? 0.0837 0.0886 0.1145 -0.0040 0.0022  0.0034  226 VAL X CG1 
613 C  CG2 . VAL A 75 ? 0.0910 0.0974 0.0957 0.0026  -0.0006 0.0113  226 VAL X CG2 
614 N  N   . GLU A 76 ? 0.0900 0.0774 0.0707 0.0105  0.0006  0.0053  227 GLU X N   
615 C  CA  . GLU A 76 ? 0.0900 0.0791 0.0804 0.0137  -0.0013 0.0018  227 GLU X CA  
616 C  C   . GLU A 76 ? 0.0939 0.0817 0.0810 0.0082  0.0021  0.0045  227 GLU X C   
617 O  O   . GLU A 76 ? 0.1035 0.0750 0.0923 0.0092  -0.0008 0.0036  227 GLU X O   
618 C  CB  . GLU A 76 ? 0.1003 0.0969 0.0813 0.0161  -0.0001 -0.0003 227 GLU X CB  
619 C  CG  . GLU A 76 ? 0.1042 0.1054 0.0924 0.0090  0.0072  -0.0041 227 GLU X CG  
620 C  CD  . GLU A 76 ? 0.1110 0.1095 0.0940 0.0109  0.0011  0.0018  227 GLU X CD  
621 O  OE1 . GLU A 76 ? 0.1223 0.0905 0.0982 0.0172  0.0049  -0.0121 227 GLU X OE1 
622 O  OE2 . GLU A 76 ? 0.1386 0.1642 0.1256 0.0240  0.0043  -0.0209 227 GLU X OE2 
623 N  N   A ILE A 77 ? 0.0829 0.0808 0.0812 0.0069  -0.0031 0.0027  228 ILE X N   
624 N  N   B ILE A 77 ? 0.0798 0.0866 0.0838 0.0052  -0.0082 0.0040  228 ILE X N   
625 C  CA  A ILE A 77 ? 0.0816 0.0808 0.0821 0.0048  0.0002  0.0009  228 ILE X CA  
626 C  CA  B ILE A 77 ? 0.0896 0.0943 0.0927 0.0022  -0.0011 0.0016  228 ILE X CA  
627 C  C   A ILE A 77 ? 0.0832 0.0847 0.0798 0.0067  0.0011  0.0029  228 ILE X C   
628 C  C   B ILE A 77 ? 0.0857 0.0891 0.0844 0.0064  0.0024  0.0050  228 ILE X C   
629 O  O   A ILE A 77 ? 0.0845 0.0865 0.0865 0.0108  0.0006  0.0030  228 ILE X O   
630 O  O   B ILE A 77 ? 0.0876 0.0877 0.0873 0.0097  0.0020  0.0029  228 ILE X O   
631 C  CB  A ILE A 77 ? 0.0852 0.0823 0.0868 0.0024  -0.0022 0.0012  228 ILE X CB  
632 C  CB  B ILE A 77 ? 0.1014 0.1034 0.1114 -0.0037 -0.0026 0.0037  228 ILE X CB  
633 C  CG1 A ILE A 77 ? 0.0748 0.0657 0.0907 0.0094  0.0029  -0.0038 228 ILE X CG1 
634 C  CG1 B ILE A 77 ? 0.1350 0.1348 0.1424 -0.0063 -0.0088 -0.0101 228 ILE X CG1 
635 C  CG2 A ILE A 77 ? 0.0879 0.0922 0.0869 0.0004  0.0011  0.0059  228 ILE X CG2 
636 C  CG2 B ILE A 77 ? 0.1061 0.1150 0.1088 0.0053  -0.0066 0.0069  228 ILE X CG2 
637 C  CD1 A ILE A 77 ? 0.0735 0.0630 0.0768 -0.0002 -0.0006 -0.0005 228 ILE X CD1 
638 C  CD1 B ILE A 77 ? 0.1735 0.1634 0.1493 -0.0104 0.0059  -0.0045 228 ILE X CD1 
639 N  N   . TYR A 78 ? 0.0829 0.0890 0.0748 0.0090  -0.0002 0.0010  229 TYR X N   
640 C  CA  . TYR A 78 ? 0.0872 0.0994 0.0750 0.0060  0.0009  0.0024  229 TYR X CA  
641 C  C   . TYR A 78 ? 0.0890 0.0922 0.0789 0.0094  -0.0021 0.0031  229 TYR X C   
642 O  O   . TYR A 78 ? 0.0984 0.1052 0.0722 0.0236  -0.0018 -0.0055 229 TYR X O   
643 C  CB  . TYR A 78 ? 0.0925 0.1016 0.0893 0.0045  0.0004  0.0064  229 TYR X CB  
644 C  CG  . TYR A 78 ? 0.0847 0.1101 0.0811 0.0059  0.0082  -0.0036 229 TYR X CG  
645 C  CD1 . TYR A 78 ? 0.0934 0.1077 0.0957 0.0107  0.0040  -0.0114 229 TYR X CD1 
646 C  CD2 . TYR A 78 ? 0.1119 0.1064 0.1332 0.0021  -0.0005 0.0101  229 TYR X CD2 
647 C  CE1 . TYR A 78 ? 0.1022 0.1105 0.1084 0.0073  0.0010  -0.0001 229 TYR X CE1 
648 C  CE2 . TYR A 78 ? 0.1111 0.1179 0.1615 0.0153  0.0061  0.0008  229 TYR X CE2 
649 C  CZ  . TYR A 78 ? 0.1072 0.1026 0.1359 0.0065  0.0028  0.0007  229 TYR X CZ  
650 O  OH  . TYR A 78 ? 0.1047 0.1074 0.1599 -0.0039 0.0037  -0.0022 229 TYR X OH  
651 N  N   A GLN A 79 ? 0.0847 0.0844 0.0741 0.0053  -0.0033 0.0053  230 GLN X N   
652 N  N   B GLN A 79 ? 0.0887 0.0890 0.0806 0.0048  -0.0028 0.0043  230 GLN X N   
653 C  CA  A GLN A 79 ? 0.0935 0.0786 0.0808 0.0003  -0.0011 0.0043  230 GLN X CA  
654 C  CA  B GLN A 79 ? 0.0952 0.0853 0.0877 -0.0011 -0.0028 0.0042  230 GLN X CA  
655 C  C   A GLN A 79 ? 0.0877 0.0833 0.0783 -0.0011 0.0023  0.0038  230 GLN X C   
656 C  C   B GLN A 79 ? 0.0889 0.0846 0.0840 -0.0021 0.0004  0.0043  230 GLN X C   
657 O  O   A GLN A 79 ? 0.0888 0.0818 0.0762 -0.0029 0.0047  0.0000  230 GLN X O   
658 O  O   B GLN A 79 ? 0.0897 0.0824 0.0875 -0.0068 -0.0010 0.0033  230 GLN X O   
659 C  CB  A GLN A 79 ? 0.1060 0.0838 0.0779 0.0093  -0.0011 0.0063  230 GLN X CB  
660 C  CB  B GLN A 79 ? 0.1043 0.0888 0.0931 0.0010  -0.0006 0.0053  230 GLN X CB  
661 C  CG  A GLN A 79 ? 0.0968 0.0905 0.0886 0.0097  0.0075  0.0089  230 GLN X CG  
662 C  CG  B GLN A 79 ? 0.1158 0.1081 0.1010 -0.0001 -0.0045 0.0062  230 GLN X CG  
663 C  CD  A GLN A 79 ? 0.1117 0.0951 0.1065 0.0124  0.0054  0.0063  230 GLN X CD  
664 C  CD  B GLN A 79 ? 0.1237 0.1164 0.1195 0.0003  -0.0044 0.0076  230 GLN X CD  
665 O  OE1 A GLN A 79 ? 0.1275 0.1035 0.1358 0.0053  0.0055  0.0030  230 GLN X OE1 
666 O  OE1 B GLN A 79 ? 0.1453 0.1350 0.1310 0.0042  -0.0083 0.0201  230 GLN X OE1 
667 N  NE2 A GLN A 79 ? 0.1260 0.1007 0.1152 0.0147  0.0132  0.0086  230 GLN X NE2 
668 N  NE2 B GLN A 79 ? 0.1367 0.1220 0.1158 0.0017  -0.0083 0.0133  230 GLN X NE2 
669 N  N   . VAL A 80 ? 0.0785 0.0746 0.0787 0.0032  0.0003  0.0087  231 VAL X N   
670 C  CA  . VAL A 80 ? 0.0824 0.0794 0.0766 -0.0003 -0.0003 0.0094  231 VAL X CA  
671 C  C   . VAL A 80 ? 0.0815 0.0753 0.0748 0.0034  0.0011  0.0030  231 VAL X C   
672 O  O   . VAL A 80 ? 0.0876 0.0889 0.0847 0.0025  0.0046  0.0051  231 VAL X O   
673 C  CB  . VAL A 80 ? 0.0843 0.0776 0.0882 -0.0007 0.0006  0.0126  231 VAL X CB  
674 C  CG1 . VAL A 80 ? 0.0938 0.0777 0.1010 0.0087  -0.0064 0.0216  231 VAL X CG1 
675 C  CG2 . VAL A 80 ? 0.0867 0.0926 0.0884 0.0129  0.0023  0.0029  231 VAL X CG2 
676 N  N   . LYS A 81 ? 0.0744 0.0688 0.0788 0.0047  0.0015  0.0044  232 LYS X N   
677 C  CA  . LYS A 81 ? 0.0855 0.0840 0.0923 0.0026  -0.0014 0.0036  232 LYS X CA  
678 C  C   . LYS A 81 ? 0.0815 0.0788 0.0803 0.0026  0.0013  0.0052  232 LYS X C   
679 O  O   . LYS A 81 ? 0.0874 0.0909 0.0828 0.0084  0.0093  0.0053  232 LYS X O   
680 C  CB  . LYS A 81 ? 0.1100 0.0941 0.1133 0.0040  -0.0098 -0.0029 232 LYS X CB  
681 C  CG  . LYS A 81 ? 0.1495 0.1709 0.1872 0.0040  -0.0145 -0.0011 232 LYS X CG  
682 C  CD  . LYS A 81 ? 0.2508 0.2457 0.2305 0.0023  -0.0156 -0.0142 232 LYS X CD  
683 C  CE  . LYS A 81 ? 0.2672 0.2634 0.2662 0.0037  -0.0136 -0.0023 232 LYS X CE  
684 N  NZ  . LYS A 81 ? 0.2993 0.2847 0.2768 0.0041  -0.0051 -0.0013 232 LYS X NZ  
685 N  N   . PHE A 82 ? 0.0773 0.0768 0.0764 0.0060  0.0069  0.0022  233 PHE X N   
686 C  CA  . PHE A 82 ? 0.0775 0.0788 0.0745 0.0050  0.0022  -0.0006 233 PHE X CA  
687 C  C   . PHE A 82 ? 0.0695 0.0775 0.0749 0.0038  0.0070  0.0027  233 PHE X C   
688 O  O   . PHE A 82 ? 0.0746 0.0854 0.0946 -0.0005 0.0117  0.0062  233 PHE X O   
689 C  CB  . PHE A 82 ? 0.0830 0.0883 0.0694 0.0043  0.0058  -0.0035 233 PHE X CB  
690 C  CG  . PHE A 82 ? 0.0754 0.0817 0.0650 0.0087  0.0026  0.0012  233 PHE X CG  
691 C  CD1 . PHE A 82 ? 0.0777 0.0771 0.0825 0.0080  0.0080  -0.0111 233 PHE X CD1 
692 C  CD2 . PHE A 82 ? 0.0929 0.0948 0.0799 0.0174  0.0072  0.0013  233 PHE X CD2 
693 C  CE1 . PHE A 82 ? 0.0891 0.0782 0.0803 0.0022  -0.0032 -0.0053 233 PHE X CE1 
694 C  CE2 . PHE A 82 ? 0.1035 0.1136 0.0832 0.0096  0.0017  -0.0009 233 PHE X CE2 
695 C  CZ  . PHE A 82 ? 0.1054 0.0961 0.0761 0.0215  -0.0015 -0.0103 233 PHE X CZ  
696 N  N   . GLU A 83 ? 0.0756 0.0805 0.0680 0.0061  0.0074  0.0066  234 GLU X N   
697 C  CA  . GLU A 83 ? 0.0775 0.0838 0.0734 0.0063  0.0060  0.0040  234 GLU X CA  
698 C  C   . GLU A 83 ? 0.0779 0.0804 0.0676 0.0049  0.0090  0.0069  234 GLU X C   
699 O  O   . GLU A 83 ? 0.0695 0.0819 0.0721 0.0051  0.0051  0.0056  234 GLU X O   
700 C  CB  . GLU A 83 ? 0.0855 0.0910 0.0793 0.0040  0.0057  0.0006  234 GLU X CB  
701 C  CG  . GLU A 83 ? 0.1181 0.0983 0.1055 0.0016  0.0037  -0.0084 234 GLU X CG  
702 C  CD  . GLU A 83 ? 0.1392 0.1255 0.1174 -0.0029 0.0000  -0.0087 234 GLU X CD  
703 O  OE1 . GLU A 83 ? 0.1510 0.1471 0.1182 -0.0009 0.0105  -0.0091 234 GLU X OE1 
704 O  OE2 . GLU A 83 ? 0.1982 0.1422 0.1604 0.0152  -0.0090 -0.0220 234 GLU X OE2 
705 N  N   . GLY A 84 ? 0.0773 0.0826 0.0721 0.0074  0.0105  0.0077  235 GLY X N   
706 C  CA  . GLY A 84 ? 0.0797 0.0826 0.0803 0.0122  0.0109  0.0113  235 GLY X CA  
707 C  C   . GLY A 84 ? 0.0789 0.0921 0.0813 0.0087  0.0075  0.0057  235 GLY X C   
708 O  O   . GLY A 84 ? 0.0809 0.0920 0.0933 0.0095  0.0171  0.0093  235 GLY X O   
709 N  N   . LYS A 85 ? 0.0730 0.0927 0.0830 0.0060  0.0063  0.0061  236 LYS X N   
710 C  CA  . LYS A 85 ? 0.0860 0.0952 0.0838 -0.0001 0.0016  0.0032  236 LYS X CA  
711 C  C   . LYS A 85 ? 0.0877 0.0983 0.0875 -0.0007 0.0037  -0.0018 236 LYS X C   
712 O  O   . LYS A 85 ? 0.0888 0.1214 0.0982 -0.0079 0.0059  -0.0029 236 LYS X O   
713 C  CB  . LYS A 85 ? 0.0911 0.0990 0.0917 0.0060  -0.0017 0.0040  236 LYS X CB  
714 C  CG  . LYS A 85 ? 0.0998 0.0931 0.0881 0.0092  -0.0109 0.0096  236 LYS X CG  
715 C  CD  . LYS A 85 ? 0.0888 0.0759 0.0805 0.0067  -0.0115 0.0060  236 LYS X CD  
716 C  CE  . LYS A 85 ? 0.1098 0.0876 0.0879 0.0121  -0.0159 -0.0032 236 LYS X CE  
717 N  NZ  . LYS A 85 ? 0.1583 0.1078 0.1217 0.0176  -0.0094 0.0065  236 LYS X NZ  
718 N  N   . ASN A 86 ? 0.0920 0.1080 0.0906 -0.0021 0.0045  -0.0083 237 ASN X N   
719 C  CA  . ASN A 86 ? 0.0966 0.1134 0.0992 0.0023  -0.0035 -0.0098 237 ASN X CA  
720 C  C   . ASN A 86 ? 0.1114 0.1310 0.1171 0.0050  -0.0043 -0.0075 237 ASN X C   
721 O  O   . ASN A 86 ? 0.1276 0.1465 0.1179 0.0009  -0.0162 -0.0133 237 ASN X O   
722 C  CB  . ASN A 86 ? 0.0924 0.1136 0.1095 -0.0006 0.0044  -0.0084 237 ASN X CB  
723 C  CG  . ASN A 86 ? 0.0940 0.1102 0.0963 0.0000  -0.0050 -0.0034 237 ASN X CG  
724 O  OD1 . ASN A 86 ? 0.0985 0.1086 0.1089 0.0072  -0.0013 0.0103  237 ASN X OD1 
725 N  ND2 . ASN A 86 ? 0.1308 0.1097 0.1159 0.0270  0.0054  0.0075  237 ASN X ND2 
726 N  N   . VAL A 87 ? 0.1163 0.1425 0.1209 0.0047  -0.0050 0.0027  238 VAL X N   
727 C  CA  . VAL A 87 ? 0.1577 0.1717 0.1591 0.0090  -0.0048 0.0047  238 VAL X CA  
728 C  C   . VAL A 87 ? 0.1814 0.1895 0.1756 0.0099  -0.0007 -0.0005 238 VAL X C   
729 O  O   . VAL A 87 ? 0.1852 0.2009 0.1823 0.0125  -0.0016 -0.0026 238 VAL X O   
730 C  CB  . VAL A 87 ? 0.1572 0.1708 0.1515 0.0106  -0.0041 0.0071  238 VAL X CB  
731 C  CG1 . VAL A 87 ? 0.1678 0.1769 0.1660 0.0142  -0.0008 -0.0022 238 VAL X CG1 
732 C  CG2 . VAL A 87 ? 0.1762 0.1733 0.1712 0.0018  -0.0086 0.0046  238 VAL X CG2 
733 N  N   . HIS A 88 ? 0.2048 0.2193 0.2018 0.0156  -0.0053 0.0007  239 HIS X N   
734 C  CA  . HIS A 88 ? 0.2274 0.2311 0.2242 0.0116  -0.0020 -0.0014 239 HIS X CA  
735 C  C   . HIS A 88 ? 0.2290 0.2355 0.2261 0.0089  -0.0012 -0.0027 239 HIS X C   
736 O  O   . HIS A 88 ? 0.2434 0.2495 0.2375 0.0079  0.0006  -0.0060 239 HIS X O   
737 C  CB  . HIS A 88 ? 0.2355 0.2422 0.2297 0.0094  -0.0049 0.0000  239 HIS X CB  
738 C  CG  . HIS A 88 ? 0.2471 0.2517 0.2471 0.0036  -0.0055 0.0002  239 HIS X CG  
739 N  ND1 . HIS A 88 ? 0.2539 0.2600 0.2538 -0.0011 -0.0026 -0.0029 239 HIS X ND1 
740 C  CD2 . HIS A 88 ? 0.2566 0.2533 0.2528 0.0030  -0.0003 -0.0051 239 HIS X CD2 
741 C  CE1 . HIS A 88 ? 0.2594 0.2680 0.2593 -0.0031 -0.0038 -0.0062 239 HIS X CE1 
742 N  NE2 . HIS A 88 ? 0.2599 0.2719 0.2660 0.0019  -0.0022 -0.0039 239 HIS X NE2 
743 O  OXT . HIS A 88 ? 0.2288 0.2396 0.2278 0.0088  -0.0017 -0.0020 239 HIS X OXT 
744 C  C1  A GOL B .  ? 0.0884 0.0733 0.0920 0.0009  0.0021  0.0058  1   GOL X C1  
745 C  C1  B GOL B .  ? 0.1156 0.1094 0.1214 -0.0003 0.0017  0.0027  1   GOL X C1  
746 C  C1  C GOL B .  ? 0.0895 0.0851 0.0939 -0.0016 0.0009  0.0072  1   GOL X C1  
747 O  O1  A GOL B .  ? 0.0857 0.0729 0.0975 -0.0043 -0.0010 0.0076  1   GOL X O1  
748 O  O1  B GOL B .  ? 0.1119 0.1119 0.1193 -0.0032 0.0002  0.0050  1   GOL X O1  
749 O  O1  C GOL B .  ? 0.0895 0.0934 0.0928 0.0006  0.0013  0.0057  1   GOL X O1  
750 C  C2  A GOL B .  ? 0.0813 0.0588 0.0769 0.0040  -0.0001 0.0096  1   GOL X C2  
751 C  C2  B GOL B .  ? 0.1104 0.0918 0.1057 0.0055  -0.0016 0.0052  1   GOL X C2  
752 C  C2  C GOL B .  ? 0.0816 0.0573 0.0749 0.0049  0.0033  0.0085  1   GOL X C2  
753 O  O2  A GOL B .  ? 0.0683 0.0711 0.0664 0.0092  -0.0044 0.0124  1   GOL X O2  
754 O  O2  B GOL B .  ? 0.1145 0.1145 0.1077 0.0000  0.0001  0.0037  1   GOL X O2  
755 O  O2  C GOL B .  ? 0.0943 0.1035 0.0957 0.0030  -0.0002 0.0019  1   GOL X O2  
756 C  C3  A GOL B .  ? 0.0982 0.0858 0.0913 0.0022  0.0048  0.0050  1   GOL X C3  
757 C  C3  B GOL B .  ? 0.1243 0.1185 0.1214 0.0035  -0.0019 0.0021  1   GOL X C3  
758 C  C3  C GOL B .  ? 0.1002 0.0889 0.0930 0.0025  -0.0018 0.0031  1   GOL X C3  
759 O  O3  A GOL B .  ? 0.1052 0.0884 0.0951 0.0052  0.0092  0.0019  1   GOL X O3  
760 O  O3  B GOL B .  ? 0.1316 0.1335 0.1316 0.0060  -0.0051 -0.0057 1   GOL X O3  
761 O  O3  C GOL B .  ? 0.1042 0.0898 0.0955 0.0004  0.0092  0.0062  1   GOL X O3  
762 NA NA  . NA  C .  ? 0.3971 0.3118 0.3819 -0.0039 0.0019  -0.0261 240 NA  X NA  
763 O  O   A HOH D .  ? 0.2742 0.2779 0.2787 0.0018  -0.0065 0.0001  2   HOH X O   
764 O  O   B HOH D .  ? 0.1126 0.0755 0.0729 0.0365  0.0020  0.0005  2   HOH X O   
765 O  O   . HOH D .  ? 0.0774 0.1081 0.0792 -0.0101 -0.0028 0.0028  3   HOH X O   
766 O  O   . HOH D .  ? 0.0849 0.1177 0.0994 -0.0111 -0.0082 0.0282  4   HOH X O   
767 O  O   . HOH D .  ? 0.0815 0.0715 0.0940 0.0103  0.0095  0.0028  5   HOH X O   
768 O  O   . HOH D .  ? 0.1000 0.1011 0.1188 -0.0179 0.0184  0.0177  6   HOH X O   
769 O  O   . HOH D .  ? 0.1013 0.1055 0.1334 0.0147  0.0209  0.0112  7   HOH X O   
770 O  O   . HOH D .  ? 0.1848 0.1520 0.1185 -0.0168 0.0010  -0.0084 8   HOH X O   
771 O  O   . HOH D .  ? 0.1092 0.1203 0.1229 -0.0091 -0.0155 0.0154  9   HOH X O   
772 O  O   . HOH D .  ? 0.1159 0.0875 0.1162 0.0096  -0.0091 0.0132  10  HOH X O   
773 O  O   . HOH D .  ? 0.1994 0.1889 0.1472 0.0152  0.0163  0.0016  11  HOH X O   
774 O  O   . HOH D .  ? 0.1207 0.1660 0.1058 -0.0042 -0.0056 -0.0057 12  HOH X O   
775 O  O   . HOH D .  ? 0.1438 0.1694 0.1596 0.0134  -0.0282 -0.0158 13  HOH X O   
776 O  O   . HOH D .  ? 0.0977 0.1086 0.1255 -0.0075 -0.0131 -0.0061 14  HOH X O   
777 O  O   . HOH D .  ? 0.1109 0.1032 0.1088 0.0005  0.0050  0.0134  15  HOH X O   
778 O  O   . HOH D .  ? 0.2297 0.2167 0.2039 0.0347  -0.0037 0.0176  16  HOH X O   
779 O  O   . HOH D .  ? 0.0984 0.0908 0.1000 -0.0009 -0.0272 -0.0049 17  HOH X O   
780 O  O   . HOH D .  ? 0.1451 0.1359 0.2119 0.0477  0.0132  -0.0030 18  HOH X O   
781 O  O   . HOH D .  ? 0.2456 0.1724 0.1437 -0.0066 0.0727  -0.0078 19  HOH X O   
782 O  O   . HOH D .  ? 0.1779 0.1565 0.1485 0.0309  0.0172  -0.0106 20  HOH X O   
783 O  O   . HOH D .  ? 0.1412 0.1285 0.1182 -0.0114 -0.0114 -0.0072 21  HOH X O   
784 O  O   . HOH D .  ? 0.1520 0.1873 0.1863 0.0256  -0.0198 0.0231  22  HOH X O   
785 O  O   . HOH D .  ? 0.1804 0.1382 0.1067 -0.0323 0.0391  0.0026  23  HOH X O   
786 O  O   . HOH D .  ? 0.1944 0.2385 0.2307 -0.0030 0.0028  0.0226  24  HOH X O   
787 O  O   . HOH D .  ? 0.1518 0.2118 0.1934 0.0192  0.0063  0.0209  25  HOH X O   
788 O  O   . HOH D .  ? 0.1407 0.1519 0.1307 -0.0121 -0.0088 -0.0147 26  HOH X O   
789 O  O   . HOH D .  ? 0.1330 0.1856 0.2249 -0.0549 0.0044  -0.0106 27  HOH X O   
790 O  O   . HOH D .  ? 0.1755 0.2009 0.2197 -0.0358 0.0053  0.0020  28  HOH X O   
791 O  O   . HOH D .  ? 0.1180 0.1613 0.1368 0.0398  0.0258  0.0093  29  HOH X O   
792 O  O   . HOH D .  ? 0.1441 0.2135 0.2586 -0.0250 -0.0038 -0.0320 30  HOH X O   
793 O  O   . HOH D .  ? 0.1839 0.1370 0.2178 0.0107  0.0052  -0.0431 31  HOH X O   
794 O  O   . HOH D .  ? 0.1544 0.1573 0.2021 0.0004  0.0041  -0.0063 32  HOH X O   
795 O  O   . HOH D .  ? 0.1277 0.2115 0.1475 0.0036  -0.0187 0.0051  33  HOH X O   
796 O  O   . HOH D .  ? 0.1450 0.1882 0.1823 0.0255  0.0276  0.0275  34  HOH X O   
797 O  O   . HOH D .  ? 0.2656 0.2603 0.3211 -0.0037 -0.0015 0.0284  35  HOH X O   
798 O  O   . HOH D .  ? 0.2541 0.2024 0.2490 -0.0338 -0.0028 0.0105  36  HOH X O   
799 O  O   . HOH D .  ? 0.1157 0.1492 0.1312 -0.0051 -0.0086 -0.0017 37  HOH X O   
800 O  O   . HOH D .  ? 0.1630 0.1223 0.1528 -0.0003 0.0603  -0.0010 38  HOH X O   
801 O  O   . HOH D .  ? 0.2612 0.2053 0.1702 0.0269  0.0129  0.0335  39  HOH X O   
802 O  O   . HOH D .  ? 0.2063 0.2017 0.2691 -0.0097 -0.0352 0.0282  40  HOH X O   
803 O  O   . HOH D .  ? 0.2331 0.2486 0.1926 -0.0092 0.0163  -0.0041 41  HOH X O   
804 O  O   . HOH D .  ? 0.1860 0.1863 0.2561 -0.0216 0.0062  -0.0286 42  HOH X O   
805 O  O   . HOH D .  ? 0.3449 0.3350 0.3471 -0.0076 -0.0053 0.0004  43  HOH X O   
806 O  O   A HOH D .  ? 0.1258 0.1416 0.0738 0.0251  -0.0297 0.0160  44  HOH X O   
807 O  O   B HOH D .  ? 0.1837 0.1815 0.2246 0.0078  0.0127  -0.0136 44  HOH X O   
808 O  O   A HOH D .  ? 0.1575 0.1206 0.1466 0.0037  -0.0151 0.0056  45  HOH X O   
809 O  O   B HOH D .  ? 0.1459 0.1591 0.1949 -0.0111 -0.0015 0.0018  45  HOH X O   
810 O  O   . HOH D .  ? 0.2443 0.2359 0.2787 -0.0285 0.0136  0.0061  46  HOH X O   
811 O  O   . HOH D .  ? 0.2978 0.3240 0.3063 0.0242  -0.0017 0.0295  47  HOH X O   
812 O  O   . HOH D .  ? 0.2196 0.2252 0.2788 -0.0236 -0.0015 -0.0085 48  HOH X O   
813 O  O   . HOH D .  ? 0.5393 0.5422 0.5448 0.0009  -0.0007 0.0022  49  HOH X O   
814 O  O   . HOH D .  ? 0.2391 0.2480 0.2483 0.0060  -0.0063 -0.0010 50  HOH X O   
815 O  O   . HOH D .  ? 0.2105 0.2094 0.1558 0.0158  0.0020  -0.0174 51  HOH X O   
816 O  O   . HOH D .  ? 0.2208 0.2220 0.1625 0.0067  -0.0022 0.0100  52  HOH X O   
817 O  O   . HOH D .  ? 0.3149 0.3326 0.3428 -0.0227 -0.0084 0.0042  53  HOH X O   
818 O  O   . HOH D .  ? 0.2028 0.1923 0.2099 -0.0523 0.0262  -0.0024 54  HOH X O   
819 O  O   . HOH D .  ? 0.2527 0.3070 0.2745 0.0102  -0.0102 0.0090  55  HOH X O   
820 O  O   . HOH D .  ? 0.1836 0.2082 0.2332 0.0099  -0.0100 0.0008  56  HOH X O   
821 O  O   . HOH D .  ? 0.2022 0.2369 0.1701 -0.0105 0.0145  -0.0227 57  HOH X O   
822 O  O   A HOH D .  ? 0.1546 0.1191 0.1698 -0.0149 0.0186  0.0018  58  HOH X O   
823 O  O   B HOH D .  ? 0.2134 0.2001 0.1997 0.0020  -0.0007 -0.0034 58  HOH X O   
824 O  O   . HOH D .  ? 0.2865 0.2826 0.3059 -0.0090 -0.0192 0.0143  59  HOH X O   
825 O  O   . HOH D .  ? 0.3310 0.3368 0.3344 0.0215  -0.0016 0.0115  60  HOH X O   
826 O  O   . HOH D .  ? 0.2109 0.1563 0.1829 -0.0130 -0.0075 -0.0018 61  HOH X O   
827 O  O   . HOH D .  ? 0.2814 0.2804 0.3155 0.0294  0.0002  0.0323  62  HOH X O   
828 O  O   . HOH D .  ? 0.2621 0.3217 0.2827 -0.0019 0.0137  0.0011  63  HOH X O   
829 O  O   . HOH D .  ? 0.2640 0.2570 0.2845 -0.0484 0.0287  0.0092  64  HOH X O   
830 O  O   A HOH D .  ? 0.1780 0.1787 0.1621 -0.0070 -0.0024 0.0086  65  HOH X O   
831 O  O   B HOH D .  ? 0.0825 0.1094 0.1246 -0.0193 0.0031  0.0096  65  HOH X O   
832 O  O   . HOH D .  ? 0.2433 0.2562 0.2613 0.0053  -0.0071 -0.0036 66  HOH X O   
833 O  O   . HOH D .  ? 0.2063 0.2242 0.1729 0.0185  0.0071  0.0273  67  HOH X O   
834 O  O   . HOH D .  ? 0.2635 0.2598 0.2559 0.0020  0.0087  -0.0129 68  HOH X O   
835 O  O   . HOH D .  ? 0.3062 0.3196 0.2988 0.0045  -0.0099 -0.0012 69  HOH X O   
836 O  O   . HOH D .  ? 0.2825 0.2781 0.2872 -0.0019 -0.0054 -0.0146 70  HOH X O   
837 O  O   . HOH D .  ? 0.3428 0.3424 0.3548 0.0092  -0.0042 -0.0009 71  HOH X O   
838 O  O   . HOH D .  ? 0.3069 0.3441 0.3436 -0.0054 -0.0184 0.0017  72  HOH X O   
839 O  O   . HOH D .  ? 0.2883 0.3008 0.3107 0.0045  -0.0025 0.0198  73  HOH X O   
840 O  O   . HOH D .  ? 0.3913 0.3900 0.3794 -0.0173 -0.0074 -0.0047 74  HOH X O   
841 O  O   . HOH D .  ? 0.3946 0.3918 0.3972 0.0034  0.0064  -0.0143 75  HOH X O   
842 O  O   . HOH D .  ? 0.2563 0.2276 0.2761 0.0059  0.0025  0.0118  76  HOH X O   
843 O  O   . HOH D .  ? 0.3611 0.3541 0.3591 -0.0035 -0.0182 -0.0079 77  HOH X O   
844 O  O   . HOH D .  ? 0.3152 0.2955 0.3174 -0.0010 -0.0026 0.0043  78  HOH X O   
845 O  O   . HOH D .  ? 0.4710 0.4626 0.4731 -0.0003 -0.0014 0.0051  79  HOH X O   
846 O  O   . HOH D .  ? 0.4102 0.4026 0.3973 0.0064  -0.0059 0.0024  80  HOH X O   
847 O  O   . HOH D .  ? 0.3362 0.3602 0.2956 0.0151  0.0237  0.0058  81  HOH X O   
848 O  O   A HOH D .  ? 0.2820 0.2671 0.3036 0.0018  -0.0015 -0.0004 82  HOH X O   
849 O  O   B HOH D .  ? 0.2284 0.2295 0.2133 0.0042  -0.0005 0.0020  82  HOH X O   
850 O  O   . HOH D .  ? 0.3351 0.3570 0.3363 -0.0100 0.0123  -0.0049 83  HOH X O   
851 O  O   . HOH D .  ? 0.4194 0.3991 0.3993 0.0172  0.0014  0.0024  84  HOH X O   
852 O  O   . HOH D .  ? 0.2054 0.2201 0.2513 0.0143  -0.0096 -0.0178 85  HOH X O   
853 O  O   . HOH D .  ? 0.4018 0.3898 0.4076 0.0028  -0.0015 -0.0013 86  HOH X O   
854 O  O   . HOH D .  ? 0.3707 0.3948 0.3715 -0.0096 0.0096  -0.0084 87  HOH X O   
855 O  O   . HOH D .  ? 0.3242 0.2975 0.2986 0.0034  -0.0267 -0.0016 88  HOH X O   
856 O  O   A HOH D .  ? 0.2420 0.2375 0.2475 0.0066  -0.0056 -0.0122 89  HOH X O   
857 O  O   B HOH D .  ? 0.2225 0.2318 0.2554 0.0029  0.0122  -0.0079 89  HOH X O   
858 O  O   . HOH D .  ? 0.2635 0.2484 0.2796 -0.0057 0.0224  -0.0243 90  HOH X O   
859 O  O   . HOH D .  ? 0.3241 0.3178 0.3161 -0.0041 0.0091  -0.0006 91  HOH X O   
860 O  O   . HOH D .  ? 0.4592 0.4576 0.4647 0.0049  -0.0006 0.0013  92  HOH X O   
861 O  O   . HOH D .  ? 0.4096 0.3895 0.4100 -0.0096 0.0013  -0.0001 93  HOH X O   
862 O  O   . HOH D .  ? 0.3306 0.3306 0.3400 0.0037  0.0018  -0.0062 94  HOH X O   
863 O  O   . HOH D .  ? 0.1944 0.1827 0.2498 0.0049  0.0333  0.0121  95  HOH X O   
864 O  O   . HOH D .  ? 0.3298 0.3335 0.3302 0.0012  -0.0020 -0.0051 96  HOH X O   
865 O  O   . HOH D .  ? 0.3375 0.3443 0.3636 0.0013  -0.0038 -0.0007 97  HOH X O   
866 O  O   . HOH D .  ? 0.3817 0.3816 0.3784 -0.0068 -0.0009 0.0016  98  HOH X O   
867 O  O   . HOH D .  ? 0.2850 0.2580 0.2938 0.0086  -0.0094 0.0018  99  HOH X O   
868 O  O   . HOH D .  ? 0.2713 0.2588 0.2693 0.0027  0.0179  -0.0215 100 HOH X O   
869 O  O   . HOH D .  ? 0.3412 0.3726 0.3811 -0.0202 0.0112  -0.0025 101 HOH X O   
870 O  O   . HOH D .  ? 0.2671 0.2782 0.2711 0.0224  0.0008  0.0053  102 HOH X O   
871 O  O   . HOH D .  ? 0.2524 0.2714 0.2529 -0.0080 0.0076  0.0010  103 HOH X O   
872 O  O   . HOH D .  ? 0.2789 0.2899 0.2680 0.0134  0.0046  0.0045  104 HOH X O   
873 O  O   . HOH D .  ? 0.3184 0.3001 0.3466 -0.0019 -0.0201 0.0095  105 HOH X O   
874 O  O   . HOH D .  ? 0.3238 0.2978 0.2536 0.0123  0.0282  0.0011  106 HOH X O   
875 O  O   A HOH D .  ? 0.1503 0.1274 0.1402 0.0060  0.0114  0.0126  107 HOH X O   
876 O  O   B HOH D .  ? 0.2004 0.1835 0.1914 0.0000  -0.0001 0.0030  107 HOH X O   
877 O  O   . HOH D .  ? 0.3062 0.3402 0.3054 0.0070  0.0087  -0.0060 108 HOH X O   
878 O  O   . HOH D .  ? 0.3245 0.3262 0.3030 -0.0108 -0.0026 -0.0070 109 HOH X O   
879 O  O   . HOH D .  ? 0.4586 0.4518 0.4454 -0.0015 -0.0007 -0.0047 110 HOH X O   
880 O  O   . HOH D .  ? 0.4005 0.4091 0.4291 -0.0078 0.0010  -0.0026 111 HOH X O   
881 O  O   . HOH D .  ? 0.3606 0.3709 0.3793 0.0001  0.0009  0.0062  112 HOH X O   
882 O  O   A HOH D .  ? 0.2259 0.2242 0.2466 0.0036  0.0173  -0.0041 113 HOH X O   
883 O  O   B HOH D .  ? 0.2358 0.2172 0.2581 0.0078  -0.0015 0.0041  113 HOH X O   
884 O  O   . HOH D .  ? 0.7466 0.7452 0.7469 0.0016  -0.0009 0.0016  114 HOH X O   
885 O  O   . HOH D .  ? 0.4344 0.4255 0.4272 -0.0010 0.0021  -0.0099 115 HOH X O   
886 O  O   . HOH D .  ? 0.2741 0.2736 0.2970 0.0042  -0.0042 0.0146  116 HOH X O   
887 O  O   . HOH D .  ? 0.3981 0.3829 0.3995 0.0017  0.0008  -0.0080 117 HOH X O   
888 O  O   . HOH D .  ? 0.4668 0.4671 0.4678 0.0012  0.0074  -0.0015 118 HOH X O   
889 O  O   . HOH D .  ? 0.4057 0.3787 0.3874 0.0122  0.0035  -0.0041 119 HOH X O   
890 O  O   . HOH D .  ? 0.4344 0.4326 0.4320 -0.0074 -0.0066 -0.0027 120 HOH X O   
891 O  O   . HOH D .  ? 0.1242 0.0874 0.1136 0.0176  0.0099  -0.0182 121 HOH X O   
892 O  O   . HOH D .  ? 0.3786 0.3807 0.3839 -0.0044 -0.0039 -0.0132 122 HOH X O   
893 O  O   . HOH D .  ? 0.3544 0.3486 0.3704 0.0026  0.0073  -0.0047 123 HOH X O   
894 O  O   . HOH D .  ? 0.2703 0.2862 0.2766 -0.0034 -0.0020 0.0252  124 HOH X O   
895 O  O   . HOH D .  ? 0.3175 0.3206 0.3289 -0.0093 0.0085  -0.0196 126 HOH X O   
896 O  O   . HOH D .  ? 0.3029 0.3131 0.2990 -0.0295 0.0193  0.0161  127 HOH X O   
897 O  O   . HOH D .  ? 0.5172 0.5142 0.5122 0.0080  0.0023  0.0015  128 HOH X O   
898 O  O   . HOH D .  ? 0.1910 0.1621 0.1978 0.0207  0.0102  -0.0199 241 HOH X O   
# 
